data_7V28
#
_entry.id   7V28
#
_cell.length_a   179.250
_cell.length_b   122.670
_cell.length_c   163.500
_cell.angle_alpha   90.000
_cell.angle_beta   101.120
_cell.angle_gamma   90.000
#
_symmetry.space_group_name_H-M   'C 1 2 1'
#
loop_
_entity.id
_entity.type
_entity.pdbx_description
1 polymer 'Rieske (2Fe-2S) domain protein'
2 non-polymer 'FE (II) ION'
3 non-polymer 'FE2/S2 (INORGANIC) CLUSTER'
4 non-polymer 'terephthalic acid'
5 water water
#
_entity_poly.entity_id   1
_entity_poly.type   'polypeptide(L)'
_entity_poly.pdbx_seq_one_letter_code
;MMTHEENELLCRVEGDAPMGRLMRRHWTPICLVEEVGEPDGTPVKARAFGEDLVVFRDSEGRVGVMDEYCPHRRASLVYG
RNEEGGLRCLYHGWKMDVDGNVLEMASEPAASGMVDKVKHTAYPTQEWAGMVWAYMGPKETMPEFLPPAWAPTADTRVSI
AKVLLPCNWAQILEGAIDSAHSSSLHSSDMVPARVDGAKATDKTWLRPSTDKAPRMQVQRTGYGFRYAALRRPLSNAAEN
DYVRSTVFVAPATALIPPNNLYNVANINVPMDDTNTAFYFIAWGHPSQTPETETWRKFLRQTVGVDLDQNYRPLRNEANK
FWQDRNAMKAGNFTGITGFPNQDVAMWLTMGPIADRTHDRLGASDLAIVEFRKQMLDAVKAFEQGAPAIGTGVEAATPTV
CSFQAIVPKTTDWRTYDAHYVWLDGQDRPEFEPSYSVKS
;
_entity_poly.pdbx_strand_id   A,B,C,D,E,F
#
# COMPACT_ATOMS: atom_id res chain seq x y z
N MET A 1 -37.15 8.89 30.71
CA MET A 1 -37.45 8.66 29.28
C MET A 1 -37.42 9.99 28.56
N MET A 2 -36.82 10.02 27.37
CA MET A 2 -37.03 11.09 26.40
C MET A 2 -37.76 10.51 25.20
N THR A 3 -38.23 11.42 24.33
CA THR A 3 -38.98 11.06 23.12
C THR A 3 -38.07 11.30 21.90
N HIS A 4 -38.31 10.59 20.78
CA HIS A 4 -37.55 10.82 19.55
C HIS A 4 -37.52 12.32 19.24
N GLU A 5 -38.59 13.03 19.65
CA GLU A 5 -38.78 14.47 19.51
C GLU A 5 -37.68 15.24 20.25
N GLU A 6 -37.52 14.94 21.54
CA GLU A 6 -36.64 15.71 22.40
C GLU A 6 -35.19 15.41 22.03
N ASN A 7 -34.93 14.17 21.58
CA ASN A 7 -33.64 13.76 21.06
C ASN A 7 -33.27 14.66 19.89
N GLU A 8 -34.18 14.79 18.92
CA GLU A 8 -34.00 15.72 17.81
C GLU A 8 -33.70 17.13 18.32
N LEU A 9 -34.45 17.57 19.35
CA LEU A 9 -34.35 18.93 19.87
C LEU A 9 -32.99 19.16 20.53
N LEU A 10 -32.53 18.18 21.32
CA LEU A 10 -31.29 18.39 22.03
C LEU A 10 -30.10 18.23 21.07
N CYS A 11 -30.28 17.43 20.01
CA CYS A 11 -29.16 16.96 19.21
C CYS A 11 -28.90 17.71 17.90
N ARG A 12 -29.94 18.08 17.15
CA ARG A 12 -29.66 18.63 15.83
C ARG A 12 -29.28 20.11 15.93
N VAL A 13 -28.33 20.54 15.08
CA VAL A 13 -27.78 21.89 15.12
C VAL A 13 -27.68 22.50 13.72
N GLU A 14 -27.82 21.66 12.68
CA GLU A 14 -27.80 22.10 11.29
C GLU A 14 -29.00 22.98 10.99
N GLY A 15 -28.75 24.08 10.26
CA GLY A 15 -29.78 24.87 9.58
C GLY A 15 -30.62 25.76 10.49
N ASP A 16 -31.86 25.33 10.76
CA ASP A 16 -32.75 26.09 11.61
C ASP A 16 -32.71 25.60 13.05
N ALA A 17 -32.51 24.29 13.22
CA ALA A 17 -32.46 23.62 14.51
C ALA A 17 -32.17 24.62 15.64
N PRO A 18 -33.05 24.70 16.67
CA PRO A 18 -32.85 25.62 17.79
C PRO A 18 -31.49 25.56 18.49
N MET A 19 -31.09 24.36 18.92
CA MET A 19 -29.89 24.14 19.70
C MET A 19 -28.72 24.77 18.98
N GLY A 20 -28.80 24.76 17.63
CA GLY A 20 -27.88 25.47 16.77
C GLY A 20 -27.87 26.97 17.00
N ARG A 21 -29.03 27.62 16.80
CA ARG A 21 -29.14 29.05 17.01
C ARG A 21 -28.63 29.39 18.40
N LEU A 22 -29.06 28.62 19.42
CA LEU A 22 -28.67 28.84 20.81
C LEU A 22 -27.16 28.82 20.98
N MET A 23 -26.53 27.79 20.40
CA MET A 23 -25.09 27.59 20.48
C MET A 23 -24.35 28.79 19.89
N ARG A 24 -24.87 29.35 18.80
CA ARG A 24 -24.16 30.42 18.10
C ARG A 24 -24.30 31.72 18.90
N ARG A 25 -24.94 31.63 20.07
CA ARG A 25 -25.00 32.76 20.98
C ARG A 25 -23.69 32.91 21.76
N HIS A 26 -22.80 31.92 21.58
CA HIS A 26 -21.50 31.88 22.24
C HIS A 26 -20.41 31.94 21.19
N TRP A 27 -19.24 32.43 21.60
CA TRP A 27 -18.05 32.31 20.78
C TRP A 27 -17.71 30.84 20.59
N THR A 28 -17.28 30.46 19.38
CA THR A 28 -16.99 29.07 19.11
C THR A 28 -15.55 28.95 18.62
N PRO A 29 -14.80 27.90 19.01
CA PRO A 29 -13.54 27.58 18.36
C PRO A 29 -13.85 26.96 17.01
N ILE A 30 -13.26 27.56 15.97
CA ILE A 30 -13.41 27.06 14.62
C ILE A 30 -12.26 26.11 14.35
N CYS A 31 -11.05 26.49 14.76
CA CYS A 31 -9.94 25.55 14.62
C CYS A 31 -8.71 26.04 15.38
N LEU A 32 -7.63 25.27 15.26
CA LEU A 32 -6.40 25.45 16.03
C LEU A 32 -5.51 26.46 15.32
N VAL A 33 -4.80 27.26 16.11
CA VAL A 33 -3.90 28.30 15.63
C VAL A 33 -2.77 27.71 14.79
N GLU A 34 -2.30 26.52 15.19
CA GLU A 34 -1.21 25.85 14.51
C GLU A 34 -1.59 25.51 13.07
N GLU A 35 -2.89 25.51 12.75
CA GLU A 35 -3.29 25.12 11.41
C GLU A 35 -3.11 26.27 10.44
N VAL A 36 -3.29 27.50 10.90
CA VAL A 36 -3.40 28.61 9.96
C VAL A 36 -2.01 29.13 9.59
N GLY A 37 -1.01 28.77 10.40
CA GLY A 37 0.40 28.98 10.08
C GLY A 37 0.78 30.45 10.04
N GLU A 38 1.75 30.78 9.17
CA GLU A 38 2.36 32.11 9.12
C GLU A 38 1.44 33.12 8.42
N PRO A 39 1.70 34.44 8.55
CA PRO A 39 1.08 35.41 7.63
C PRO A 39 1.16 34.89 6.19
N ASP A 40 0.03 34.94 5.47
CA ASP A 40 -0.04 34.63 4.05
C ASP A 40 0.14 33.13 3.87
N GLY A 41 -0.45 32.37 4.78
CA GLY A 41 -0.22 30.94 4.76
C GLY A 41 -1.41 30.23 4.13
N THR A 42 -1.25 28.92 3.98
CA THR A 42 -2.23 28.03 3.38
C THR A 42 -3.58 28.20 4.04
N PRO A 43 -4.66 28.38 3.25
CA PRO A 43 -6.01 28.48 3.79
C PRO A 43 -6.38 27.10 4.30
N VAL A 44 -7.11 27.08 5.42
CA VAL A 44 -7.49 25.87 6.12
C VAL A 44 -9.00 25.74 5.98
N LYS A 45 -9.51 24.51 5.85
CA LYS A 45 -10.95 24.27 5.91
C LYS A 45 -11.40 23.93 7.33
N ALA A 46 -12.64 24.33 7.66
CA ALA A 46 -13.28 23.95 8.90
C ALA A 46 -14.81 23.96 8.72
N ARG A 47 -15.54 23.59 9.78
CA ARG A 47 -16.97 23.33 9.65
C ARG A 47 -17.63 23.43 11.02
N ALA A 48 -18.65 24.31 11.14
CA ALA A 48 -19.38 24.54 12.37
C ALA A 48 -20.85 24.76 12.04
N PHE A 49 -21.73 24.09 12.78
CA PHE A 49 -23.16 24.11 12.56
C PHE A 49 -23.47 23.90 11.08
N GLY A 50 -22.68 23.02 10.47
CA GLY A 50 -22.95 22.54 9.13
C GLY A 50 -22.69 23.58 8.05
N GLU A 51 -21.86 24.58 8.37
CA GLU A 51 -21.43 25.58 7.41
C GLU A 51 -19.94 25.43 7.14
N ASP A 52 -19.57 25.37 5.86
CA ASP A 52 -18.16 25.17 5.50
C ASP A 52 -17.43 26.51 5.55
N LEU A 53 -16.24 26.53 6.16
CA LEU A 53 -15.55 27.77 6.46
C LEU A 53 -14.08 27.68 6.00
N VAL A 54 -13.59 28.76 5.33
CA VAL A 54 -12.16 28.99 5.15
C VAL A 54 -11.65 29.81 6.32
N VAL A 55 -10.43 29.47 6.75
CA VAL A 55 -9.71 30.26 7.72
C VAL A 55 -8.37 30.54 7.09
N PHE A 56 -8.00 31.81 7.00
CA PHE A 56 -6.67 32.13 6.53
C PHE A 56 -6.08 33.22 7.42
N ARG A 57 -4.77 33.41 7.30
CA ARG A 57 -4.17 34.53 8.00
C ARG A 57 -3.55 35.46 6.97
N ASP A 58 -4.13 36.66 6.80
CA ASP A 58 -3.66 37.62 5.81
C ASP A 58 -2.28 38.15 6.18
N SER A 59 -1.72 38.99 5.31
CA SER A 59 -0.35 39.46 5.41
C SER A 59 -0.16 40.34 6.65
N GLU A 60 -1.25 40.94 7.14
CA GLU A 60 -1.15 41.74 8.35
C GLU A 60 -1.27 40.83 9.56
N GLY A 61 -1.34 39.52 9.32
CA GLY A 61 -1.45 38.57 10.42
C GLY A 61 -2.87 38.42 10.97
N ARG A 62 -3.83 39.23 10.47
CA ARG A 62 -5.21 39.09 10.90
C ARG A 62 -5.76 37.75 10.38
N VAL A 63 -6.49 37.03 11.25
CA VAL A 63 -7.09 35.75 10.91
C VAL A 63 -8.53 36.00 10.49
N GLY A 64 -8.90 35.45 9.33
CA GLY A 64 -10.28 35.57 8.85
C GLY A 64 -10.97 34.20 8.78
N VAL A 65 -12.28 34.19 9.06
CA VAL A 65 -13.11 33.00 8.96
C VAL A 65 -14.35 33.33 8.13
N MET A 66 -14.51 32.66 6.97
CA MET A 66 -15.57 32.96 6.00
C MET A 66 -16.25 31.68 5.50
N ASP A 67 -17.42 31.88 4.86
CA ASP A 67 -18.12 30.84 4.12
C ASP A 67 -17.14 30.33 3.06
N GLU A 68 -16.98 29.01 2.97
CA GLU A 68 -15.98 28.43 2.10
C GLU A 68 -16.25 28.82 0.65
N TYR A 69 -17.53 28.93 0.28
CA TYR A 69 -17.84 29.02 -1.13
C TYR A 69 -17.85 30.48 -1.55
N CYS A 70 -16.95 30.79 -2.47
CA CYS A 70 -16.70 32.13 -2.99
C CYS A 70 -18.01 32.77 -3.45
N PRO A 71 -18.21 34.08 -3.16
CA PRO A 71 -19.49 34.73 -3.38
C PRO A 71 -19.96 34.83 -4.83
N HIS A 72 -19.03 34.67 -5.77
CA HIS A 72 -19.30 34.78 -7.20
C HIS A 72 -20.06 33.56 -7.73
N ARG A 73 -19.37 32.43 -7.94
CA ARG A 73 -19.96 31.26 -8.57
C ARG A 73 -19.82 30.00 -7.68
N ARG A 74 -19.26 30.18 -6.48
CA ARG A 74 -19.38 29.20 -5.40
C ARG A 74 -18.27 28.17 -5.44
N ALA A 75 -17.18 28.46 -6.17
CA ALA A 75 -15.98 27.63 -6.07
C ALA A 75 -15.43 27.70 -4.64
N SER A 76 -14.41 26.90 -4.34
CA SER A 76 -13.84 26.88 -3.00
C SER A 76 -12.67 27.84 -2.84
N LEU A 77 -12.70 28.59 -1.72
CA LEU A 77 -11.69 29.57 -1.38
C LEU A 77 -10.50 28.88 -0.73
N VAL A 78 -10.64 27.58 -0.50
CA VAL A 78 -9.58 26.88 0.19
C VAL A 78 -8.41 26.71 -0.78
N TYR A 79 -8.72 26.72 -2.10
CA TYR A 79 -7.69 26.55 -3.11
C TYR A 79 -7.08 27.89 -3.46
N GLY A 80 -7.46 28.96 -2.76
CA GLY A 80 -7.20 30.34 -3.16
C GLY A 80 -5.77 30.82 -2.92
N ARG A 81 -5.48 32.04 -3.35
CA ARG A 81 -4.18 32.64 -3.11
C ARG A 81 -4.30 33.64 -1.96
N ASN A 82 -3.63 33.28 -0.87
CA ASN A 82 -3.51 34.14 0.29
C ASN A 82 -2.21 34.89 0.15
N GLU A 83 -2.34 36.18 -0.20
CA GLU A 83 -1.26 37.16 -0.28
C GLU A 83 -1.86 38.55 -0.43
N GLU A 84 -1.02 39.55 -0.20
CA GLU A 84 -1.37 40.95 -0.38
C GLU A 84 -2.69 41.27 0.33
N GLY A 85 -2.74 40.92 1.62
CA GLY A 85 -3.84 41.29 2.50
C GLY A 85 -5.20 40.77 2.04
N GLY A 86 -5.23 39.59 1.42
CA GLY A 86 -6.50 39.02 0.98
C GLY A 86 -6.41 37.60 0.41
N LEU A 87 -7.55 36.91 0.46
CA LEU A 87 -7.72 35.60 -0.13
C LEU A 87 -8.39 35.79 -1.48
N ARG A 88 -7.74 35.28 -2.53
CA ARG A 88 -8.22 35.45 -3.90
C ARG A 88 -8.59 34.12 -4.53
N CYS A 89 -9.85 34.04 -4.98
CA CYS A 89 -10.40 32.82 -5.54
C CYS A 89 -9.71 32.49 -6.86
N LEU A 90 -9.61 31.19 -7.17
CA LEU A 90 -8.81 30.74 -8.31
C LEU A 90 -9.52 30.98 -9.63
N TYR A 91 -10.85 30.86 -9.64
CA TYR A 91 -11.60 30.81 -10.89
C TYR A 91 -11.50 32.15 -11.61
N HIS A 92 -12.05 33.23 -11.02
CA HIS A 92 -12.17 34.51 -11.70
C HIS A 92 -11.56 35.65 -10.90
N GLY A 93 -10.63 35.33 -10.01
CA GLY A 93 -9.76 36.31 -9.36
C GLY A 93 -10.45 37.30 -8.42
N TRP A 94 -11.65 37.00 -7.90
CA TRP A 94 -12.21 37.82 -6.82
C TRP A 94 -11.36 37.61 -5.58
N LYS A 95 -11.19 38.68 -4.79
CA LYS A 95 -10.29 38.66 -3.65
C LYS A 95 -10.98 39.28 -2.43
N MET A 96 -11.22 38.48 -1.38
CA MET A 96 -11.89 38.98 -0.19
C MET A 96 -10.86 39.24 0.91
N ASP A 97 -11.11 40.26 1.75
CA ASP A 97 -10.28 40.47 2.92
C ASP A 97 -10.87 39.68 4.08
N VAL A 98 -10.17 39.61 5.22
CA VAL A 98 -10.67 38.81 6.32
C VAL A 98 -12.06 39.28 6.71
N ASP A 99 -12.35 40.55 6.40
CA ASP A 99 -13.62 41.16 6.81
C ASP A 99 -14.75 40.77 5.86
N GLY A 100 -14.38 40.25 4.68
CA GLY A 100 -15.38 39.75 3.75
C GLY A 100 -15.69 40.77 2.66
N ASN A 101 -14.97 41.89 2.67
CA ASN A 101 -15.06 42.86 1.59
C ASN A 101 -14.29 42.29 0.40
N VAL A 102 -14.82 42.54 -0.80
CA VAL A 102 -14.20 42.11 -2.04
C VAL A 102 -13.39 43.29 -2.54
N LEU A 103 -12.06 43.20 -2.46
CA LEU A 103 -11.19 44.32 -2.78
C LEU A 103 -11.04 44.50 -4.30
N GLU A 104 -11.11 43.39 -5.07
CA GLU A 104 -10.86 43.38 -6.49
C GLU A 104 -11.72 42.33 -7.17
N MET A 105 -11.80 42.40 -8.51
CA MET A 105 -12.41 41.36 -9.32
C MET A 105 -11.74 41.36 -10.69
N ALA A 106 -10.62 40.65 -10.83
CA ALA A 106 -9.76 40.72 -12.01
C ALA A 106 -10.54 40.71 -13.32
N SER A 107 -11.78 40.19 -13.31
CA SER A 107 -12.47 39.94 -14.57
C SER A 107 -13.54 40.99 -14.88
N GLU A 108 -13.67 42.03 -14.03
CA GLU A 108 -14.80 42.97 -14.12
C GLU A 108 -14.30 44.42 -14.18
N PRO A 109 -14.97 45.33 -14.93
CA PRO A 109 -14.57 46.75 -15.00
C PRO A 109 -14.53 47.49 -13.64
N SER A 112 -18.04 49.83 -13.79
CA SER A 112 -19.11 49.81 -12.75
C SER A 112 -18.46 49.59 -11.38
N GLY A 113 -19.30 49.42 -10.35
CA GLY A 113 -18.84 49.31 -8.97
C GLY A 113 -19.53 48.19 -8.20
N MET A 114 -19.43 46.97 -8.73
CA MET A 114 -19.91 45.75 -8.07
C MET A 114 -19.02 45.44 -6.86
N VAL A 115 -17.81 46.04 -6.84
CA VAL A 115 -16.74 45.74 -5.87
C VAL A 115 -17.18 46.14 -4.45
N ASP A 116 -17.49 47.44 -4.26
CA ASP A 116 -17.96 47.98 -2.99
C ASP A 116 -19.13 47.13 -2.48
N LYS A 117 -20.07 46.87 -3.38
CA LYS A 117 -21.43 46.52 -3.00
C LYS A 117 -21.63 45.01 -2.93
N VAL A 118 -20.54 44.22 -2.99
CA VAL A 118 -20.69 42.81 -2.65
C VAL A 118 -19.84 42.49 -1.42
N LYS A 119 -20.52 41.95 -0.40
CA LYS A 119 -19.91 41.47 0.84
C LYS A 119 -20.22 39.98 1.03
N HIS A 120 -19.17 39.24 1.41
CA HIS A 120 -19.16 37.80 1.55
C HIS A 120 -19.27 37.43 3.03
N THR A 121 -20.12 36.45 3.33
CA THR A 121 -20.38 36.01 4.69
C THR A 121 -19.08 35.79 5.45
N ALA A 122 -18.71 36.75 6.32
CA ALA A 122 -17.52 36.61 7.12
C ALA A 122 -17.88 36.87 8.58
N TYR A 123 -17.22 36.14 9.50
CA TYR A 123 -17.54 36.20 10.92
C TYR A 123 -16.42 36.88 11.72
N PRO A 124 -16.75 37.75 12.69
CA PRO A 124 -15.71 38.39 13.51
C PRO A 124 -14.91 37.31 14.21
N THR A 125 -13.59 37.46 14.25
CA THR A 125 -12.84 36.36 14.81
C THR A 125 -12.04 36.85 16.01
N GLN A 126 -11.61 35.91 16.85
CA GLN A 126 -10.76 36.19 18.00
C GLN A 126 -9.76 35.05 18.18
N GLU A 127 -8.52 35.38 18.61
CA GLU A 127 -7.47 34.37 18.78
C GLU A 127 -7.12 34.23 20.26
N TRP A 128 -7.20 33.01 20.80
CA TRP A 128 -6.98 32.80 22.22
C TRP A 128 -6.70 31.33 22.52
N ALA A 129 -5.81 31.08 23.50
CA ALA A 129 -5.52 29.76 24.06
C ALA A 129 -5.26 28.72 22.97
N GLY A 130 -4.48 29.10 21.95
CA GLY A 130 -4.05 28.19 20.90
C GLY A 130 -5.11 27.89 19.85
N MET A 131 -6.27 28.58 19.93
CA MET A 131 -7.40 28.32 19.06
C MET A 131 -7.83 29.60 18.36
N VAL A 132 -8.58 29.43 17.25
CA VAL A 132 -9.19 30.49 16.47
C VAL A 132 -10.70 30.43 16.71
N TRP A 133 -11.24 31.49 17.32
CA TRP A 133 -12.65 31.56 17.70
C TRP A 133 -13.38 32.48 16.74
N ALA A 134 -14.69 32.24 16.56
CA ALA A 134 -15.52 33.07 15.70
C ALA A 134 -16.92 33.19 16.32
N TYR A 135 -17.53 34.38 16.18
CA TYR A 135 -18.92 34.57 16.59
C TYR A 135 -19.83 34.28 15.41
N MET A 136 -20.63 33.21 15.55
CA MET A 136 -21.30 32.63 14.40
C MET A 136 -22.80 32.87 14.46
N GLY A 137 -23.23 33.79 15.32
CA GLY A 137 -24.62 34.23 15.39
C GLY A 137 -24.75 35.72 15.01
N PRO A 138 -25.96 36.30 15.13
CA PRO A 138 -26.23 37.65 14.59
C PRO A 138 -25.32 38.78 15.12
N LYS A 139 -24.80 39.58 14.17
CA LYS A 139 -23.62 40.41 14.38
C LYS A 139 -23.78 41.25 15.64
N GLU A 140 -24.96 41.85 15.79
CA GLU A 140 -25.20 42.82 16.84
C GLU A 140 -25.72 42.09 18.07
N THR A 141 -25.29 40.83 18.25
CA THR A 141 -25.52 40.09 19.49
C THR A 141 -24.19 39.60 20.03
N MET A 142 -23.11 39.81 19.25
CA MET A 142 -21.79 39.34 19.61
C MET A 142 -21.40 40.05 20.89
N PRO A 143 -21.08 39.33 21.99
CA PRO A 143 -20.59 39.97 23.21
C PRO A 143 -19.08 40.10 23.09
N GLU A 144 -18.49 40.96 23.93
CA GLU A 144 -17.06 41.13 23.90
C GLU A 144 -16.41 39.85 24.45
N PHE A 145 -15.14 39.61 24.13
CA PHE A 145 -14.54 38.30 24.38
C PHE A 145 -13.93 38.27 25.78
N LEU A 146 -14.38 37.33 26.62
CA LEU A 146 -13.81 37.12 27.95
C LEU A 146 -12.94 35.86 27.94
N PRO A 147 -11.80 35.85 28.68
CA PRO A 147 -11.12 34.62 29.05
C PRO A 147 -12.12 33.55 29.47
N PRO A 148 -12.17 32.41 28.74
CA PRO A 148 -12.99 31.25 29.11
C PRO A 148 -12.40 30.56 30.34
N ALA A 149 -13.21 29.73 31.01
CA ALA A 149 -12.87 29.26 32.34
C ALA A 149 -11.53 28.54 32.40
N TRP A 150 -11.08 27.99 31.25
CA TRP A 150 -9.95 27.06 31.20
C TRP A 150 -8.74 27.69 30.52
N ALA A 151 -8.66 29.02 30.58
CA ALA A 151 -7.65 29.83 29.94
C ALA A 151 -7.77 31.22 30.53
N PRO A 152 -7.32 31.42 31.79
CA PRO A 152 -7.54 32.67 32.50
C PRO A 152 -7.00 33.88 31.74
N THR A 153 -5.67 34.00 31.64
CA THR A 153 -5.00 34.97 30.77
C THR A 153 -3.71 34.35 30.22
N ALA A 154 -2.97 35.13 29.40
CA ALA A 154 -2.05 34.57 28.41
C ALA A 154 -0.67 34.25 28.99
N ASP A 155 -0.58 33.97 30.30
CA ASP A 155 0.66 33.48 30.89
C ASP A 155 0.53 31.99 31.15
N THR A 156 -0.68 31.45 30.94
CA THR A 156 -1.04 30.07 31.18
C THR A 156 -0.61 29.19 30.02
N ARG A 157 -0.16 27.97 30.31
CA ARG A 157 0.11 27.06 29.21
C ARG A 157 -1.17 26.33 28.82
N VAL A 158 -1.49 26.31 27.51
CA VAL A 158 -2.68 25.61 27.05
C VAL A 158 -2.31 24.62 25.94
N SER A 159 -2.42 23.33 26.23
CA SER A 159 -2.01 22.32 25.27
C SER A 159 -3.22 21.54 24.75
N ILE A 160 -3.38 21.56 23.42
CA ILE A 160 -4.63 21.08 22.84
C ILE A 160 -4.43 19.81 22.03
N ALA A 161 -5.30 18.82 22.28
CA ALA A 161 -5.50 17.71 21.37
C ALA A 161 -6.79 17.96 20.61
N LYS A 162 -6.76 17.82 19.29
CA LYS A 162 -7.97 18.01 18.51
C LYS A 162 -8.24 16.73 17.72
N VAL A 163 -9.49 16.26 17.80
CA VAL A 163 -9.91 15.14 16.99
C VAL A 163 -11.31 15.40 16.48
N LEU A 164 -11.47 15.21 15.17
CA LEU A 164 -12.74 15.26 14.48
C LEU A 164 -13.42 13.89 14.56
N LEU A 165 -14.46 13.82 15.39
CA LEU A 165 -15.14 12.56 15.63
C LEU A 165 -16.42 12.48 14.81
N PRO A 166 -16.68 11.34 14.15
CA PRO A 166 -17.91 11.17 13.37
C PRO A 166 -19.14 10.76 14.19
N CYS A 167 -19.47 11.56 15.20
CA CYS A 167 -20.74 11.38 15.91
C CYS A 167 -21.20 12.69 16.53
N ASN A 168 -22.50 12.74 16.82
CA ASN A 168 -23.16 13.95 17.25
C ASN A 168 -22.50 14.43 18.55
N TRP A 169 -22.63 15.72 18.87
CA TRP A 169 -21.85 16.32 19.93
C TRP A 169 -22.31 15.85 21.33
N ALA A 170 -23.61 15.59 21.45
CA ALA A 170 -24.24 15.42 22.75
C ALA A 170 -23.68 14.23 23.52
N GLN A 171 -23.35 13.14 22.80
CA GLN A 171 -22.92 11.94 23.49
C GLN A 171 -21.46 12.10 23.91
N ILE A 172 -20.72 12.90 23.12
CA ILE A 172 -19.32 13.19 23.38
C ILE A 172 -19.21 14.02 24.68
N LEU A 173 -20.23 14.82 24.98
CA LEU A 173 -20.17 15.58 26.21
C LEU A 173 -20.70 14.74 27.38
N GLU A 174 -21.84 14.10 27.15
CA GLU A 174 -22.39 13.16 28.11
C GLU A 174 -21.29 12.26 28.65
N GLY A 175 -20.27 12.00 27.81
CA GLY A 175 -19.14 11.18 28.21
C GLY A 175 -18.24 11.86 29.23
N ALA A 176 -18.30 13.21 29.30
CA ALA A 176 -17.35 14.00 30.07
C ALA A 176 -17.86 14.25 31.49
N ILE A 177 -19.17 14.23 31.62
CA ILE A 177 -19.78 14.49 32.91
C ILE A 177 -20.31 13.16 33.44
N ASP A 178 -19.41 12.16 33.52
CA ASP A 178 -19.84 10.83 33.92
C ASP A 178 -18.69 10.19 34.71
N SER A 179 -18.70 10.35 36.04
CA SER A 179 -17.54 9.98 36.85
C SER A 179 -17.44 8.46 36.96
N ALA A 180 -18.61 7.82 36.98
CA ALA A 180 -18.72 6.39 37.18
C ALA A 180 -17.76 5.63 36.26
N HIS A 181 -17.44 6.20 35.09
CA HIS A 181 -16.92 5.42 33.98
C HIS A 181 -15.41 5.22 34.07
N SER A 182 -14.71 6.21 34.63
CA SER A 182 -13.25 6.16 34.78
C SER A 182 -12.86 4.93 35.59
N SER A 183 -13.75 4.50 36.48
CA SER A 183 -13.48 3.34 37.33
C SER A 183 -13.73 2.06 36.54
N SER A 184 -14.23 2.20 35.32
CA SER A 184 -14.69 1.07 34.52
C SER A 184 -13.98 1.04 33.17
N LEU A 185 -14.28 2.01 32.30
CA LEU A 185 -13.53 2.14 31.06
C LEU A 185 -12.04 2.32 31.40
N HIS A 186 -11.73 3.44 32.07
CA HIS A 186 -10.36 3.84 32.32
C HIS A 186 -9.79 3.10 33.54
N SER A 187 -10.28 1.88 33.81
CA SER A 187 -9.74 1.02 34.86
C SER A 187 -8.23 1.04 34.78
N SER A 188 -7.72 0.69 33.59
CA SER A 188 -6.34 0.27 33.44
C SER A 188 -5.42 1.47 33.18
N ASP A 189 -5.95 2.70 33.32
CA ASP A 189 -5.27 3.95 33.00
C ASP A 189 -5.30 4.93 34.17
N MET A 190 -6.41 4.97 34.91
CA MET A 190 -6.64 5.92 35.99
C MET A 190 -6.97 5.16 37.28
N ARG A 207 -5.15 7.97 41.85
CA ARG A 207 -6.42 8.27 42.57
C ARG A 207 -6.36 7.63 43.96
N PRO A 208 -6.83 8.33 45.03
CA PRO A 208 -6.85 7.79 46.40
C PRO A 208 -8.01 6.88 46.83
N SER A 209 -8.71 6.26 45.87
CA SER A 209 -9.93 5.49 46.11
C SER A 209 -10.19 4.50 44.98
N THR A 210 -10.75 3.33 45.34
CA THR A 210 -11.06 2.28 44.39
C THR A 210 -12.57 2.04 44.35
N ASP A 211 -13.33 3.01 44.87
CA ASP A 211 -14.78 2.99 44.81
C ASP A 211 -15.21 3.11 43.36
N LYS A 212 -15.94 2.10 42.87
CA LYS A 212 -16.42 2.02 41.50
C LYS A 212 -17.80 2.66 41.34
N ALA A 213 -18.57 2.77 42.45
CA ALA A 213 -19.92 3.33 42.42
C ALA A 213 -19.98 4.63 43.22
N PRO A 214 -19.67 5.80 42.62
CA PRO A 214 -19.67 7.06 43.38
C PRO A 214 -21.12 7.48 43.64
N ARG A 215 -21.39 8.13 44.79
CA ARG A 215 -22.65 8.85 44.92
C ARG A 215 -22.50 10.19 44.21
N MET A 216 -23.56 10.62 43.51
CA MET A 216 -23.54 11.81 42.68
C MET A 216 -24.45 12.88 43.27
N GLN A 217 -23.96 14.13 43.28
CA GLN A 217 -24.72 15.29 43.74
C GLN A 217 -24.59 16.44 42.74
N VAL A 218 -25.70 17.10 42.43
CA VAL A 218 -25.72 18.17 41.44
C VAL A 218 -25.92 19.51 42.14
N GLN A 219 -25.48 20.59 41.49
CA GLN A 219 -25.84 21.94 41.90
C GLN A 219 -25.99 22.83 40.67
N ARG A 220 -27.25 23.14 40.33
CA ARG A 220 -27.60 23.95 39.18
C ARG A 220 -26.93 25.33 39.31
N THR A 221 -26.56 25.96 38.20
CA THR A 221 -26.04 27.32 38.23
C THR A 221 -26.42 28.12 36.99
N GLY A 222 -25.96 29.37 36.94
CA GLY A 222 -26.33 30.31 35.89
C GLY A 222 -25.74 29.96 34.53
N TYR A 223 -24.67 29.15 34.53
CA TYR A 223 -23.89 28.94 33.32
C TYR A 223 -23.99 27.49 32.83
N GLY A 224 -24.72 26.67 33.58
CA GLY A 224 -24.60 25.22 33.49
C GLY A 224 -24.82 24.61 34.87
N PHE A 225 -23.93 23.71 35.29
CA PHE A 225 -24.07 23.14 36.64
C PHE A 225 -22.73 22.62 37.15
N ARG A 226 -22.69 22.32 38.45
CA ARG A 226 -21.57 21.66 39.10
C ARG A 226 -22.09 20.35 39.65
N TYR A 227 -21.21 19.36 39.78
CA TYR A 227 -21.58 18.13 40.47
C TYR A 227 -20.36 17.54 41.16
N ALA A 228 -20.61 16.51 41.98
CA ALA A 228 -19.52 15.88 42.70
C ALA A 228 -19.67 14.36 42.57
N ALA A 229 -18.52 13.67 42.46
CA ALA A 229 -18.46 12.24 42.61
C ALA A 229 -17.92 11.92 44.00
N LEU A 230 -18.76 11.32 44.85
CA LEU A 230 -18.32 11.02 46.21
C LEU A 230 -17.95 9.54 46.34
N ARG A 231 -16.64 9.24 46.32
CA ARG A 231 -16.18 7.88 46.55
C ARG A 231 -15.68 7.80 47.99
N ARG A 232 -15.73 6.58 48.53
CA ARG A 232 -15.09 6.23 49.79
C ARG A 232 -13.59 6.17 49.57
N PRO A 233 -12.78 7.04 50.23
CA PRO A 233 -11.32 7.02 50.06
C PRO A 233 -10.68 5.78 50.69
N LEU A 234 -9.42 5.53 50.34
CA LEU A 234 -8.73 4.34 50.80
C LEU A 234 -8.53 4.42 52.32
N SER A 235 -8.43 5.64 52.87
CA SER A 235 -8.21 5.73 54.30
C SER A 235 -9.26 6.61 54.98
N ASN A 236 -9.81 6.05 56.05
CA ASN A 236 -10.74 6.72 56.94
C ASN A 236 -12.06 6.98 56.23
N ALA A 237 -12.52 5.97 55.49
CA ALA A 237 -13.82 5.98 54.82
C ALA A 237 -14.93 6.23 55.84
N ALA A 238 -14.53 6.25 57.11
CA ALA A 238 -15.37 6.45 58.27
C ALA A 238 -16.09 7.80 58.16
N GLU A 239 -15.33 8.90 58.18
CA GLU A 239 -15.87 10.25 58.23
C GLU A 239 -15.32 11.13 57.11
N ASN A 240 -14.60 10.51 56.16
CA ASN A 240 -14.02 11.22 55.03
C ASN A 240 -14.62 10.74 53.71
N ASP A 241 -14.74 11.69 52.76
CA ASP A 241 -15.18 11.43 51.39
C ASP A 241 -14.11 11.93 50.42
N TYR A 242 -13.87 11.16 49.36
CA TYR A 242 -13.07 11.61 48.23
C TYR A 242 -14.00 12.28 47.21
N VAL A 243 -13.86 13.61 47.07
CA VAL A 243 -14.69 14.42 46.19
C VAL A 243 -13.91 14.67 44.90
N ARG A 244 -14.54 14.29 43.79
CA ARG A 244 -14.12 14.69 42.46
C ARG A 244 -15.25 15.50 41.89
N SER A 245 -14.95 16.74 41.47
CA SER A 245 -16.03 17.62 41.10
C SER A 245 -15.83 18.17 39.68
N THR A 246 -16.74 17.83 38.76
CA THR A 246 -16.70 18.33 37.39
C THR A 246 -17.65 19.51 37.23
N VAL A 247 -17.37 20.39 36.24
CA VAL A 247 -18.20 21.54 35.94
C VAL A 247 -18.67 21.53 34.48
N PHE A 248 -20.00 21.55 34.28
CA PHE A 248 -20.55 21.68 32.94
C PHE A 248 -20.89 23.13 32.67
N VAL A 249 -20.20 23.70 31.67
CA VAL A 249 -20.44 25.05 31.20
C VAL A 249 -21.17 24.95 29.87
N ALA A 250 -22.40 25.46 29.80
CA ALA A 250 -23.15 25.24 28.57
C ALA A 250 -22.50 26.05 27.48
N PRO A 251 -22.68 25.65 26.21
CA PRO A 251 -23.46 24.46 25.89
C PRO A 251 -22.68 23.17 25.65
N ALA A 252 -21.34 23.24 25.56
CA ALA A 252 -20.54 22.09 25.16
C ALA A 252 -19.16 22.01 25.83
N THR A 253 -18.99 22.68 26.98
CA THR A 253 -17.73 22.62 27.69
C THR A 253 -17.88 21.74 28.92
N ALA A 254 -16.85 20.93 29.21
CA ALA A 254 -16.71 20.36 30.54
C ALA A 254 -15.34 20.73 31.09
N LEU A 255 -15.29 21.08 32.39
CA LEU A 255 -14.06 21.25 33.15
C LEU A 255 -13.86 20.04 34.07
N ILE A 256 -12.84 19.21 33.76
CA ILE A 256 -12.63 17.90 34.35
C ILE A 256 -11.78 17.98 35.63
N PRO A 257 -12.00 17.09 36.62
CA PRO A 257 -11.29 17.19 37.90
C PRO A 257 -9.81 17.19 37.60
N PRO A 258 -9.04 18.17 38.13
CA PRO A 258 -7.61 18.31 37.81
C PRO A 258 -6.76 17.20 38.42
N ASN A 259 -5.46 17.22 38.14
CA ASN A 259 -4.50 16.31 38.75
C ASN A 259 -3.52 17.11 39.59
N ASN A 260 -2.40 16.49 39.95
CA ASN A 260 -1.44 17.08 40.87
C ASN A 260 -0.97 18.44 40.38
N LEU A 261 -0.94 18.65 39.06
CA LEU A 261 -0.05 19.65 38.51
C LEU A 261 -0.74 20.57 37.49
N TYR A 262 -1.70 20.02 36.74
CA TYR A 262 -2.41 20.81 35.74
C TYR A 262 -3.91 20.53 35.75
N ASN A 263 -4.70 21.33 35.03
CA ASN A 263 -6.14 21.06 34.96
C ASN A 263 -6.48 20.56 33.57
N VAL A 264 -7.68 19.98 33.47
CA VAL A 264 -8.03 19.37 32.21
C VAL A 264 -9.40 19.88 31.79
N ALA A 265 -9.54 20.31 30.52
CA ALA A 265 -10.83 20.72 30.01
C ALA A 265 -11.17 20.04 28.66
N ASN A 266 -12.48 19.92 28.41
CA ASN A 266 -13.04 19.39 27.18
C ASN A 266 -14.01 20.42 26.63
N ILE A 267 -13.77 20.83 25.38
CA ILE A 267 -14.71 21.66 24.65
C ILE A 267 -15.05 20.95 23.33
N ASN A 268 -16.34 20.91 22.98
CA ASN A 268 -16.79 20.17 21.81
C ASN A 268 -17.56 21.12 20.90
N VAL A 269 -17.22 21.16 19.60
CA VAL A 269 -17.85 22.08 18.67
C VAL A 269 -18.60 21.22 17.65
N PRO A 270 -19.92 21.37 17.50
CA PRO A 270 -20.66 20.54 16.55
C PRO A 270 -20.37 20.98 15.11
N MET A 271 -19.70 20.10 14.36
CA MET A 271 -19.44 20.39 12.96
C MET A 271 -20.75 20.28 12.20
N ASP A 272 -21.57 19.34 12.66
CA ASP A 272 -22.89 19.17 12.09
C ASP A 272 -23.66 18.15 12.92
N ASP A 273 -24.71 17.62 12.32
CA ASP A 273 -25.64 16.78 13.04
C ASP A 273 -24.96 15.49 13.51
N THR A 274 -23.88 15.08 12.85
CA THR A 274 -23.32 13.77 13.14
C THR A 274 -21.79 13.82 13.23
N ASN A 275 -21.21 15.02 13.17
CA ASN A 275 -19.78 15.19 13.35
C ASN A 275 -19.51 16.25 14.41
N THR A 276 -18.42 16.07 15.15
CA THR A 276 -18.05 17.01 16.19
C THR A 276 -16.53 17.13 16.30
N ALA A 277 -16.02 18.37 16.21
CA ALA A 277 -14.65 18.68 16.63
C ALA A 277 -14.56 18.61 18.15
N PHE A 278 -13.60 17.80 18.63
CA PHE A 278 -13.42 17.47 20.04
C PHE A 278 -12.05 18.00 20.45
N TYR A 279 -12.04 18.92 21.40
CA TYR A 279 -10.78 19.46 21.89
C TYR A 279 -10.63 19.13 23.37
N PHE A 280 -9.54 18.43 23.67
CA PHE A 280 -9.20 18.00 25.02
C PHE A 280 -7.92 18.71 25.45
N ILE A 281 -8.04 19.49 26.54
CA ILE A 281 -7.01 20.47 26.84
C ILE A 281 -6.34 20.13 28.16
N ALA A 282 -5.02 20.31 28.20
CA ALA A 282 -4.29 20.44 29.45
C ALA A 282 -3.92 21.90 29.64
N TRP A 283 -4.05 22.42 30.87
CA TRP A 283 -3.79 23.83 31.12
C TRP A 283 -3.46 24.09 32.60
N GLY A 284 -2.33 24.76 32.86
CA GLY A 284 -1.86 25.06 34.21
C GLY A 284 -0.67 26.01 34.21
N HIS A 285 0.23 25.88 35.20
CA HIS A 285 1.42 26.70 35.16
C HIS A 285 2.43 26.10 34.18
N PRO A 286 2.97 26.86 33.19
CA PRO A 286 3.80 26.33 32.12
C PRO A 286 4.87 25.30 32.45
N SER A 287 5.38 25.31 33.70
CA SER A 287 6.42 24.37 34.07
C SER A 287 5.86 23.22 34.90
N GLN A 288 4.53 23.17 35.03
CA GLN A 288 3.84 22.04 35.63
C GLN A 288 2.93 21.37 34.60
N THR A 289 2.89 21.89 33.36
CA THR A 289 1.94 21.45 32.36
C THR A 289 2.67 20.89 31.15
N PRO A 290 2.21 19.76 30.57
CA PRO A 290 2.85 19.19 29.39
C PRO A 290 2.82 20.16 28.22
N GLU A 291 3.71 19.95 27.25
CA GLU A 291 3.69 20.69 26.00
C GLU A 291 2.66 20.04 25.08
N THR A 292 2.36 20.69 23.95
CA THR A 292 1.34 20.16 23.07
C THR A 292 1.69 18.75 22.61
N GLU A 293 2.91 18.57 22.10
CA GLU A 293 3.25 17.31 21.47
C GLU A 293 3.38 16.18 22.50
N THR A 294 3.63 16.53 23.77
CA THR A 294 3.72 15.55 24.82
C THR A 294 2.30 15.09 25.15
N TRP A 295 1.42 16.08 25.34
CA TRP A 295 0.02 15.84 25.65
C TRP A 295 -0.57 14.79 24.70
N ARG A 296 -0.38 15.02 23.39
CA ARG A 296 -1.00 14.15 22.41
C ARG A 296 -0.37 12.77 22.47
N LYS A 297 0.94 12.69 22.73
CA LYS A 297 1.52 11.37 22.77
C LYS A 297 0.88 10.58 23.91
N PHE A 298 0.70 11.23 25.07
CA PHE A 298 0.06 10.61 26.22
C PHE A 298 -1.30 10.07 25.81
N LEU A 299 -2.12 10.95 25.21
CA LEU A 299 -3.48 10.66 24.82
C LEU A 299 -3.56 9.77 23.58
N ARG A 300 -2.42 9.50 22.93
CA ARG A 300 -2.38 8.90 21.60
C ARG A 300 -3.36 9.58 20.65
N GLN A 301 -3.28 10.92 20.58
CA GLN A 301 -3.85 11.68 19.48
C GLN A 301 -2.75 12.46 18.76
N THR A 302 -1.60 11.80 18.48
CA THR A 302 -0.50 12.42 17.75
C THR A 302 -0.71 12.37 16.24
N VAL A 303 -0.53 13.53 15.57
CA VAL A 303 -0.87 13.66 14.16
C VAL A 303 0.14 12.89 13.32
N GLY A 304 -0.36 11.91 12.58
CA GLY A 304 0.50 11.17 11.67
C GLY A 304 0.89 9.82 12.25
N VAL A 305 0.57 9.62 13.52
CA VAL A 305 0.74 8.27 13.99
C VAL A 305 -0.64 7.77 14.35
N ASP A 306 -1.41 8.66 14.99
CA ASP A 306 -2.74 8.34 15.48
C ASP A 306 -3.79 8.93 14.54
N LEU A 307 -3.53 10.13 14.01
CA LEU A 307 -4.53 10.88 13.26
C LEU A 307 -3.98 11.18 11.86
N ASP A 308 -4.91 11.33 10.91
CA ASP A 308 -4.56 11.81 9.58
C ASP A 308 -4.25 13.30 9.69
N GLN A 309 -3.88 13.93 8.56
CA GLN A 309 -3.50 15.33 8.45
C GLN A 309 -4.68 16.25 8.78
N ASN A 310 -5.89 15.70 8.85
CA ASN A 310 -7.07 16.51 9.08
C ASN A 310 -7.52 16.40 10.53
N TYR A 311 -6.82 15.56 11.29
CA TYR A 311 -7.10 15.26 12.69
C TYR A 311 -8.27 14.30 12.79
N ARG A 312 -8.35 13.39 11.81
CA ARG A 312 -9.34 12.32 11.80
C ARG A 312 -8.69 11.05 12.31
N PRO A 313 -9.36 10.29 13.21
CA PRO A 313 -8.70 9.19 13.91
C PRO A 313 -8.50 8.03 12.95
N LEU A 314 -7.34 7.37 13.04
CA LEU A 314 -7.11 6.22 12.20
C LEU A 314 -7.83 5.02 12.78
N ARG A 315 -8.13 5.08 14.10
CA ARG A 315 -9.01 4.12 14.77
C ARG A 315 -10.46 4.28 14.27
N ASN A 316 -11.22 3.17 14.26
CA ASN A 316 -12.61 3.22 13.82
C ASN A 316 -13.22 1.82 13.90
N GLU A 317 -14.47 1.70 13.45
CA GLU A 317 -15.23 0.48 13.68
C GLU A 317 -14.59 -0.67 12.93
N ALA A 318 -14.08 -0.36 11.72
CA ALA A 318 -13.40 -1.32 10.86
C ALA A 318 -12.32 -2.04 11.67
N ASN A 319 -11.29 -1.30 12.11
CA ASN A 319 -10.20 -1.95 12.82
C ASN A 319 -10.52 -2.13 14.30
N LYS A 320 -11.80 -2.20 14.66
CA LYS A 320 -12.23 -2.31 16.04
C LYS A 320 -11.36 -1.45 16.97
N PHE A 321 -11.02 -0.24 16.52
CA PHE A 321 -10.19 0.69 17.27
C PHE A 321 -8.90 0.03 17.80
N TRP A 322 -8.32 -0.89 17.01
CA TRP A 322 -7.04 -1.53 17.28
C TRP A 322 -7.07 -2.21 18.64
N GLN A 323 -8.25 -2.44 19.18
CA GLN A 323 -8.38 -3.21 20.41
C GLN A 323 -7.52 -4.47 20.29
N ASP A 324 -6.68 -4.71 21.30
CA ASP A 324 -5.77 -5.85 21.30
C ASP A 324 -6.28 -6.92 22.26
N ARG A 325 -6.78 -8.02 21.70
CA ARG A 325 -7.50 -9.00 22.49
C ARG A 325 -6.55 -9.75 23.42
N ASN A 326 -5.33 -10.01 22.95
CA ASN A 326 -4.30 -10.56 23.82
C ASN A 326 -4.06 -9.59 24.98
N ALA A 327 -3.88 -8.31 24.67
CA ALA A 327 -3.66 -7.30 25.69
C ALA A 327 -4.68 -7.47 26.81
N MET A 328 -5.93 -7.70 26.41
CA MET A 328 -7.05 -7.75 27.33
C MET A 328 -6.96 -8.97 28.26
N LYS A 329 -6.59 -10.13 27.70
CA LYS A 329 -6.51 -11.38 28.45
C LYS A 329 -5.32 -11.28 29.38
N ALA A 330 -4.41 -10.34 29.07
CA ALA A 330 -3.21 -10.14 29.87
C ALA A 330 -3.54 -9.26 31.06
N GLY A 331 -4.81 -8.86 31.16
CA GLY A 331 -5.26 -8.10 32.30
C GLY A 331 -5.61 -6.66 31.92
N ASN A 332 -5.07 -6.18 30.79
CA ASN A 332 -5.36 -4.82 30.37
C ASN A 332 -6.86 -4.72 30.09
N PHE A 333 -7.50 -3.66 30.62
CA PHE A 333 -8.95 -3.65 30.68
C PHE A 333 -9.60 -3.57 29.30
N THR A 334 -9.40 -2.47 28.57
CA THR A 334 -10.14 -2.23 27.34
C THR A 334 -9.41 -2.85 26.15
N GLY A 335 -8.10 -2.95 26.29
CA GLY A 335 -7.25 -3.36 25.18
C GLY A 335 -7.22 -2.31 24.07
N ILE A 336 -7.47 -1.03 24.42
CA ILE A 336 -7.34 0.08 23.49
C ILE A 336 -6.40 1.10 24.11
N THR A 337 -5.43 1.61 23.33
CA THR A 337 -4.41 2.48 23.90
C THR A 337 -4.74 3.96 23.66
N GLY A 338 -4.49 4.78 24.70
CA GLY A 338 -4.86 6.19 24.75
C GLY A 338 -6.26 6.33 25.36
N PHE A 339 -6.38 7.02 26.52
CA PHE A 339 -7.64 6.97 27.25
C PHE A 339 -8.82 7.55 26.45
N PRO A 340 -8.65 8.67 25.68
CA PRO A 340 -9.74 9.18 24.86
C PRO A 340 -10.16 8.20 23.75
N ASN A 341 -9.19 7.47 23.18
CA ASN A 341 -9.50 6.46 22.18
C ASN A 341 -10.49 5.44 22.72
N GLN A 342 -10.33 5.09 24.01
CA GLN A 342 -11.22 4.20 24.73
C GLN A 342 -12.63 4.77 24.78
N ASP A 343 -12.73 6.07 25.10
CA ASP A 343 -13.99 6.78 25.06
C ASP A 343 -14.58 6.69 23.64
N VAL A 344 -13.79 7.15 22.65
CA VAL A 344 -14.19 7.14 21.26
C VAL A 344 -14.88 5.82 20.88
N ALA A 345 -14.20 4.69 21.11
CA ALA A 345 -14.76 3.35 20.92
C ALA A 345 -16.20 3.29 21.42
N MET A 346 -16.43 3.69 22.68
CA MET A 346 -17.79 3.60 23.20
C MET A 346 -18.72 4.56 22.48
N TRP A 347 -18.31 5.84 22.35
CA TRP A 347 -19.19 6.91 21.88
C TRP A 347 -19.70 6.64 20.47
N LEU A 348 -18.79 6.16 19.61
CA LEU A 348 -19.06 6.09 18.20
C LEU A 348 -19.91 4.86 17.91
N THR A 349 -19.94 3.91 18.84
CA THR A 349 -20.71 2.68 18.62
C THR A 349 -22.16 2.88 19.06
N MET A 350 -22.41 3.97 19.78
CA MET A 350 -23.74 4.43 20.10
C MET A 350 -24.46 4.94 18.85
N GLY A 351 -23.75 4.94 17.70
CA GLY A 351 -24.28 5.37 16.41
C GLY A 351 -24.13 6.88 16.17
N PRO A 352 -24.18 7.35 14.90
CA PRO A 352 -24.33 8.77 14.59
C PRO A 352 -24.89 9.67 15.71
N ILE A 353 -26.20 9.57 15.95
CA ILE A 353 -26.83 10.28 17.05
C ILE A 353 -27.44 9.25 17.99
N ALA A 354 -26.94 9.21 19.22
CA ALA A 354 -27.35 8.18 20.17
C ALA A 354 -28.83 8.35 20.50
N ASP A 355 -29.58 7.25 20.37
CA ASP A 355 -31.01 7.22 20.64
C ASP A 355 -31.21 7.23 22.16
N ARG A 356 -31.41 8.42 22.72
CA ARG A 356 -31.51 8.50 24.17
C ARG A 356 -32.82 7.83 24.59
N THR A 357 -33.68 7.69 23.58
CA THR A 357 -34.96 7.02 23.70
C THR A 357 -34.81 5.61 24.25
N HIS A 358 -33.72 4.93 23.93
CA HIS A 358 -33.59 3.52 24.27
C HIS A 358 -32.75 3.32 25.53
N ASP A 359 -32.28 4.43 26.13
CA ASP A 359 -31.42 4.42 27.30
C ASP A 359 -32.09 3.72 28.50
N ARG A 360 -31.27 3.34 29.48
CA ARG A 360 -31.77 2.70 30.68
C ARG A 360 -30.91 3.17 31.86
N LEU A 361 -31.11 4.43 32.27
CA LEU A 361 -30.16 5.08 33.15
C LEU A 361 -30.38 4.64 34.60
N GLY A 362 -29.34 4.88 35.42
CA GLY A 362 -29.37 4.63 36.85
C GLY A 362 -28.94 5.87 37.62
N ALA A 363 -28.48 5.68 38.85
CA ALA A 363 -28.15 6.83 39.70
C ALA A 363 -26.84 7.46 39.22
N SER A 364 -26.06 6.70 38.45
CA SER A 364 -24.76 7.14 38.00
C SER A 364 -24.89 8.25 36.95
N ASP A 365 -26.07 8.33 36.32
CA ASP A 365 -26.24 9.20 35.18
C ASP A 365 -26.93 10.50 35.59
N LEU A 366 -26.79 10.86 36.87
CA LEU A 366 -27.46 12.00 37.46
C LEU A 366 -27.05 13.28 36.74
N ALA A 367 -25.74 13.44 36.50
CA ALA A 367 -25.20 14.60 35.82
C ALA A 367 -25.72 14.63 34.38
N ILE A 368 -25.75 13.45 33.77
CA ILE A 368 -26.24 13.25 32.41
C ILE A 368 -27.69 13.70 32.30
N VAL A 369 -28.54 13.26 33.25
CA VAL A 369 -29.95 13.63 33.26
C VAL A 369 -30.10 15.11 33.58
N GLU A 370 -29.15 15.69 34.31
CA GLU A 370 -29.16 17.13 34.52
C GLU A 370 -28.88 17.82 33.18
N PHE A 371 -27.84 17.34 32.49
CA PHE A 371 -27.44 17.90 31.22
C PHE A 371 -28.58 17.91 30.20
N ARG A 372 -29.41 16.85 30.16
CA ARG A 372 -30.51 16.79 29.19
C ARG A 372 -31.66 17.72 29.59
N LYS A 373 -32.12 17.61 30.85
CA LYS A 373 -33.08 18.52 31.45
C LYS A 373 -32.66 19.98 31.24
N GLN A 374 -31.43 20.32 31.64
CA GLN A 374 -31.00 21.71 31.56
C GLN A 374 -31.04 22.21 30.12
N MET A 375 -30.53 21.41 29.17
CA MET A 375 -30.37 21.92 27.82
C MET A 375 -31.70 21.95 27.10
N LEU A 376 -32.47 20.86 27.17
CA LEU A 376 -33.84 20.86 26.68
C LEU A 376 -34.61 22.08 27.19
N ASP A 377 -34.37 22.46 28.45
CA ASP A 377 -34.95 23.63 29.10
C ASP A 377 -34.53 24.90 28.39
N ALA A 378 -33.21 25.10 28.31
CA ALA A 378 -32.65 26.37 27.92
C ALA A 378 -32.77 26.54 26.40
N VAL A 379 -33.19 25.46 25.72
CA VAL A 379 -33.42 25.57 24.27
C VAL A 379 -34.86 25.97 23.97
N LYS A 380 -35.86 25.28 24.56
CA LYS A 380 -37.23 25.73 24.38
C LYS A 380 -37.36 27.17 24.89
N ALA A 381 -36.88 27.43 26.11
CA ALA A 381 -36.84 28.79 26.63
C ALA A 381 -36.35 29.76 25.54
N PHE A 382 -35.21 29.41 24.93
CA PHE A 382 -34.51 30.30 24.01
C PHE A 382 -35.32 30.51 22.73
N GLU A 383 -35.84 29.40 22.23
CA GLU A 383 -36.70 29.34 21.05
C GLU A 383 -37.99 30.11 21.36
N GLN A 384 -37.92 31.04 22.30
CA GLN A 384 -39.10 31.75 22.79
C GLN A 384 -38.75 33.14 23.33
N GLY A 385 -37.44 33.40 23.52
CA GLY A 385 -36.93 34.76 23.65
C GLY A 385 -36.10 34.98 24.91
N ALA A 386 -35.95 33.92 25.72
CA ALA A 386 -35.06 33.98 26.87
C ALA A 386 -33.65 34.18 26.36
N PRO A 387 -32.85 35.06 27.00
CA PRO A 387 -31.39 34.99 26.84
C PRO A 387 -30.99 33.52 26.86
N ALA A 388 -30.14 33.13 25.91
CA ALA A 388 -29.65 31.77 25.82
C ALA A 388 -28.72 31.47 26.99
N ILE A 389 -28.95 30.32 27.63
CA ILE A 389 -28.19 29.81 28.76
C ILE A 389 -26.72 30.23 28.67
N GLY A 390 -26.25 30.93 29.71
CA GLY A 390 -24.83 31.18 29.89
C GLY A 390 -24.29 32.44 29.21
N THR A 391 -25.16 33.31 28.70
CA THR A 391 -24.69 34.59 28.18
C THR A 391 -25.05 35.72 29.14
N GLY A 392 -24.53 36.92 28.84
CA GLY A 392 -24.74 38.12 29.63
C GLY A 392 -24.10 38.05 31.02
N VAL A 393 -24.78 38.68 31.98
CA VAL A 393 -24.34 38.84 33.36
C VAL A 393 -23.96 37.47 33.96
N GLU A 394 -24.27 36.38 33.26
CA GLU A 394 -24.36 35.06 33.86
C GLU A 394 -23.14 34.17 33.58
N ALA A 395 -22.30 34.57 32.62
CA ALA A 395 -21.26 33.70 32.08
C ALA A 395 -20.44 33.08 33.22
N ALA A 396 -20.04 31.81 33.05
CA ALA A 396 -18.93 31.29 33.83
C ALA A 396 -17.70 32.13 33.52
N THR A 397 -16.75 32.18 34.46
CA THR A 397 -15.46 32.84 34.24
C THR A 397 -14.37 31.98 34.88
N PRO A 398 -13.10 32.45 34.94
CA PRO A 398 -12.03 31.66 35.56
C PRO A 398 -12.06 31.56 37.08
N THR A 399 -13.19 31.88 37.73
CA THR A 399 -13.32 31.66 39.18
C THR A 399 -14.10 30.38 39.45
N VAL A 400 -14.75 29.86 38.41
CA VAL A 400 -15.41 28.58 38.47
C VAL A 400 -14.43 27.54 37.94
N CYS A 401 -14.36 26.36 38.58
CA CYS A 401 -13.35 25.35 38.28
C CYS A 401 -13.65 24.03 38.97
N SER A 402 -13.25 22.93 38.33
CA SER A 402 -13.35 21.64 38.96
C SER A 402 -12.30 21.58 40.07
N PHE A 403 -12.23 20.45 40.78
CA PHE A 403 -11.23 20.22 41.81
C PHE A 403 -11.42 18.80 42.32
N GLN A 404 -10.38 18.29 42.98
CA GLN A 404 -10.50 17.01 43.64
C GLN A 404 -9.77 17.08 44.97
N ALA A 405 -10.47 16.73 46.04
CA ALA A 405 -9.84 16.66 47.34
C ALA A 405 -10.53 15.57 48.16
N ILE A 406 -9.92 15.25 49.31
CA ILE A 406 -10.61 14.53 50.35
C ILE A 406 -11.18 15.56 51.32
N VAL A 407 -12.46 15.39 51.69
CA VAL A 407 -13.12 16.37 52.52
C VAL A 407 -13.85 15.64 53.64
N PRO A 408 -13.98 16.26 54.84
CA PRO A 408 -14.88 15.76 55.88
C PRO A 408 -16.30 15.57 55.36
N LYS A 409 -16.97 14.52 55.83
CA LYS A 409 -18.35 14.27 55.45
C LYS A 409 -19.24 15.40 55.99
N THR A 410 -18.63 16.41 56.61
CA THR A 410 -19.36 17.37 57.42
C THR A 410 -19.15 18.81 56.89
N THR A 411 -18.28 18.96 55.88
CA THR A 411 -18.24 20.16 55.05
C THR A 411 -19.11 19.90 53.82
N ASP A 412 -19.88 20.90 53.36
CA ASP A 412 -20.56 20.71 52.09
C ASP A 412 -19.51 20.86 51.00
N TRP A 413 -19.61 20.05 49.93
CA TRP A 413 -18.63 20.13 48.86
C TRP A 413 -18.79 21.41 48.04
N ARG A 414 -20.03 21.92 47.97
CA ARG A 414 -20.34 23.15 47.25
C ARG A 414 -19.68 24.34 47.94
N THR A 415 -19.46 24.18 49.25
CA THR A 415 -18.87 25.19 50.10
C THR A 415 -17.38 25.29 49.84
N TYR A 416 -16.75 24.17 49.47
CA TYR A 416 -15.30 24.05 49.38
C TYR A 416 -14.76 25.17 48.50
N ASP A 417 -13.73 25.86 49.00
CA ASP A 417 -13.17 27.03 48.34
C ASP A 417 -11.93 26.63 47.53
N ALA A 418 -12.18 26.10 46.33
CA ALA A 418 -11.14 25.62 45.43
C ALA A 418 -10.91 26.65 44.32
N HIS A 419 -9.64 26.76 43.90
CA HIS A 419 -9.29 27.46 42.67
C HIS A 419 -8.60 26.45 41.76
N TYR A 420 -8.49 26.80 40.47
CA TYR A 420 -7.83 25.94 39.50
C TYR A 420 -6.38 25.70 39.90
N VAL A 421 -5.88 24.48 39.68
CA VAL A 421 -4.53 24.10 40.06
C VAL A 421 -3.51 24.90 39.22
N TRP A 422 -2.36 25.19 39.83
CA TRP A 422 -1.34 26.07 39.26
C TRP A 422 -0.02 25.79 39.96
N LEU A 423 0.08 26.23 41.21
CA LEU A 423 1.29 26.14 42.03
C LEU A 423 0.94 26.28 43.53
N MET B 1 47.03 16.11 3.83
CA MET B 1 46.49 15.13 2.85
C MET B 1 46.47 13.75 3.49
N MET B 2 45.29 13.11 3.49
CA MET B 2 45.04 11.81 4.11
C MET B 2 45.22 10.68 3.10
N THR B 3 45.39 9.45 3.62
CA THR B 3 45.79 8.29 2.84
C THR B 3 44.79 7.15 3.11
N HIS B 4 44.63 6.21 2.16
CA HIS B 4 43.66 5.14 2.35
C HIS B 4 43.83 4.46 3.71
N GLU B 5 45.09 4.22 4.12
CA GLU B 5 45.42 3.68 5.42
C GLU B 5 44.75 4.51 6.51
N GLU B 6 45.18 5.76 6.63
CA GLU B 6 44.83 6.63 7.75
C GLU B 6 43.31 6.70 7.90
N ASN B 7 42.61 6.72 6.76
CA ASN B 7 41.15 6.76 6.78
C ASN B 7 40.64 5.48 7.43
N GLU B 8 41.04 4.33 6.87
CA GLU B 8 40.61 3.04 7.39
C GLU B 8 40.81 3.02 8.90
N LEU B 9 41.96 3.51 9.36
CA LEU B 9 42.36 3.43 10.76
C LEU B 9 41.38 4.26 11.58
N LEU B 10 41.14 5.50 11.09
CA LEU B 10 40.30 6.48 11.75
C LEU B 10 38.88 5.94 11.88
N CYS B 11 38.45 5.10 10.93
CA CYS B 11 37.04 4.88 10.66
C CYS B 11 36.50 3.53 11.13
N ARG B 12 37.30 2.47 11.08
CA ARG B 12 36.76 1.14 11.34
C ARG B 12 36.80 0.85 12.85
N VAL B 13 35.79 0.12 13.35
CA VAL B 13 35.61 -0.11 14.77
C VAL B 13 35.24 -1.57 15.02
N GLU B 14 34.86 -2.27 13.93
CA GLU B 14 34.51 -3.68 14.00
C GLU B 14 35.79 -4.50 14.16
N GLY B 15 35.74 -5.56 14.96
CA GLY B 15 36.78 -6.57 14.90
C GLY B 15 37.93 -6.27 15.85
N ASP B 16 39.16 -6.17 15.31
CA ASP B 16 40.28 -5.77 16.13
C ASP B 16 40.83 -4.39 15.76
N ALA B 17 40.13 -3.74 14.83
CA ALA B 17 40.26 -2.33 14.54
C ALA B 17 40.52 -1.55 15.82
N PRO B 18 41.60 -0.75 15.85
CA PRO B 18 42.02 -0.05 17.05
C PRO B 18 41.07 1.08 17.45
N MET B 19 40.57 1.81 16.45
CA MET B 19 39.68 2.91 16.80
C MET B 19 38.50 2.34 17.57
N GLY B 20 38.23 1.04 17.37
CA GLY B 20 37.25 0.28 18.14
C GLY B 20 37.66 0.10 19.60
N ARG B 21 38.81 -0.57 19.82
CA ARG B 21 39.37 -0.83 21.15
C ARG B 21 39.53 0.50 21.91
N LEU B 22 39.96 1.55 21.20
CA LEU B 22 40.09 2.85 21.84
C LEU B 22 38.73 3.28 22.37
N MET B 23 37.71 3.19 21.51
CA MET B 23 36.39 3.71 21.85
C MET B 23 35.84 2.98 23.05
N ARG B 24 36.16 1.68 23.17
CA ARG B 24 35.46 0.89 24.17
C ARG B 24 36.01 1.22 25.57
N ARG B 25 37.02 2.12 25.62
CA ARG B 25 37.54 2.62 26.89
C ARG B 25 36.61 3.69 27.49
N HIS B 26 35.55 4.06 26.77
CA HIS B 26 34.54 4.96 27.29
C HIS B 26 33.22 4.22 27.47
N TRP B 27 32.37 4.74 28.38
CA TRP B 27 30.99 4.30 28.46
C TRP B 27 30.29 4.62 27.14
N THR B 28 29.40 3.73 26.71
CA THR B 28 28.74 3.91 25.43
C THR B 28 27.23 3.92 25.63
N PRO B 29 26.52 4.98 25.19
CA PRO B 29 25.06 4.90 25.06
C PRO B 29 24.68 3.72 24.16
N ILE B 30 23.90 2.78 24.72
CA ILE B 30 23.52 1.60 23.96
C ILE B 30 22.16 1.80 23.30
N CYS B 31 21.24 2.47 24.00
CA CYS B 31 19.90 2.73 23.46
C CYS B 31 19.12 3.61 24.44
N LEU B 32 17.91 4.05 24.04
CA LEU B 32 17.13 4.99 24.83
C LEU B 32 16.43 4.27 25.98
N VAL B 33 16.40 4.92 27.17
CA VAL B 33 15.77 4.38 28.36
C VAL B 33 14.28 4.15 28.10
N GLU B 34 13.75 4.86 27.10
CA GLU B 34 12.33 4.76 26.78
C GLU B 34 12.04 3.47 26.03
N GLU B 35 13.08 2.89 25.41
CA GLU B 35 12.86 1.71 24.58
C GLU B 35 12.65 0.46 25.41
N VAL B 36 13.23 0.42 26.61
CA VAL B 36 13.28 -0.80 27.40
C VAL B 36 11.99 -0.98 28.16
N GLY B 37 11.37 0.18 28.50
CA GLY B 37 10.05 0.30 29.08
C GLY B 37 10.02 -0.11 30.56
N GLU B 38 9.05 -0.97 30.88
CA GLU B 38 8.71 -1.37 32.25
C GLU B 38 9.52 -2.59 32.68
N PRO B 39 9.60 -2.89 34.00
CA PRO B 39 10.20 -4.15 34.46
C PRO B 39 9.55 -5.30 33.69
N ASP B 40 10.32 -6.35 33.37
CA ASP B 40 9.79 -7.50 32.65
C ASP B 40 9.24 -7.08 31.30
N GLY B 41 9.79 -6.00 30.75
CA GLY B 41 9.34 -5.41 29.50
C GLY B 41 9.95 -6.09 28.28
N THR B 42 9.28 -5.93 27.13
CA THR B 42 9.75 -6.48 25.87
C THR B 42 11.21 -6.10 25.69
N PRO B 43 12.04 -7.04 25.20
CA PRO B 43 13.47 -6.82 25.01
C PRO B 43 13.77 -6.17 23.68
N VAL B 44 14.79 -5.30 23.72
CA VAL B 44 15.22 -4.44 22.64
C VAL B 44 16.47 -5.05 21.99
N LYS B 45 16.55 -5.03 20.65
CA LYS B 45 17.79 -5.35 19.95
C LYS B 45 18.60 -4.07 19.75
N ALA B 46 19.93 -4.15 19.90
CA ALA B 46 20.82 -3.02 19.65
C ALA B 46 22.16 -3.48 19.09
N ARG B 47 22.97 -2.51 18.63
CA ARG B 47 24.20 -2.80 17.90
C ARG B 47 25.26 -1.72 18.11
N ALA B 48 26.39 -2.12 18.73
CA ALA B 48 27.52 -1.24 18.91
C ALA B 48 28.77 -1.96 18.46
N PHE B 49 29.72 -1.20 17.91
CA PHE B 49 31.03 -1.74 17.58
C PHE B 49 30.92 -3.11 16.91
N GLY B 50 29.88 -3.30 16.11
CA GLY B 50 29.80 -4.48 15.25
C GLY B 50 29.33 -5.72 15.98
N GLU B 51 28.93 -5.51 17.25
CA GLU B 51 28.33 -6.55 18.07
C GLU B 51 26.82 -6.40 18.15
N ASP B 52 26.12 -7.53 18.04
CA ASP B 52 24.70 -7.58 18.34
C ASP B 52 24.45 -7.64 19.86
N LEU B 53 23.38 -6.96 20.32
CA LEU B 53 23.06 -6.87 21.75
C LEU B 53 21.56 -7.03 22.00
N VAL B 54 21.19 -7.79 23.05
CA VAL B 54 19.87 -7.64 23.66
C VAL B 54 20.03 -6.64 24.80
N VAL B 55 19.03 -5.76 25.00
CA VAL B 55 18.92 -4.98 26.22
C VAL B 55 17.57 -5.31 26.80
N PHE B 56 17.55 -5.57 28.11
CA PHE B 56 16.27 -5.76 28.76
C PHE B 56 16.36 -5.23 30.17
N ARG B 57 15.18 -5.01 30.77
CA ARG B 57 15.03 -4.62 32.16
C ARG B 57 14.42 -5.81 32.91
N ASP B 58 15.07 -6.30 33.96
CA ASP B 58 14.54 -7.48 34.62
C ASP B 58 13.41 -7.10 35.57
N SER B 59 12.93 -8.09 36.32
CA SER B 59 11.84 -7.96 37.27
C SER B 59 12.18 -7.00 38.42
N GLU B 60 13.47 -6.88 38.79
CA GLU B 60 13.87 -6.00 39.89
C GLU B 60 14.05 -4.60 39.32
N GLY B 61 13.92 -4.50 38.00
CA GLY B 61 14.08 -3.25 37.31
C GLY B 61 15.54 -2.96 36.95
N ARG B 62 16.40 -3.98 37.03
CA ARG B 62 17.77 -3.87 36.55
C ARG B 62 17.79 -3.93 35.02
N VAL B 63 18.66 -3.14 34.39
CA VAL B 63 18.81 -3.20 32.95
C VAL B 63 20.06 -4.02 32.61
N GLY B 64 19.90 -5.11 31.86
CA GLY B 64 21.06 -5.82 31.34
C GLY B 64 21.27 -5.56 29.86
N VAL B 65 22.54 -5.50 29.44
CA VAL B 65 22.95 -5.48 28.04
C VAL B 65 23.86 -6.69 27.82
N MET B 66 23.48 -7.60 26.91
CA MET B 66 24.26 -8.82 26.64
C MET B 66 24.44 -9.05 25.15
N ASP B 67 25.24 -10.06 24.83
CA ASP B 67 25.33 -10.57 23.47
C ASP B 67 23.94 -11.04 23.06
N GLU B 68 23.56 -10.80 21.80
CA GLU B 68 22.19 -11.08 21.36
C GLU B 68 22.02 -12.59 21.26
N TYR B 69 23.09 -13.30 20.91
CA TYR B 69 22.92 -14.70 20.61
C TYR B 69 23.08 -15.54 21.87
N CYS B 70 22.14 -16.48 22.04
CA CYS B 70 22.04 -17.34 23.20
C CYS B 70 23.29 -18.21 23.30
N PRO B 71 23.87 -18.41 24.51
CA PRO B 71 25.09 -19.21 24.68
C PRO B 71 25.00 -20.65 24.16
N HIS B 72 23.78 -21.21 24.13
CA HIS B 72 23.54 -22.60 23.77
C HIS B 72 23.75 -22.82 22.27
N ARG B 73 22.71 -22.58 21.46
CA ARG B 73 22.77 -22.84 20.02
C ARG B 73 22.53 -21.56 19.19
N ARG B 74 22.71 -20.40 19.84
CA ARG B 74 22.99 -19.13 19.19
C ARG B 74 21.74 -18.46 18.65
N ALA B 75 20.54 -18.94 19.05
CA ALA B 75 19.24 -18.35 18.71
C ALA B 75 19.10 -16.94 19.29
N SER B 76 18.16 -16.15 18.76
CA SER B 76 18.04 -14.78 19.20
C SER B 76 17.27 -14.67 20.51
N LEU B 77 17.86 -13.93 21.47
CA LEU B 77 17.31 -13.73 22.80
C LEU B 77 16.19 -12.71 22.78
N VAL B 78 16.13 -11.92 21.70
CA VAL B 78 15.24 -10.79 21.64
C VAL B 78 13.82 -11.34 21.58
N TYR B 79 13.73 -12.67 21.38
CA TYR B 79 12.45 -13.35 21.27
C TYR B 79 12.04 -13.95 22.61
N GLY B 80 12.96 -13.92 23.58
CA GLY B 80 12.83 -14.70 24.80
C GLY B 80 11.84 -14.11 25.78
N ARG B 81 11.66 -14.80 26.92
CA ARG B 81 10.68 -14.37 27.90
C ARG B 81 11.41 -13.67 29.04
N ASN B 82 11.04 -12.41 29.23
CA ASN B 82 11.64 -11.62 30.29
C ASN B 82 10.70 -11.68 31.48
N GLU B 83 11.06 -12.52 32.45
CA GLU B 83 10.18 -12.67 33.59
C GLU B 83 10.93 -13.30 34.74
N GLU B 84 10.41 -13.06 35.95
CA GLU B 84 10.87 -13.74 37.15
C GLU B 84 12.38 -13.61 37.24
N GLY B 85 12.90 -12.41 36.97
CA GLY B 85 14.30 -12.06 37.24
C GLY B 85 15.29 -12.53 36.18
N GLY B 86 14.90 -12.47 34.89
CA GLY B 86 15.78 -12.97 33.86
C GLY B 86 15.15 -12.98 32.47
N LEU B 87 16.00 -13.27 31.48
CA LEU B 87 15.60 -13.41 30.09
C LEU B 87 15.85 -14.86 29.68
N ARG B 88 14.78 -15.53 29.22
CA ARG B 88 14.84 -16.94 28.87
C ARG B 88 14.64 -17.15 27.38
N CYS B 89 15.48 -18.01 26.80
CA CYS B 89 15.44 -18.27 25.38
C CYS B 89 14.23 -19.14 25.06
N LEU B 90 13.66 -19.03 23.85
CA LEU B 90 12.46 -19.81 23.56
C LEU B 90 12.79 -21.25 23.23
N TYR B 91 14.02 -21.53 22.79
CA TYR B 91 14.34 -22.80 22.15
C TYR B 91 14.45 -23.92 23.17
N HIS B 92 15.39 -23.77 24.12
CA HIS B 92 15.77 -24.83 25.03
C HIS B 92 15.67 -24.35 26.49
N GLY B 93 15.06 -23.19 26.71
CA GLY B 93 14.70 -22.77 28.05
C GLY B 93 15.85 -22.18 28.88
N TRP B 94 17.06 -22.03 28.31
CA TRP B 94 18.15 -21.43 29.08
C TRP B 94 17.74 -20.04 29.52
N LYS B 95 18.06 -19.68 30.77
CA LYS B 95 17.61 -18.40 31.30
C LYS B 95 18.81 -17.65 31.88
N MET B 96 19.16 -16.51 31.25
CA MET B 96 20.25 -15.67 31.73
C MET B 96 19.69 -14.52 32.57
N ASP B 97 20.52 -14.04 33.50
CA ASP B 97 20.20 -12.80 34.19
C ASP B 97 20.97 -11.64 33.57
N VAL B 98 20.69 -10.45 34.11
CA VAL B 98 21.24 -9.21 33.60
C VAL B 98 22.77 -9.26 33.57
N ASP B 99 23.35 -10.17 34.37
CA ASP B 99 24.78 -10.25 34.56
C ASP B 99 25.38 -11.20 33.53
N GLY B 100 24.70 -12.32 33.32
CA GLY B 100 25.14 -13.27 32.29
C GLY B 100 25.17 -14.70 32.84
N ASN B 101 24.61 -14.86 34.04
CA ASN B 101 24.50 -16.16 34.67
C ASN B 101 23.28 -16.89 34.13
N VAL B 102 23.55 -18.10 33.64
CA VAL B 102 22.51 -19.05 33.28
C VAL B 102 21.93 -19.66 34.56
N LEU B 103 20.81 -19.11 35.04
CA LEU B 103 20.21 -19.50 36.31
C LEU B 103 19.43 -20.81 36.16
N GLU B 104 19.12 -21.20 34.93
CA GLU B 104 18.36 -22.41 34.67
C GLU B 104 18.68 -22.89 33.26
N MET B 105 18.59 -24.21 33.07
CA MET B 105 18.44 -24.83 31.76
C MET B 105 17.37 -25.90 31.89
N ALA B 106 16.19 -25.63 31.32
CA ALA B 106 15.01 -26.46 31.50
C ALA B 106 15.16 -27.84 30.83
N SER B 107 16.07 -27.93 29.85
CA SER B 107 16.25 -29.16 29.09
C SER B 107 17.24 -30.07 29.82
N GLU B 108 18.18 -29.47 30.55
CA GLU B 108 19.38 -30.16 31.01
C GLU B 108 19.19 -30.69 32.42
N PRO B 109 19.35 -32.03 32.65
CA PRO B 109 19.32 -32.59 33.99
C PRO B 109 20.19 -31.76 34.95
N ALA B 110 19.53 -30.92 35.77
CA ALA B 110 20.20 -29.99 36.67
C ALA B 110 21.05 -30.76 37.69
N ALA B 111 21.13 -32.09 37.53
CA ALA B 111 21.97 -32.95 38.35
C ALA B 111 23.36 -33.10 37.73
N SER B 112 23.96 -31.94 37.39
CA SER B 112 25.34 -31.80 36.93
C SER B 112 25.66 -30.31 36.82
N GLY B 113 26.95 -29.96 36.89
CA GLY B 113 27.40 -28.59 37.00
C GLY B 113 27.55 -27.87 35.65
N MET B 114 26.52 -27.97 34.80
CA MET B 114 26.56 -27.35 33.48
C MET B 114 26.20 -25.86 33.60
N VAL B 115 25.39 -25.50 34.61
CA VAL B 115 24.74 -24.18 34.70
C VAL B 115 25.71 -23.11 35.23
N ASP B 116 26.68 -23.50 36.06
CA ASP B 116 27.55 -22.55 36.75
C ASP B 116 28.81 -22.28 35.93
N LYS B 117 29.13 -23.21 35.02
CA LYS B 117 30.30 -23.11 34.16
C LYS B 117 30.01 -22.21 32.96
N VAL B 118 28.75 -22.16 32.54
CA VAL B 118 28.35 -21.34 31.40
C VAL B 118 28.15 -19.90 31.87
N LYS B 119 28.95 -18.99 31.28
CA LYS B 119 28.83 -17.54 31.40
C LYS B 119 28.60 -16.94 30.02
N HIS B 120 27.58 -16.06 29.90
CA HIS B 120 27.19 -15.46 28.63
C HIS B 120 27.58 -13.98 28.62
N THR B 121 28.27 -13.53 27.56
CA THR B 121 28.81 -12.17 27.52
C THR B 121 27.74 -11.13 27.87
N ALA B 122 27.96 -10.41 28.98
CA ALA B 122 27.16 -9.23 29.29
C ALA B 122 28.11 -8.08 29.66
N TYR B 123 27.61 -6.84 29.68
CA TYR B 123 28.43 -5.70 30.06
C TYR B 123 27.81 -5.01 31.26
N PRO B 124 28.62 -4.45 32.18
CA PRO B 124 28.14 -3.52 33.19
C PRO B 124 27.36 -2.36 32.58
N THR B 125 26.13 -2.15 33.06
CA THR B 125 25.24 -1.18 32.45
C THR B 125 25.07 0.00 33.39
N GLN B 126 24.67 1.15 32.86
CA GLN B 126 24.33 2.28 33.71
C GLN B 126 23.17 3.05 33.09
N GLU B 127 22.31 3.62 33.94
CA GLU B 127 21.25 4.44 33.39
C GLU B 127 21.50 5.89 33.75
N TRP B 128 21.37 6.77 32.74
CA TRP B 128 21.67 8.17 32.94
C TRP B 128 21.19 8.99 31.73
N ALA B 129 20.67 10.18 32.03
CA ALA B 129 20.40 11.22 31.04
C ALA B 129 19.45 10.70 29.96
N GLY B 130 18.58 9.75 30.32
CA GLY B 130 17.56 9.24 29.43
C GLY B 130 18.05 8.08 28.54
N MET B 131 19.29 7.63 28.80
CA MET B 131 19.97 6.60 28.03
C MET B 131 20.48 5.45 28.91
N VAL B 132 20.53 4.26 28.30
CA VAL B 132 21.15 3.06 28.84
C VAL B 132 22.57 2.99 28.32
N TRP B 133 23.55 3.01 29.24
CA TRP B 133 24.96 2.99 28.88
C TRP B 133 25.55 1.63 29.19
N ALA B 134 26.59 1.26 28.45
CA ALA B 134 27.35 0.07 28.80
C ALA B 134 28.85 0.27 28.62
N TYR B 135 29.64 -0.48 29.40
CA TYR B 135 31.09 -0.48 29.29
C TYR B 135 31.56 -1.71 28.53
N MET B 136 31.89 -1.50 27.25
CA MET B 136 32.19 -2.63 26.40
C MET B 136 33.69 -2.82 26.19
N GLY B 137 34.50 -2.14 27.02
CA GLY B 137 35.93 -2.39 27.06
C GLY B 137 36.26 -3.68 27.81
N PRO B 138 37.55 -3.94 28.18
CA PRO B 138 37.91 -5.04 29.06
C PRO B 138 37.53 -4.73 30.51
N LYS B 139 37.10 -5.77 31.24
CA LYS B 139 36.19 -5.64 32.37
C LYS B 139 36.76 -4.74 33.46
N GLU B 140 38.05 -4.94 33.78
CA GLU B 140 38.67 -4.26 34.91
C GLU B 140 39.45 -3.06 34.39
N THR B 141 38.94 -2.44 33.32
CA THR B 141 39.42 -1.17 32.79
C THR B 141 38.31 -0.15 32.97
N MET B 142 37.29 -0.53 33.74
CA MET B 142 36.03 0.20 33.74
C MET B 142 36.09 1.32 34.75
N PRO B 143 35.97 2.60 34.33
CA PRO B 143 35.94 3.72 35.26
C PRO B 143 34.59 3.84 35.96
N GLU B 144 34.62 4.38 37.18
CA GLU B 144 33.40 4.77 37.86
C GLU B 144 32.64 5.72 36.94
N PHE B 145 31.31 5.53 36.82
CA PHE B 145 30.55 6.25 35.81
C PHE B 145 30.37 7.73 36.16
N LEU B 146 31.13 8.59 35.48
CA LEU B 146 31.08 10.01 35.78
C LEU B 146 30.00 10.68 34.93
N PRO B 147 29.30 11.66 35.54
CA PRO B 147 28.43 12.60 34.82
C PRO B 147 29.08 13.11 33.53
N PRO B 148 28.46 12.87 32.35
CA PRO B 148 28.84 13.54 31.09
C PRO B 148 28.59 15.05 31.06
N ALA B 149 29.35 15.72 30.18
CA ALA B 149 29.51 17.16 30.22
C ALA B 149 28.19 17.82 29.85
N TRP B 150 27.25 17.04 29.30
CA TRP B 150 26.02 17.61 28.81
C TRP B 150 24.81 17.21 29.65
N ALA B 151 25.05 16.58 30.81
CA ALA B 151 24.01 16.06 31.68
C ALA B 151 24.50 16.16 33.12
N PRO B 152 24.72 17.40 33.63
CA PRO B 152 25.47 17.65 34.88
C PRO B 152 25.14 16.73 36.04
N THR B 153 24.02 16.99 36.72
CA THR B 153 23.38 15.98 37.55
C THR B 153 21.90 15.91 37.19
N ALA B 154 21.10 15.33 38.09
CA ALA B 154 19.82 14.75 37.73
C ALA B 154 18.69 15.76 37.93
N ASP B 155 19.02 17.05 38.03
CA ASP B 155 17.97 18.05 38.11
C ASP B 155 17.75 18.63 36.72
N THR B 156 18.45 18.07 35.72
CA THR B 156 18.55 18.63 34.38
C THR B 156 17.64 17.88 33.41
N ARG B 157 16.87 18.63 32.61
CA ARG B 157 16.08 18.02 31.54
C ARG B 157 17.00 17.69 30.38
N VAL B 158 16.82 16.48 29.81
CA VAL B 158 17.62 16.06 28.69
C VAL B 158 16.71 15.42 27.65
N SER B 159 16.50 16.10 26.52
CA SER B 159 15.63 15.65 25.44
C SER B 159 16.40 15.16 24.22
N ILE B 160 16.16 13.89 23.89
CA ILE B 160 17.00 13.20 22.93
C ILE B 160 16.21 12.91 21.65
N ALA B 161 16.83 13.16 20.50
CA ALA B 161 16.32 12.66 19.24
C ALA B 161 17.25 11.56 18.75
N LYS B 162 16.70 10.36 18.55
CA LYS B 162 17.50 9.22 18.10
C LYS B 162 17.19 8.93 16.65
N VAL B 163 18.28 8.73 15.89
CA VAL B 163 18.19 8.39 14.49
C VAL B 163 19.37 7.48 14.15
N LEU B 164 19.06 6.29 13.63
CA LEU B 164 20.05 5.30 13.20
C LEU B 164 20.44 5.61 11.76
N LEU B 165 21.51 6.38 11.60
CA LEU B 165 21.98 6.82 10.31
C LEU B 165 22.85 5.74 9.66
N PRO B 166 22.63 5.45 8.36
CA PRO B 166 23.26 4.30 7.71
C PRO B 166 24.60 4.68 7.05
N CYS B 167 25.45 5.43 7.76
CA CYS B 167 26.81 5.70 7.31
C CYS B 167 27.78 5.68 8.48
N ASN B 168 29.08 5.88 8.18
CA ASN B 168 30.14 5.76 9.17
C ASN B 168 30.07 6.91 10.17
N TRP B 169 30.58 6.66 11.37
CA TRP B 169 30.41 7.60 12.47
C TRP B 169 31.14 8.92 12.19
N ALA B 170 32.33 8.85 11.60
CA ALA B 170 33.28 9.96 11.64
C ALA B 170 32.82 11.15 10.80
N GLN B 171 32.21 10.87 9.64
CA GLN B 171 31.63 11.93 8.84
C GLN B 171 30.51 12.63 9.61
N ILE B 172 29.66 11.85 10.30
CA ILE B 172 28.56 12.41 11.06
C ILE B 172 29.12 13.41 12.08
N LEU B 173 30.20 13.04 12.77
CA LEU B 173 30.73 13.92 13.79
C LEU B 173 31.39 15.12 13.16
N GLU B 174 32.16 14.88 12.09
CA GLU B 174 32.77 15.98 11.36
C GLU B 174 31.71 17.07 11.12
N GLY B 175 30.46 16.64 10.99
CA GLY B 175 29.35 17.54 10.70
C GLY B 175 29.13 18.51 11.84
N ALA B 176 29.42 18.05 13.07
CA ALA B 176 29.10 18.81 14.27
C ALA B 176 30.20 19.83 14.58
N ILE B 177 31.40 19.57 14.09
CA ILE B 177 32.49 20.51 14.26
C ILE B 177 32.69 21.30 12.96
N ASP B 178 31.73 22.18 12.62
CA ASP B 178 31.77 22.76 11.29
C ASP B 178 30.84 23.96 11.20
N SER B 179 31.23 25.07 11.84
CA SER B 179 30.32 26.22 11.98
C SER B 179 29.95 26.83 10.64
N ALA B 180 30.76 26.59 9.61
CA ALA B 180 30.62 27.24 8.32
C ALA B 180 29.35 26.76 7.63
N HIS B 181 29.04 25.48 7.85
CA HIS B 181 28.00 24.81 7.09
C HIS B 181 26.65 25.41 7.48
N SER B 182 26.53 25.74 8.77
CA SER B 182 25.23 26.12 9.26
C SER B 182 24.78 27.38 8.53
N SER B 183 25.75 28.17 8.07
CA SER B 183 25.40 29.40 7.39
C SER B 183 25.08 29.17 5.92
N SER B 184 25.50 28.02 5.37
CA SER B 184 25.09 27.60 4.04
C SER B 184 23.93 26.61 4.10
N LEU B 185 24.12 25.45 4.72
CA LEU B 185 23.10 24.41 4.69
C LEU B 185 21.87 24.87 5.46
N HIS B 186 22.09 25.35 6.69
CA HIS B 186 20.98 25.71 7.56
C HIS B 186 20.71 27.21 7.40
N SER B 187 20.66 27.66 6.13
CA SER B 187 20.30 29.01 5.73
C SER B 187 18.90 29.36 6.22
N SER B 188 17.93 28.50 5.88
CA SER B 188 16.52 28.83 6.05
C SER B 188 16.02 28.39 7.42
N ASP B 189 16.93 27.86 8.27
CA ASP B 189 16.56 27.36 9.59
C ASP B 189 17.13 28.25 10.68
N MET B 190 18.43 28.54 10.60
CA MET B 190 19.09 29.49 11.48
C MET B 190 19.12 30.84 10.76
N VAL B 191 17.94 31.51 10.72
CA VAL B 191 17.75 32.77 9.98
C VAL B 191 18.29 33.95 10.79
N PRO B 192 19.23 34.75 10.23
CA PRO B 192 19.78 35.94 10.91
C PRO B 192 18.82 37.05 11.33
N ALA B 193 19.06 37.65 12.51
CA ALA B 193 18.18 38.67 13.09
C ALA B 193 18.99 39.63 13.97
N ARG B 194 18.32 40.70 14.44
CA ARG B 194 18.90 41.78 15.24
C ARG B 194 18.80 41.41 16.73
N VAL B 195 19.38 40.25 17.12
CA VAL B 195 19.17 39.67 18.45
C VAL B 195 20.51 39.56 19.21
N ASP B 196 20.78 38.36 19.77
CA ASP B 196 22.02 38.04 20.48
C ASP B 196 22.14 36.52 20.71
N GLY B 197 21.04 35.77 20.52
CA GLY B 197 20.98 34.37 20.94
C GLY B 197 20.40 33.44 19.88
N ALA B 198 19.19 32.89 20.12
CA ALA B 198 18.48 32.04 19.17
C ALA B 198 17.29 31.32 19.82
N LYS B 199 16.25 32.08 20.22
CA LYS B 199 15.14 31.56 21.03
C LYS B 199 14.39 30.43 20.33
N ALA B 200 13.36 30.78 19.56
CA ALA B 200 12.45 29.91 18.81
C ALA B 200 11.06 29.88 19.45
N THR B 201 10.11 29.22 18.77
CA THR B 201 8.83 28.75 19.31
C THR B 201 8.33 27.66 18.36
N ASP B 202 9.27 26.86 17.86
CA ASP B 202 9.16 26.12 16.60
C ASP B 202 9.02 27.14 15.45
N LYS B 203 9.49 28.37 15.73
CA LYS B 203 9.54 29.49 14.79
C LYS B 203 10.87 29.44 14.04
N THR B 204 11.97 29.60 14.78
CA THR B 204 13.32 29.76 14.23
C THR B 204 14.34 29.96 15.36
N TRP B 205 15.60 29.54 15.12
CA TRP B 205 16.79 29.97 15.83
C TRP B 205 17.38 31.20 15.10
N LEU B 206 17.87 32.19 15.85
CA LEU B 206 18.01 33.54 15.33
C LEU B 206 19.42 33.90 14.84
N ARG B 207 20.40 34.10 15.76
CA ARG B 207 21.79 34.41 15.42
C ARG B 207 21.97 35.90 15.07
N PRO B 208 22.86 36.66 15.76
CA PRO B 208 23.03 38.10 15.49
C PRO B 208 24.06 38.48 14.42
N SER B 209 24.20 37.64 13.39
CA SER B 209 25.22 37.85 12.36
C SER B 209 24.70 37.34 11.03
N THR B 210 25.31 37.80 9.92
CA THR B 210 25.05 37.21 8.59
C THR B 210 26.37 36.77 7.93
N ASP B 211 27.47 36.78 8.70
CA ASP B 211 28.79 36.43 8.22
C ASP B 211 28.88 34.90 8.06
N LYS B 212 29.14 34.47 6.82
CA LYS B 212 29.13 33.06 6.45
C LYS B 212 30.55 32.49 6.45
N ALA B 213 31.55 33.37 6.54
CA ALA B 213 32.96 33.03 6.51
C ALA B 213 33.63 33.39 7.83
N PRO B 214 33.46 32.58 8.91
CA PRO B 214 34.02 32.92 10.21
C PRO B 214 35.50 32.50 10.33
N ARG B 215 36.30 33.40 10.94
CA ARG B 215 37.65 33.07 11.38
C ARG B 215 37.57 31.91 12.36
N MET B 216 38.48 30.96 12.20
CA MET B 216 38.48 29.76 13.02
C MET B 216 39.68 29.82 13.97
N GLN B 217 39.52 29.25 15.17
CA GLN B 217 40.63 29.11 16.09
C GLN B 217 40.43 27.79 16.82
N VAL B 218 41.53 27.17 17.28
CA VAL B 218 41.54 25.87 17.92
C VAL B 218 42.30 25.92 19.24
N GLN B 219 41.95 25.04 20.18
CA GLN B 219 42.77 24.86 21.37
C GLN B 219 42.72 23.39 21.76
N ARG B 220 43.83 22.68 21.61
CA ARG B 220 43.86 21.28 22.02
C ARG B 220 43.72 21.23 23.53
N THR B 221 43.23 20.09 24.04
CA THR B 221 42.99 19.87 25.46
C THR B 221 43.04 18.36 25.74
N GLY B 222 42.92 17.98 27.02
CA GLY B 222 43.12 16.61 27.44
C GLY B 222 42.06 15.69 26.82
N TYR B 223 40.85 16.22 26.66
CA TYR B 223 39.70 15.40 26.35
C TYR B 223 39.39 15.47 24.86
N GLY B 224 40.08 16.38 24.17
CA GLY B 224 39.81 16.66 22.77
C GLY B 224 40.31 18.04 22.36
N PHE B 225 39.37 18.90 21.93
CA PHE B 225 39.66 20.32 21.78
C PHE B 225 38.38 21.13 21.83
N ARG B 226 38.54 22.42 22.14
CA ARG B 226 37.57 23.48 21.89
C ARG B 226 38.01 24.21 20.63
N TYR B 227 37.09 24.98 20.05
CA TYR B 227 37.42 25.95 19.02
C TYR B 227 36.37 27.05 19.02
N ALA B 228 36.67 28.14 18.29
CA ALA B 228 35.71 29.21 18.13
C ALA B 228 35.55 29.54 16.65
N ALA B 229 34.33 29.98 16.32
CA ALA B 229 34.02 30.59 15.05
C ALA B 229 33.78 32.05 15.34
N LEU B 230 34.47 32.92 14.59
CA LEU B 230 34.39 34.34 14.88
C LEU B 230 33.71 35.08 13.72
N ARG B 231 32.46 35.46 13.97
CA ARG B 231 31.63 36.17 13.01
C ARG B 231 31.57 37.65 13.37
N ARG B 232 31.64 38.49 12.34
CA ARG B 232 31.33 39.91 12.48
C ARG B 232 29.83 40.03 12.76
N PRO B 233 29.41 40.71 13.85
CA PRO B 233 27.97 40.91 14.12
C PRO B 233 27.36 41.98 13.22
N LEU B 234 26.03 42.13 13.31
CA LEU B 234 25.32 43.06 12.46
C LEU B 234 25.62 44.50 12.89
N SER B 235 26.04 44.66 14.14
CA SER B 235 26.14 45.95 14.80
C SER B 235 27.48 46.09 15.52
N ASN B 236 28.29 47.06 15.06
CA ASN B 236 29.56 47.34 15.68
C ASN B 236 30.43 46.10 15.61
N ALA B 237 30.74 45.69 14.37
CA ALA B 237 31.77 44.69 14.07
C ALA B 237 33.13 45.39 14.00
N ALA B 238 33.11 46.68 14.37
CA ALA B 238 34.31 47.50 14.50
C ALA B 238 35.31 46.83 15.44
N GLU B 239 34.94 46.76 16.74
CA GLU B 239 35.78 46.16 17.77
C GLU B 239 35.00 45.06 18.52
N ASN B 240 34.00 44.48 17.86
CA ASN B 240 33.26 43.38 18.44
C ASN B 240 33.34 42.14 17.55
N ASP B 241 33.38 40.96 18.20
CA ASP B 241 33.35 39.67 17.53
C ASP B 241 32.26 38.80 18.17
N TYR B 242 31.38 38.25 17.34
CA TYR B 242 30.42 37.24 17.77
C TYR B 242 31.12 35.88 17.75
N VAL B 243 31.38 35.35 18.95
CA VAL B 243 32.11 34.10 19.15
C VAL B 243 31.10 32.97 19.25
N ARG B 244 31.43 31.81 18.67
CA ARG B 244 30.63 30.61 18.83
C ARG B 244 31.56 29.44 19.14
N SER B 245 31.66 29.04 20.42
CA SER B 245 32.63 28.01 20.80
C SER B 245 31.97 26.63 20.87
N THR B 246 32.33 25.77 19.89
CA THR B 246 32.06 24.35 19.90
C THR B 246 33.20 23.64 20.62
N VAL B 247 32.87 22.55 21.33
CA VAL B 247 33.83 21.72 22.04
C VAL B 247 33.74 20.29 21.48
N PHE B 248 34.89 19.72 21.12
CA PHE B 248 34.93 18.31 20.75
C PHE B 248 35.38 17.48 21.95
N VAL B 249 34.48 16.64 22.51
CA VAL B 249 34.88 15.64 23.50
C VAL B 249 35.08 14.31 22.80
N ALA B 250 36.32 13.82 22.74
CA ALA B 250 36.59 12.58 22.02
C ALA B 250 35.93 11.45 22.79
N PRO B 251 35.60 10.32 22.13
CA PRO B 251 35.87 10.13 20.70
C PRO B 251 34.83 10.64 19.69
N ALA B 252 33.63 11.03 20.14
CA ALA B 252 32.57 11.29 19.18
C ALA B 252 31.44 12.10 19.80
N THR B 253 31.79 13.03 20.69
CA THR B 253 30.84 13.91 21.33
C THR B 253 31.10 15.34 20.85
N ALA B 254 30.02 16.06 20.54
CA ALA B 254 30.10 17.46 20.16
C ALA B 254 29.23 18.27 21.10
N LEU B 255 29.87 19.20 21.83
CA LEU B 255 29.15 20.25 22.52
C LEU B 255 28.96 21.45 21.59
N ILE B 256 27.71 21.70 21.23
CA ILE B 256 27.37 22.68 20.22
C ILE B 256 26.89 23.95 20.92
N PRO B 257 27.13 25.15 20.32
CA PRO B 257 26.72 26.42 20.93
C PRO B 257 25.26 26.50 21.34
N PRO B 258 25.00 26.75 22.65
CA PRO B 258 23.64 26.98 23.14
C PRO B 258 22.94 28.15 22.45
N ASN B 259 21.61 28.19 22.60
CA ASN B 259 20.77 29.35 22.33
C ASN B 259 20.49 30.06 23.65
N ASN B 260 19.37 30.78 23.72
CA ASN B 260 19.00 31.55 24.88
C ASN B 260 18.57 30.68 26.06
N LEU B 261 17.94 29.54 25.79
CA LEU B 261 17.16 28.94 26.86
C LEU B 261 17.75 27.62 27.33
N TYR B 262 18.40 26.91 26.39
CA TYR B 262 18.89 25.56 26.62
C TYR B 262 20.17 25.32 25.83
N ASN B 263 20.94 24.27 26.18
CA ASN B 263 22.16 23.91 25.49
C ASN B 263 21.93 22.71 24.55
N VAL B 264 22.87 22.52 23.64
CA VAL B 264 22.70 21.52 22.59
C VAL B 264 23.94 20.65 22.54
N ALA B 265 23.73 19.31 22.46
CA ALA B 265 24.83 18.36 22.35
C ALA B 265 24.59 17.36 21.21
N ASN B 266 25.63 16.60 20.89
CA ASN B 266 25.50 15.51 19.92
C ASN B 266 26.40 14.39 20.43
N ILE B 267 25.88 13.16 20.49
CA ILE B 267 26.75 12.02 20.75
C ILE B 267 26.47 10.93 19.72
N ASN B 268 27.54 10.42 19.12
CA ASN B 268 27.41 9.40 18.09
C ASN B 268 28.08 8.12 18.55
N VAL B 269 27.38 6.99 18.35
CA VAL B 269 27.89 5.71 18.77
C VAL B 269 27.88 4.78 17.57
N PRO B 270 29.08 4.34 17.10
CA PRO B 270 29.19 3.52 15.90
C PRO B 270 28.53 2.17 16.14
N MET B 271 27.56 1.82 15.29
CA MET B 271 26.90 0.53 15.40
C MET B 271 27.79 -0.53 14.76
N ASP B 272 28.40 -0.12 13.64
CA ASP B 272 29.40 -0.87 12.91
C ASP B 272 30.12 0.06 11.94
N ASP B 273 30.90 -0.54 11.04
CA ASP B 273 31.78 0.22 10.16
C ASP B 273 30.97 1.18 9.29
N THR B 274 29.68 0.91 9.04
CA THR B 274 28.96 1.69 8.03
C THR B 274 27.60 2.21 8.52
N ASN B 275 27.38 2.25 9.84
CA ASN B 275 26.11 2.69 10.41
C ASN B 275 26.39 3.32 11.79
N THR B 276 25.53 4.25 12.20
CA THR B 276 25.86 5.02 13.38
C THR B 276 24.58 5.46 14.08
N ALA B 277 24.46 5.10 15.36
CA ALA B 277 23.48 5.69 16.26
C ALA B 277 23.81 7.17 16.46
N PHE B 278 22.89 8.04 16.02
CA PHE B 278 23.07 9.48 16.14
C PHE B 278 22.08 10.04 17.15
N TYR B 279 22.59 10.49 18.30
CA TYR B 279 21.76 11.08 19.34
C TYR B 279 22.05 12.57 19.40
N PHE B 280 20.99 13.39 19.27
CA PHE B 280 21.08 14.83 19.26
C PHE B 280 20.15 15.37 20.35
N ILE B 281 20.73 16.17 21.25
CA ILE B 281 20.18 16.38 22.58
C ILE B 281 19.91 17.85 22.84
N ALA B 282 18.72 18.16 23.34
CA ALA B 282 18.56 19.45 24.00
C ALA B 282 18.58 19.21 25.50
N TRP B 283 19.29 20.08 26.25
CA TRP B 283 19.39 19.89 27.69
C TRP B 283 19.54 21.20 28.45
N GLY B 284 19.07 21.23 29.70
CA GLY B 284 19.14 22.43 30.51
C GLY B 284 18.08 22.47 31.59
N HIS B 285 17.65 23.67 32.00
CA HIS B 285 16.67 23.76 33.08
C HIS B 285 15.35 23.20 32.63
N PRO B 286 14.71 22.34 33.46
CA PRO B 286 13.39 21.76 33.19
C PRO B 286 12.35 22.68 32.55
N SER B 287 12.44 23.97 32.84
CA SER B 287 11.38 24.87 32.47
C SER B 287 11.80 25.76 31.31
N GLN B 288 13.01 25.55 30.79
CA GLN B 288 13.48 26.33 29.64
C GLN B 288 13.86 25.41 28.48
N THR B 289 13.87 24.09 28.74
CA THR B 289 14.28 23.09 27.76
C THR B 289 13.03 22.40 27.22
N PRO B 290 12.94 22.14 25.89
CA PRO B 290 11.80 21.42 25.32
C PRO B 290 11.69 19.98 25.82
N GLU B 291 10.45 19.48 25.96
CA GLU B 291 10.19 18.09 26.30
C GLU B 291 10.49 17.21 25.08
N THR B 292 10.72 15.92 25.35
CA THR B 292 11.20 15.00 24.34
C THR B 292 10.45 15.18 23.02
N GLU B 293 9.15 14.86 23.04
CA GLU B 293 8.27 14.95 21.88
C GLU B 293 8.37 16.29 21.15
N THR B 294 8.57 17.38 21.91
CA THR B 294 8.58 18.71 21.35
C THR B 294 9.83 18.89 20.51
N TRP B 295 10.98 18.50 21.08
CA TRP B 295 12.26 18.45 20.39
C TRP B 295 12.13 17.71 19.06
N ARG B 296 11.67 16.45 19.13
CA ARG B 296 11.65 15.62 17.94
C ARG B 296 10.82 16.28 16.84
N LYS B 297 9.72 16.93 17.22
CA LYS B 297 8.82 17.46 16.22
C LYS B 297 9.47 18.65 15.52
N PHE B 298 10.32 19.38 16.26
CA PHE B 298 11.06 20.51 15.71
C PHE B 298 12.12 20.04 14.71
N LEU B 299 12.81 18.94 15.08
CA LEU B 299 13.88 18.36 14.28
C LEU B 299 13.31 17.53 13.11
N ARG B 300 12.00 17.25 13.12
CA ARG B 300 11.35 16.19 12.35
C ARG B 300 12.12 14.88 12.49
N GLN B 301 12.26 14.42 13.75
CA GLN B 301 12.72 13.09 14.07
C GLN B 301 11.70 12.41 14.99
N THR B 302 10.41 12.62 14.71
CA THR B 302 9.30 11.94 15.38
C THR B 302 9.21 10.48 14.94
N VAL B 303 9.11 9.57 15.91
CA VAL B 303 8.89 8.18 15.52
C VAL B 303 7.46 8.06 14.98
N GLY B 304 7.33 7.43 13.80
CA GLY B 304 6.06 7.09 13.16
C GLY B 304 5.58 8.16 12.19
N VAL B 305 6.29 9.27 12.14
CA VAL B 305 6.15 10.14 10.99
C VAL B 305 7.48 10.32 10.27
N ASP B 306 8.57 10.61 11.00
CA ASP B 306 9.82 10.83 10.31
C ASP B 306 10.69 9.57 10.28
N LEU B 307 10.59 8.79 11.37
CA LEU B 307 11.42 7.61 11.61
C LEU B 307 10.47 6.42 11.69
N ASP B 308 11.00 5.19 11.58
CA ASP B 308 10.13 4.03 11.75
C ASP B 308 10.34 3.46 13.14
N GLN B 309 9.67 2.33 13.41
CA GLN B 309 9.70 1.74 14.74
C GLN B 309 11.09 1.80 15.35
N ASN B 310 12.12 1.55 14.53
CA ASN B 310 13.47 1.27 15.00
C ASN B 310 14.34 2.53 14.92
N TYR B 311 13.72 3.72 14.81
CA TYR B 311 14.38 5.02 14.75
C TYR B 311 15.22 5.17 13.47
N ARG B 312 14.83 4.44 12.43
CA ARG B 312 15.45 4.54 11.11
C ARG B 312 14.72 5.60 10.30
N PRO B 313 15.44 6.48 9.54
CA PRO B 313 14.78 7.58 8.83
C PRO B 313 14.02 7.19 7.55
N LEU B 314 12.78 7.71 7.44
CA LEU B 314 11.94 7.43 6.30
C LEU B 314 12.44 8.14 5.05
N ARG B 315 13.08 9.30 5.20
CA ARG B 315 13.81 9.98 4.13
C ARG B 315 15.07 9.20 3.78
N ASN B 316 15.35 9.06 2.47
CA ASN B 316 16.51 8.35 1.96
C ASN B 316 16.85 8.84 0.55
N GLU B 317 17.88 8.26 -0.05
CA GLU B 317 18.31 8.73 -1.35
C GLU B 317 17.20 8.57 -2.38
N ALA B 318 16.59 7.38 -2.45
CA ALA B 318 15.47 7.16 -3.36
C ALA B 318 14.51 8.34 -3.37
N ASN B 319 14.01 8.74 -2.20
CA ASN B 319 12.98 9.76 -2.16
C ASN B 319 13.65 11.12 -1.95
N LYS B 320 14.98 11.14 -2.12
CA LYS B 320 15.71 12.39 -2.15
C LYS B 320 15.39 13.22 -0.91
N PHE B 321 15.35 12.53 0.24
CA PHE B 321 15.05 13.06 1.56
C PHE B 321 13.86 14.01 1.55
N TRP B 322 12.94 13.78 0.60
CA TRP B 322 11.70 14.53 0.48
C TRP B 322 11.97 15.96 0.04
N GLN B 323 12.95 16.10 -0.88
CA GLN B 323 13.42 17.42 -1.25
C GLN B 323 12.33 18.13 -2.04
N ASP B 324 11.72 19.13 -1.41
CA ASP B 324 10.69 19.87 -2.10
C ASP B 324 11.34 20.90 -3.02
N ARG B 325 11.43 20.55 -4.30
CA ARG B 325 12.05 21.36 -5.33
C ARG B 325 11.37 22.71 -5.44
N ASN B 326 10.03 22.71 -5.32
CA ASN B 326 9.25 23.94 -5.36
C ASN B 326 9.72 24.90 -4.28
N ALA B 327 9.63 24.46 -3.01
CA ALA B 327 10.12 25.16 -1.84
C ALA B 327 11.48 25.82 -2.11
N MET B 328 12.28 25.19 -2.96
CA MET B 328 13.60 25.70 -3.26
C MET B 328 13.49 26.85 -4.26
N LYS B 329 12.54 26.73 -5.22
CA LYS B 329 12.31 27.83 -6.15
C LYS B 329 11.70 28.98 -5.36
N ALA B 330 10.96 28.65 -4.31
CA ALA B 330 10.17 29.65 -3.63
C ALA B 330 10.96 30.26 -2.48
N GLY B 331 12.20 29.79 -2.28
CA GLY B 331 13.03 30.49 -1.32
C GLY B 331 13.75 29.55 -0.36
N ASN B 332 13.01 28.65 0.29
CA ASN B 332 13.63 27.73 1.22
C ASN B 332 14.85 27.09 0.54
N PHE B 333 16.01 27.18 1.21
CA PHE B 333 17.32 26.99 0.61
C PHE B 333 17.59 25.54 0.21
N THR B 334 17.42 24.59 1.15
CA THR B 334 17.71 23.18 0.87
C THR B 334 16.48 22.46 0.32
N GLY B 335 15.29 22.87 0.78
CA GLY B 335 14.05 22.23 0.37
C GLY B 335 13.90 20.85 1.01
N ILE B 336 14.50 20.68 2.19
CA ILE B 336 14.40 19.50 3.03
C ILE B 336 13.99 19.94 4.43
N THR B 337 13.28 19.11 5.19
CA THR B 337 12.67 19.63 6.40
C THR B 337 13.23 18.96 7.67
N GLY B 338 13.36 19.77 8.73
CA GLY B 338 14.04 19.39 9.97
C GLY B 338 15.55 19.42 9.77
N PHE B 339 16.25 20.36 10.43
CA PHE B 339 17.60 20.72 10.05
C PHE B 339 18.60 19.55 10.17
N PRO B 340 18.48 18.60 11.12
CA PRO B 340 19.35 17.43 11.11
C PRO B 340 19.02 16.53 9.93
N ASN B 341 17.81 16.65 9.37
CA ASN B 341 17.52 15.91 8.15
C ASN B 341 18.29 16.48 6.96
N GLN B 342 18.62 17.78 7.04
CA GLN B 342 19.42 18.45 6.02
C GLN B 342 20.86 17.94 6.10
N ASP B 343 21.35 17.81 7.33
CA ASP B 343 22.70 17.31 7.55
C ASP B 343 22.84 15.93 6.91
N VAL B 344 21.87 15.08 7.25
CA VAL B 344 21.85 13.69 6.84
C VAL B 344 22.00 13.56 5.33
N ALA B 345 21.17 14.30 4.57
CA ALA B 345 21.17 14.21 3.13
C ALA B 345 22.59 14.41 2.59
N MET B 346 23.38 15.27 3.24
CA MET B 346 24.76 15.42 2.81
C MET B 346 25.55 14.19 3.22
N TRP B 347 25.60 13.94 4.54
CA TRP B 347 26.54 12.97 5.10
C TRP B 347 26.41 11.64 4.40
N LEU B 348 25.17 11.37 4.00
CA LEU B 348 24.78 10.09 3.44
C LEU B 348 25.33 9.99 2.02
N THR B 349 25.18 11.08 1.25
CA THR B 349 25.54 11.06 -0.16
C THR B 349 27.05 11.07 -0.34
N MET B 350 27.82 11.37 0.73
CA MET B 350 29.26 11.16 0.70
C MET B 350 29.61 9.68 0.79
N GLY B 351 28.59 8.82 1.02
CA GLY B 351 28.73 7.37 0.91
C GLY B 351 29.02 6.70 2.26
N PRO B 352 28.89 5.36 2.36
CA PRO B 352 28.97 4.65 3.63
C PRO B 352 30.13 5.09 4.54
N ILE B 353 31.31 5.27 3.92
CA ILE B 353 32.46 5.85 4.59
C ILE B 353 33.01 6.90 3.63
N ALA B 354 32.97 8.17 4.01
CA ALA B 354 33.56 9.24 3.20
C ALA B 354 35.00 8.88 2.84
N ASP B 355 35.30 8.94 1.54
CA ASP B 355 36.64 8.69 1.04
C ASP B 355 37.46 9.96 1.28
N ARG B 356 37.87 10.20 2.54
CA ARG B 356 38.56 11.42 2.95
C ARG B 356 39.83 11.72 2.12
N THR B 357 40.17 10.83 1.19
CA THR B 357 41.33 10.95 0.32
C THR B 357 41.11 12.04 -0.72
N HIS B 358 39.87 12.19 -1.17
CA HIS B 358 39.57 13.04 -2.31
C HIS B 358 38.94 14.34 -1.84
N ASP B 359 39.14 14.66 -0.55
CA ASP B 359 38.60 15.89 0.03
C ASP B 359 39.41 17.05 -0.54
N ARG B 360 38.90 18.30 -0.41
CA ARG B 360 39.59 19.50 -0.83
C ARG B 360 39.30 20.64 0.13
N LEU B 361 39.90 20.59 1.32
CA LEU B 361 39.46 21.39 2.45
C LEU B 361 40.04 22.80 2.35
N GLY B 362 39.36 23.74 3.03
CA GLY B 362 39.80 25.13 3.11
C GLY B 362 40.04 25.55 4.55
N ALA B 363 39.99 26.87 4.79
CA ALA B 363 40.11 27.45 6.12
C ALA B 363 38.75 27.35 6.83
N SER B 364 37.70 27.04 6.06
CA SER B 364 36.43 26.64 6.64
C SER B 364 36.59 25.36 7.46
N ASP B 365 37.48 24.46 7.02
CA ASP B 365 37.51 23.10 7.55
C ASP B 365 38.47 22.96 8.73
N LEU B 366 39.01 24.07 9.22
CA LEU B 366 40.16 23.97 10.12
C LEU B 366 39.84 23.05 11.29
N ALA B 367 38.60 23.13 11.80
CA ALA B 367 38.18 22.34 12.94
C ALA B 367 38.20 20.85 12.62
N ILE B 368 37.72 20.48 11.43
CA ILE B 368 37.68 19.09 10.98
C ILE B 368 39.10 18.53 10.86
N VAL B 369 40.02 19.34 10.30
CA VAL B 369 41.38 18.89 10.12
C VAL B 369 41.96 18.64 11.51
N GLU B 370 41.52 19.44 12.50
CA GLU B 370 41.99 19.31 13.87
C GLU B 370 41.53 18.00 14.50
N PHE B 371 40.28 17.59 14.19
CA PHE B 371 39.73 16.32 14.66
C PHE B 371 40.48 15.14 14.04
N ARG B 372 40.86 15.28 12.77
CA ARG B 372 41.54 14.26 11.97
C ARG B 372 42.96 14.00 12.51
N LYS B 373 43.68 15.07 12.89
CA LYS B 373 45.02 14.88 13.44
C LYS B 373 44.89 14.19 14.80
N GLN B 374 44.23 14.88 15.74
CA GLN B 374 44.06 14.41 17.09
C GLN B 374 43.74 12.91 17.13
N MET B 375 42.60 12.53 16.52
CA MET B 375 42.04 11.18 16.65
C MET B 375 43.00 10.15 16.06
N LEU B 376 43.67 10.50 14.95
CA LEU B 376 44.71 9.65 14.39
C LEU B 376 45.93 9.56 15.30
N ASP B 377 46.25 10.62 16.05
CA ASP B 377 47.34 10.58 17.01
C ASP B 377 46.96 9.69 18.18
N ALA B 378 45.83 10.04 18.80
CA ALA B 378 45.34 9.34 19.99
C ALA B 378 45.12 7.86 19.69
N VAL B 379 44.74 7.51 18.46
CA VAL B 379 44.54 6.10 18.20
C VAL B 379 45.87 5.39 18.06
N LYS B 380 46.88 6.13 17.59
CA LYS B 380 48.19 5.52 17.34
C LYS B 380 48.87 5.29 18.69
N ALA B 381 48.83 6.32 19.55
CA ALA B 381 49.33 6.22 20.91
C ALA B 381 48.62 5.10 21.68
N PHE B 382 47.29 4.99 21.53
CA PHE B 382 46.54 3.94 22.20
C PHE B 382 46.99 2.57 21.73
N GLU B 383 47.35 2.44 20.45
CA GLU B 383 47.71 1.14 19.95
C GLU B 383 49.10 0.79 20.45
N GLN B 384 49.66 1.68 21.27
CA GLN B 384 51.03 1.52 21.74
C GLN B 384 51.15 1.82 23.24
N GLY B 385 50.04 1.59 23.97
CA GLY B 385 50.07 1.58 25.41
C GLY B 385 49.63 2.90 26.03
N ALA B 386 49.35 3.92 25.21
CA ALA B 386 48.96 5.20 25.77
C ALA B 386 47.53 5.15 26.30
N PRO B 387 47.30 5.59 27.56
CA PRO B 387 45.96 5.83 28.09
C PRO B 387 45.05 6.49 27.05
N ALA B 388 43.94 5.81 26.70
CA ALA B 388 43.07 6.26 25.63
C ALA B 388 42.61 7.69 25.89
N ILE B 389 42.54 8.49 24.81
CA ILE B 389 42.34 9.92 24.91
C ILE B 389 41.09 10.23 25.73
N GLY B 390 41.23 11.15 26.69
CA GLY B 390 40.12 11.69 27.47
C GLY B 390 39.61 10.73 28.54
N THR B 391 40.51 9.92 29.10
CA THR B 391 40.19 9.03 30.20
C THR B 391 41.06 9.37 31.41
N GLY B 392 40.65 8.86 32.57
CA GLY B 392 41.27 9.17 33.85
C GLY B 392 41.09 10.66 34.19
N VAL B 393 42.15 11.25 34.77
CA VAL B 393 42.10 12.63 35.25
C VAL B 393 41.91 13.61 34.09
N GLU B 394 41.97 13.12 32.84
CA GLU B 394 42.03 13.98 31.65
C GLU B 394 40.66 14.20 31.00
N ALA B 395 39.65 13.42 31.46
CA ALA B 395 38.28 13.46 31.00
C ALA B 395 37.68 14.87 31.07
N ALA B 396 36.76 15.17 30.14
CA ALA B 396 35.88 16.33 30.27
C ALA B 396 34.98 16.14 31.50
N THR B 397 34.39 17.24 31.97
CA THR B 397 33.32 17.18 32.94
C THR B 397 32.37 18.36 32.69
N PRO B 398 31.34 18.55 33.54
CA PRO B 398 30.33 19.59 33.32
C PRO B 398 30.79 21.04 33.40
N THR B 399 32.11 21.28 33.51
CA THR B 399 32.65 22.63 33.50
C THR B 399 33.21 23.03 32.12
N VAL B 400 33.55 22.03 31.31
CA VAL B 400 33.72 22.20 29.87
C VAL B 400 32.33 22.43 29.27
N CYS B 401 32.24 23.33 28.29
CA CYS B 401 30.93 23.62 27.70
C CYS B 401 31.09 24.60 26.54
N SER B 402 30.19 24.50 25.57
CA SER B 402 30.09 25.47 24.49
C SER B 402 29.47 26.77 25.01
N PHE B 403 29.39 27.78 24.14
CA PHE B 403 28.82 29.07 24.50
C PHE B 403 28.82 29.96 23.27
N GLN B 404 27.96 30.97 23.28
CA GLN B 404 28.03 32.00 22.26
C GLN B 404 27.95 33.34 22.96
N ALA B 405 28.59 34.36 22.37
CA ALA B 405 28.50 35.74 22.84
C ALA B 405 29.14 36.67 21.81
N ILE B 406 28.68 37.93 21.82
CA ILE B 406 29.46 39.04 21.30
C ILE B 406 30.49 39.39 22.37
N VAL B 407 31.78 39.29 22.04
CA VAL B 407 32.85 39.68 22.95
C VAL B 407 33.73 40.72 22.25
N PRO B 408 34.24 41.76 22.96
CA PRO B 408 35.18 42.72 22.36
C PRO B 408 36.40 41.99 21.80
N LYS B 409 36.95 42.52 20.70
CA LYS B 409 38.04 41.89 19.96
C LYS B 409 39.26 41.67 20.87
N THR B 410 39.32 42.45 21.98
CA THR B 410 40.48 42.49 22.85
C THR B 410 40.26 41.66 24.11
N THR B 411 39.43 40.60 23.97
CA THR B 411 39.47 39.44 24.84
C THR B 411 39.70 38.19 24.00
N ASP B 412 40.43 37.22 24.57
CA ASP B 412 40.72 35.93 23.96
C ASP B 412 39.56 34.98 24.28
N TRP B 413 38.93 34.43 23.24
CA TRP B 413 37.75 33.57 23.39
C TRP B 413 38.03 32.45 24.39
N ARG B 414 39.28 31.98 24.42
CA ARG B 414 39.75 30.94 25.34
C ARG B 414 39.69 31.45 26.78
N THR B 415 39.72 32.78 26.91
CA THR B 415 39.80 33.50 28.16
C THR B 415 38.40 33.66 28.74
N TYR B 416 37.42 33.81 27.84
CA TYR B 416 36.02 33.89 28.25
C TYR B 416 35.76 32.75 29.23
N ASP B 417 35.08 33.09 30.33
CA ASP B 417 34.77 32.15 31.40
C ASP B 417 33.25 31.93 31.42
N ALA B 418 32.80 30.92 30.66
CA ALA B 418 31.38 30.65 30.42
C ALA B 418 30.93 29.44 31.23
N HIS B 419 29.62 29.37 31.49
CA HIS B 419 29.03 28.20 32.11
C HIS B 419 27.82 27.81 31.27
N TYR B 420 27.38 26.55 31.37
CA TYR B 420 26.28 26.07 30.54
C TYR B 420 25.01 26.84 30.88
N VAL B 421 24.25 27.23 29.84
CA VAL B 421 23.04 28.04 29.99
C VAL B 421 22.06 27.28 30.88
N TRP B 422 21.53 27.96 31.92
CA TRP B 422 20.68 27.31 32.90
C TRP B 422 19.37 28.08 33.06
N LEU B 423 19.39 29.09 33.93
CA LEU B 423 18.26 29.97 34.19
C LEU B 423 18.81 31.38 34.44
N ASP B 424 20.03 31.39 35.01
CA ASP B 424 20.86 32.55 35.29
C ASP B 424 22.32 32.17 35.05
N GLY B 425 22.72 31.05 35.67
CA GLY B 425 24.04 30.46 35.52
C GLY B 425 25.13 31.33 36.12
N MET C 1 34.09 -30.18 20.39
CA MET C 1 33.98 -28.87 19.64
C MET C 1 34.31 -29.10 18.16
N MET C 2 33.61 -28.35 17.28
CA MET C 2 33.74 -28.47 15.83
C MET C 2 34.58 -27.33 15.26
N THR C 3 35.04 -27.49 14.02
CA THR C 3 35.98 -26.53 13.46
C THR C 3 35.42 -25.87 12.20
N HIS C 4 35.75 -24.57 12.01
CA HIS C 4 35.30 -23.82 10.86
C HIS C 4 35.37 -24.69 9.61
N GLU C 5 36.45 -25.45 9.46
CA GLU C 5 36.59 -26.34 8.32
C GLU C 5 35.43 -27.32 8.26
N GLU C 6 35.20 -28.06 9.35
CA GLU C 6 34.25 -29.16 9.36
C GLU C 6 32.86 -28.64 9.03
N ASN C 7 32.50 -27.51 9.68
CA ASN C 7 31.23 -26.86 9.50
C ASN C 7 30.98 -26.65 8.02
N GLU C 8 31.96 -26.03 7.35
CA GLU C 8 31.94 -25.85 5.91
C GLU C 8 31.55 -27.17 5.25
N LEU C 9 32.28 -28.23 5.60
CA LEU C 9 32.12 -29.54 4.96
C LEU C 9 30.74 -30.14 5.29
N LEU C 10 30.25 -29.88 6.51
CA LEU C 10 28.96 -30.42 6.87
C LEU C 10 27.91 -29.79 5.98
N CYS C 11 28.10 -28.51 5.62
CA CYS C 11 26.99 -27.63 5.26
C CYS C 11 26.91 -27.26 3.78
N ARG C 12 28.04 -27.04 3.11
CA ARG C 12 27.97 -26.48 1.76
C ARG C 12 27.69 -27.58 0.76
N VAL C 13 26.97 -27.23 -0.32
CA VAL C 13 26.41 -28.23 -1.20
C VAL C 13 26.44 -27.71 -2.64
N GLU C 14 26.73 -26.42 -2.80
CA GLU C 14 26.81 -25.83 -4.12
C GLU C 14 28.11 -26.27 -4.78
N GLY C 15 28.09 -26.36 -6.11
CA GLY C 15 29.29 -26.51 -6.93
C GLY C 15 29.99 -27.86 -6.78
N ASP C 16 31.14 -27.84 -6.09
CA ASP C 16 32.01 -29.00 -6.02
C ASP C 16 32.03 -29.58 -4.61
N ALA C 17 31.25 -28.96 -3.72
CA ALA C 17 31.15 -29.35 -2.32
C ALA C 17 30.89 -30.85 -2.20
N PRO C 18 31.68 -31.55 -1.35
CA PRO C 18 31.49 -32.98 -1.13
C PRO C 18 30.12 -33.37 -0.59
N MET C 19 29.52 -32.56 0.30
CA MET C 19 28.22 -32.92 0.83
C MET C 19 27.17 -32.83 -0.28
N GLY C 20 27.46 -32.00 -1.28
CA GLY C 20 26.66 -31.92 -2.49
C GLY C 20 26.68 -33.23 -3.24
N ARG C 21 27.89 -33.75 -3.50
CA ARG C 21 28.04 -34.95 -4.30
C ARG C 21 27.37 -36.13 -3.58
N LEU C 22 27.56 -36.23 -2.24
CA LEU C 22 26.96 -37.30 -1.43
C LEU C 22 25.44 -37.26 -1.53
N MET C 23 24.85 -36.07 -1.34
CA MET C 23 23.41 -35.88 -1.36
C MET C 23 22.81 -36.23 -2.71
N ARG C 24 23.58 -36.02 -3.78
CA ARG C 24 23.05 -36.21 -5.12
C ARG C 24 22.96 -37.70 -5.47
N ARG C 25 23.29 -38.56 -4.49
CA ARG C 25 23.24 -40.00 -4.66
C ARG C 25 21.89 -40.54 -4.21
N HIS C 26 21.12 -39.72 -3.48
CA HIS C 26 19.77 -40.09 -3.13
C HIS C 26 18.78 -39.40 -4.06
N TRP C 27 17.60 -40.00 -4.24
CA TRP C 27 16.49 -39.33 -4.90
C TRP C 27 16.06 -38.10 -4.11
N THR C 28 15.75 -37.01 -4.85
CA THR C 28 15.50 -35.70 -4.27
C THR C 28 14.13 -35.15 -4.66
N PRO C 29 13.36 -34.68 -3.67
CA PRO C 29 12.19 -33.86 -3.95
C PRO C 29 12.56 -32.49 -4.52
N ILE C 30 12.11 -32.27 -5.75
CA ILE C 30 12.38 -31.05 -6.49
C ILE C 30 11.28 -30.03 -6.20
N CYS C 31 10.04 -30.51 -6.04
CA CYS C 31 8.90 -29.63 -5.74
C CYS C 31 7.63 -30.46 -5.72
N LEU C 32 6.52 -29.82 -5.35
CA LEU C 32 5.24 -30.51 -5.19
C LEU C 32 4.59 -30.79 -6.55
N VAL C 33 3.77 -31.85 -6.59
CA VAL C 33 3.05 -32.15 -7.81
C VAL C 33 2.01 -31.05 -8.02
N GLU C 34 1.51 -30.54 -6.89
CA GLU C 34 0.44 -29.55 -6.87
C GLU C 34 0.88 -28.33 -7.68
N GLU C 35 2.19 -28.19 -7.91
CA GLU C 35 2.69 -27.04 -8.63
C GLU C 35 2.64 -27.26 -10.13
N VAL C 36 2.98 -28.46 -10.61
CA VAL C 36 3.22 -28.63 -12.04
C VAL C 36 1.91 -28.67 -12.82
N GLY C 37 0.79 -28.81 -12.10
CA GLY C 37 -0.55 -28.68 -12.65
C GLY C 37 -0.85 -29.72 -13.73
N GLU C 38 -1.84 -29.41 -14.58
CA GLU C 38 -2.35 -30.27 -15.64
C GLU C 38 -1.32 -30.38 -16.76
N PRO C 39 -1.43 -31.39 -17.66
CA PRO C 39 -0.61 -31.43 -18.87
C PRO C 39 -0.56 -30.06 -19.54
N ASP C 40 0.60 -29.70 -20.08
CA ASP C 40 0.75 -28.43 -20.76
C ASP C 40 0.66 -27.27 -19.76
N GLY C 41 0.72 -27.59 -18.47
CA GLY C 41 0.60 -26.59 -17.41
C GLY C 41 1.86 -25.74 -17.23
N THR C 42 1.64 -24.51 -16.75
CA THR C 42 2.64 -23.48 -16.52
C THR C 42 3.91 -24.06 -15.91
N PRO C 43 5.08 -23.72 -16.49
CA PRO C 43 6.37 -24.18 -15.96
C PRO C 43 6.69 -23.57 -14.61
N VAL C 44 7.38 -24.35 -13.78
CA VAL C 44 7.63 -24.03 -12.38
C VAL C 44 9.12 -23.80 -12.20
N LYS C 45 9.49 -22.69 -11.56
CA LYS C 45 10.89 -22.52 -11.21
C LYS C 45 11.13 -23.32 -9.94
N ALA C 46 12.36 -23.85 -9.77
CA ALA C 46 12.78 -24.56 -8.58
C ALA C 46 14.31 -24.54 -8.48
N ARG C 47 14.85 -24.98 -7.34
CA ARG C 47 16.29 -24.90 -7.17
C ARG C 47 16.78 -25.96 -6.18
N ALA C 48 17.66 -26.84 -6.66
CA ALA C 48 18.30 -27.86 -5.86
C ALA C 48 19.82 -27.74 -5.98
N PHE C 49 20.50 -27.90 -4.85
CA PHE C 49 21.95 -27.93 -4.76
C PHE C 49 22.63 -26.82 -5.57
N GLY C 50 21.96 -25.67 -5.70
CA GLY C 50 22.60 -24.52 -6.32
C GLY C 50 22.45 -24.50 -7.85
N GLU C 51 21.58 -25.35 -8.37
CA GLU C 51 21.30 -25.40 -9.80
C GLU C 51 19.85 -24.98 -10.01
N ASP C 52 19.60 -23.94 -10.81
CA ASP C 52 18.24 -23.53 -11.11
C ASP C 52 17.59 -24.51 -12.08
N LEU C 53 16.25 -24.67 -11.97
CA LEU C 53 15.54 -25.78 -12.59
C LEU C 53 14.18 -25.36 -13.15
N VAL C 54 13.84 -25.87 -14.34
CA VAL C 54 12.48 -25.88 -14.86
C VAL C 54 11.85 -27.26 -14.72
N VAL C 55 10.63 -27.26 -14.19
CA VAL C 55 9.82 -28.47 -14.10
C VAL C 55 8.58 -28.13 -14.92
N PHE C 56 7.99 -29.14 -15.57
CA PHE C 56 6.84 -28.92 -16.41
C PHE C 56 6.27 -30.28 -16.76
N ARG C 57 4.96 -30.35 -16.90
CA ARG C 57 4.31 -31.58 -17.29
C ARG C 57 3.78 -31.42 -18.71
N ASP C 58 4.30 -32.22 -19.65
CA ASP C 58 4.01 -32.08 -21.07
C ASP C 58 2.64 -32.68 -21.38
N SER C 59 2.28 -32.72 -22.68
CA SER C 59 0.98 -33.17 -23.17
C SER C 59 0.69 -34.61 -22.76
N GLU C 60 1.70 -35.46 -22.81
CA GLU C 60 1.51 -36.85 -22.40
C GLU C 60 1.29 -36.90 -20.90
N GLY C 61 1.85 -35.92 -20.19
CA GLY C 61 1.69 -35.85 -18.74
C GLY C 61 2.93 -36.32 -18.00
N ARG C 62 3.98 -36.63 -18.76
CA ARG C 62 5.32 -36.88 -18.24
C ARG C 62 5.89 -35.58 -17.64
N VAL C 63 6.57 -35.70 -16.50
CA VAL C 63 7.09 -34.51 -15.87
C VAL C 63 8.60 -34.39 -16.10
N GLY C 64 9.03 -33.34 -16.81
CA GLY C 64 10.45 -33.09 -17.00
C GLY C 64 11.04 -32.17 -15.93
N VAL C 65 12.32 -32.37 -15.62
CA VAL C 65 13.07 -31.45 -14.78
C VAL C 65 14.39 -31.17 -15.49
N MET C 66 14.62 -29.89 -15.81
CA MET C 66 15.79 -29.50 -16.59
C MET C 66 16.48 -28.29 -15.96
N ASP C 67 17.71 -28.05 -16.45
CA ASP C 67 18.43 -26.82 -16.18
C ASP C 67 17.62 -25.64 -16.71
N GLU C 68 17.55 -24.53 -15.95
CA GLU C 68 16.54 -23.52 -16.19
C GLU C 68 16.84 -22.69 -17.43
N TYR C 69 18.14 -22.54 -17.73
CA TYR C 69 18.52 -21.67 -18.83
C TYR C 69 18.55 -22.47 -20.14
N CYS C 70 17.96 -21.88 -21.19
CA CYS C 70 17.80 -22.54 -22.48
C CYS C 70 19.17 -22.92 -23.04
N PRO C 71 19.31 -24.11 -23.67
CA PRO C 71 20.62 -24.58 -24.12
C PRO C 71 21.30 -23.66 -25.11
N HIS C 72 20.51 -22.92 -25.89
CA HIS C 72 20.99 -21.98 -26.90
C HIS C 72 21.84 -20.86 -26.27
N ARG C 73 21.19 -19.76 -25.86
CA ARG C 73 21.96 -18.60 -25.46
C ARG C 73 21.74 -18.26 -23.98
N ARG C 74 20.95 -19.09 -23.27
CA ARG C 74 20.92 -19.17 -21.81
C ARG C 74 19.81 -18.32 -21.18
N ALA C 75 18.70 -18.11 -21.91
CA ALA C 75 17.51 -17.42 -21.43
C ALA C 75 16.66 -18.36 -20.57
N SER C 76 15.81 -17.81 -19.70
CA SER C 76 14.97 -18.64 -18.84
C SER C 76 13.90 -19.43 -19.62
N LEU C 77 13.82 -20.73 -19.34
CA LEU C 77 12.83 -21.60 -19.95
C LEU C 77 11.51 -21.56 -19.19
N VAL C 78 11.52 -20.91 -18.01
CA VAL C 78 10.33 -20.76 -17.20
C VAL C 78 9.30 -19.86 -17.89
N TYR C 79 9.75 -19.05 -18.87
CA TYR C 79 8.87 -18.16 -19.60
C TYR C 79 8.31 -18.86 -20.85
N GLY C 80 8.62 -20.15 -21.03
CA GLY C 80 8.48 -20.81 -22.31
C GLY C 80 7.10 -21.42 -22.55
N ARG C 81 6.85 -21.83 -23.81
CA ARG C 81 5.58 -22.42 -24.20
C ARG C 81 5.60 -23.93 -23.97
N ASN C 82 4.71 -24.39 -23.10
CA ASN C 82 4.66 -25.79 -22.77
C ASN C 82 3.51 -26.43 -23.52
N GLU C 83 3.75 -26.88 -24.74
CA GLU C 83 2.70 -27.50 -25.53
C GLU C 83 3.30 -28.51 -26.49
N GLU C 84 2.41 -29.36 -27.02
CA GLU C 84 2.75 -30.29 -28.09
C GLU C 84 4.01 -31.06 -27.70
N GLY C 85 4.02 -31.49 -26.43
CA GLY C 85 4.94 -32.51 -25.92
C GLY C 85 6.32 -31.95 -25.60
N GLY C 86 6.42 -30.62 -25.58
CA GLY C 86 7.69 -29.95 -25.41
C GLY C 86 7.56 -28.56 -24.79
N LEU C 87 8.63 -28.17 -24.08
CA LEU C 87 8.83 -26.80 -23.61
C LEU C 87 9.66 -26.04 -24.64
N ARG C 88 9.10 -24.95 -25.18
CA ARG C 88 9.77 -24.19 -26.22
C ARG C 88 10.22 -22.85 -25.68
N CYS C 89 11.53 -22.57 -25.84
CA CYS C 89 12.11 -21.29 -25.49
C CYS C 89 11.46 -20.17 -26.31
N LEU C 90 11.21 -19.03 -25.64
CA LEU C 90 10.57 -17.86 -26.22
C LEU C 90 11.51 -17.15 -27.19
N TYR C 91 12.82 -17.27 -26.99
CA TYR C 91 13.75 -16.46 -27.77
C TYR C 91 13.77 -16.89 -29.24
N HIS C 92 14.39 -18.06 -29.51
CA HIS C 92 14.64 -18.53 -30.87
C HIS C 92 13.92 -19.85 -31.14
N GLY C 93 12.92 -20.17 -30.31
CA GLY C 93 11.99 -21.27 -30.48
C GLY C 93 12.59 -22.68 -30.37
N TRP C 94 13.80 -22.83 -29.80
CA TRP C 94 14.32 -24.17 -29.52
C TRP C 94 13.32 -24.85 -28.60
N LYS C 95 12.96 -26.11 -28.90
CA LYS C 95 11.97 -26.80 -28.10
C LYS C 95 12.56 -28.08 -27.51
N MET C 96 12.54 -28.20 -26.18
CA MET C 96 13.00 -29.42 -25.52
C MET C 96 11.80 -30.30 -25.15
N ASP C 97 12.06 -31.58 -24.85
CA ASP C 97 11.08 -32.44 -24.20
C ASP C 97 11.58 -32.79 -22.79
N VAL C 98 10.76 -33.52 -22.04
CA VAL C 98 11.12 -33.76 -20.66
C VAL C 98 12.56 -34.28 -20.57
N ASP C 99 12.97 -35.07 -21.56
CA ASP C 99 14.22 -35.81 -21.48
C ASP C 99 15.42 -34.93 -21.83
N GLY C 100 15.17 -33.73 -22.34
CA GLY C 100 16.24 -32.78 -22.65
C GLY C 100 16.75 -32.88 -24.10
N ASN C 101 15.98 -33.57 -24.93
CA ASN C 101 16.17 -33.63 -26.38
C ASN C 101 15.57 -32.38 -27.02
N VAL C 102 16.31 -31.80 -27.98
CA VAL C 102 15.85 -30.63 -28.71
C VAL C 102 15.20 -31.12 -29.99
N LEU C 103 13.89 -30.93 -30.13
CA LEU C 103 13.14 -31.55 -31.20
C LEU C 103 13.16 -30.69 -32.46
N GLU C 104 13.22 -29.36 -32.30
CA GLU C 104 13.32 -28.40 -33.40
C GLU C 104 14.11 -27.18 -32.94
N MET C 105 14.58 -26.38 -33.90
CA MET C 105 15.03 -25.03 -33.60
C MET C 105 14.37 -24.09 -34.60
N ALA C 106 13.43 -23.27 -34.11
CA ALA C 106 12.41 -22.63 -34.94
C ALA C 106 12.98 -21.61 -35.92
N SER C 107 14.31 -21.39 -35.88
CA SER C 107 14.97 -20.39 -36.72
C SER C 107 16.17 -20.97 -37.46
N GLU C 108 16.33 -22.29 -37.39
CA GLU C 108 17.45 -23.01 -37.98
C GLU C 108 16.90 -24.03 -38.96
N PRO C 109 17.51 -24.21 -40.16
CA PRO C 109 17.09 -25.27 -41.09
C PRO C 109 17.40 -26.65 -40.49
N ALA C 110 16.55 -27.08 -39.54
CA ALA C 110 16.82 -28.18 -38.62
C ALA C 110 16.71 -29.52 -39.34
N ALA C 111 16.77 -29.50 -40.67
CA ALA C 111 16.65 -30.68 -41.51
C ALA C 111 18.02 -31.35 -41.69
N SER C 112 18.59 -31.87 -40.59
CA SER C 112 19.86 -32.61 -40.61
C SER C 112 20.26 -33.10 -39.21
N GLY C 113 21.57 -33.04 -38.90
CA GLY C 113 22.16 -33.65 -37.72
C GLY C 113 22.97 -32.70 -36.83
N MET C 114 22.37 -31.55 -36.47
CA MET C 114 22.73 -30.79 -35.27
C MET C 114 21.44 -30.36 -34.53
N VAL C 115 20.36 -31.17 -34.65
CA VAL C 115 19.18 -31.07 -33.80
C VAL C 115 19.18 -32.20 -32.75
N ASP C 116 19.78 -33.37 -33.08
CA ASP C 116 19.96 -34.48 -32.15
C ASP C 116 21.28 -34.33 -31.40
N LYS C 117 22.27 -33.72 -32.07
CA LYS C 117 23.60 -33.40 -31.56
C LYS C 117 23.51 -32.77 -30.18
N VAL C 118 22.40 -32.05 -29.93
CA VAL C 118 22.25 -31.24 -28.73
C VAL C 118 21.27 -31.94 -27.80
N LYS C 119 21.80 -32.37 -26.64
CA LYS C 119 20.99 -32.65 -25.45
C LYS C 119 21.10 -31.43 -24.54
N HIS C 120 20.23 -31.39 -23.52
CA HIS C 120 20.19 -30.32 -22.54
C HIS C 120 20.00 -30.94 -21.15
N THR C 121 20.74 -30.42 -20.15
CA THR C 121 20.82 -31.01 -18.82
C THR C 121 19.41 -31.26 -18.28
N ALA C 122 19.05 -32.53 -18.13
CA ALA C 122 17.72 -32.92 -17.70
C ALA C 122 17.79 -34.22 -16.92
N TYR C 123 17.17 -34.26 -15.75
CA TYR C 123 17.40 -35.38 -14.86
C TYR C 123 16.23 -36.35 -14.88
N PRO C 124 16.44 -37.66 -14.61
CA PRO C 124 15.32 -38.60 -14.57
C PRO C 124 14.42 -38.20 -13.40
N THR C 125 13.11 -38.46 -13.51
CA THR C 125 12.17 -38.00 -12.50
C THR C 125 11.09 -39.05 -12.23
N GLN C 126 10.54 -38.95 -11.03
CA GLN C 126 9.50 -39.85 -10.55
C GLN C 126 8.47 -39.02 -9.79
N GLU C 127 7.18 -39.32 -10.00
CA GLU C 127 6.12 -38.74 -9.18
C GLU C 127 5.82 -39.68 -8.03
N TRP C 128 5.63 -39.13 -6.82
CA TRP C 128 5.37 -40.02 -5.71
C TRP C 128 5.03 -39.22 -4.46
N ALA C 129 3.98 -39.66 -3.77
CA ALA C 129 3.43 -39.02 -2.58
C ALA C 129 3.57 -37.50 -2.65
N GLY C 130 2.94 -36.89 -3.66
CA GLY C 130 2.71 -35.46 -3.72
C GLY C 130 3.85 -34.63 -4.30
N MET C 131 4.92 -35.32 -4.71
CA MET C 131 6.18 -34.67 -4.99
C MET C 131 6.77 -35.16 -6.32
N VAL C 132 7.33 -34.21 -7.09
CA VAL C 132 8.20 -34.50 -8.21
C VAL C 132 9.59 -34.75 -7.65
N TRP C 133 10.12 -35.95 -7.85
CA TRP C 133 11.49 -36.29 -7.51
C TRP C 133 12.36 -36.32 -8.77
N ALA C 134 13.64 -35.93 -8.60
CA ALA C 134 14.66 -36.10 -9.62
C ALA C 134 15.90 -36.71 -9.00
N TYR C 135 16.65 -37.53 -9.77
CA TYR C 135 17.94 -38.01 -9.32
C TYR C 135 19.00 -37.19 -10.04
N MET C 136 19.78 -36.45 -9.26
CA MET C 136 20.59 -35.42 -9.87
C MET C 136 22.07 -35.77 -9.79
N GLY C 137 22.36 -36.97 -9.29
CA GLY C 137 23.71 -37.52 -9.32
C GLY C 137 24.06 -38.06 -10.71
N PRO C 138 25.25 -38.68 -10.87
CA PRO C 138 25.70 -39.16 -12.19
C PRO C 138 24.76 -40.24 -12.71
N LYS C 139 24.55 -40.22 -14.04
CA LYS C 139 23.61 -41.07 -14.76
C LYS C 139 23.55 -42.48 -14.14
N GLU C 140 24.66 -43.20 -14.20
CA GLU C 140 24.69 -44.64 -13.97
C GLU C 140 24.81 -44.99 -12.49
N THR C 141 24.58 -44.02 -11.60
CA THR C 141 24.51 -44.34 -10.19
C THR C 141 23.07 -44.23 -9.71
N MET C 142 22.14 -44.12 -10.65
CA MET C 142 20.74 -43.97 -10.32
C MET C 142 20.19 -45.31 -9.82
N PRO C 143 19.77 -45.43 -8.54
CA PRO C 143 19.07 -46.63 -8.06
C PRO C 143 17.58 -46.60 -8.37
N GLU C 144 17.03 -47.71 -8.87
CA GLU C 144 15.60 -47.80 -9.12
C GLU C 144 14.86 -47.35 -7.84
N PHE C 145 13.84 -46.50 -8.04
CA PHE C 145 13.24 -45.69 -6.99
C PHE C 145 12.43 -46.54 -6.04
N LEU C 146 12.93 -46.75 -4.81
CA LEU C 146 12.23 -47.50 -3.78
C LEU C 146 11.35 -46.54 -2.96
N PRO C 147 10.11 -46.94 -2.63
CA PRO C 147 9.28 -46.25 -1.63
C PRO C 147 9.99 -45.78 -0.35
N PRO C 148 9.95 -44.46 -0.06
CA PRO C 148 10.59 -43.93 1.15
C PRO C 148 9.77 -44.32 2.37
N ALA C 149 10.35 -44.15 3.56
CA ALA C 149 9.90 -44.84 4.76
C ALA C 149 8.64 -44.21 5.33
N TRP C 150 8.06 -43.25 4.61
CA TRP C 150 6.97 -42.43 5.12
C TRP C 150 5.80 -42.36 4.14
N ALA C 151 5.82 -43.24 3.15
CA ALA C 151 4.82 -43.24 2.09
C ALA C 151 4.74 -44.67 1.56
N PRO C 152 4.44 -45.66 2.43
CA PRO C 152 4.66 -47.07 2.12
C PRO C 152 4.19 -47.56 0.75
N THR C 153 2.98 -47.14 0.33
CA THR C 153 2.49 -47.18 -1.05
C THR C 153 1.34 -46.19 -1.23
N ALA C 154 1.00 -45.92 -2.51
CA ALA C 154 0.12 -44.83 -2.90
C ALA C 154 -1.34 -45.16 -2.59
N ASP C 155 -1.58 -45.85 -1.47
CA ASP C 155 -2.90 -45.97 -0.87
C ASP C 155 -2.87 -45.28 0.49
N THR C 156 -1.79 -44.53 0.73
CA THR C 156 -1.61 -43.72 1.92
C THR C 156 -1.95 -42.27 1.61
N ARG C 157 -2.50 -41.56 2.59
CA ARG C 157 -2.61 -40.12 2.46
C ARG C 157 -1.30 -39.51 2.92
N VAL C 158 -0.79 -38.59 2.09
CA VAL C 158 0.45 -37.90 2.35
C VAL C 158 0.15 -36.41 2.21
N SER C 159 0.04 -35.72 3.34
CA SER C 159 -0.32 -34.31 3.34
C SER C 159 0.92 -33.43 3.53
N ILE C 160 1.19 -32.52 2.58
CA ILE C 160 2.47 -31.82 2.68
C ILE C 160 2.28 -30.32 2.92
N ALA C 161 3.16 -29.79 3.77
CA ALA C 161 3.39 -28.37 3.91
C ALA C 161 4.80 -28.05 3.43
N LYS C 162 4.93 -27.14 2.47
CA LYS C 162 6.25 -26.75 1.99
C LYS C 162 6.51 -25.29 2.36
N VAL C 163 7.76 -25.00 2.69
CA VAL C 163 8.19 -23.69 3.13
C VAL C 163 9.59 -23.48 2.60
N LEU C 164 9.79 -22.46 1.76
CA LEU C 164 11.14 -22.09 1.36
C LEU C 164 11.77 -21.24 2.47
N LEU C 165 12.85 -21.77 3.07
CA LEU C 165 13.48 -21.18 4.24
C LEU C 165 14.85 -20.61 3.88
N PRO C 166 15.12 -19.32 4.22
CA PRO C 166 16.43 -18.72 3.98
C PRO C 166 17.54 -19.04 4.99
N CYS C 167 17.72 -20.33 5.31
CA CYS C 167 18.95 -20.71 5.99
C CYS C 167 19.41 -22.09 5.51
N ASN C 168 20.67 -22.41 5.83
CA ASN C 168 21.32 -23.63 5.38
C ASN C 168 20.55 -24.83 5.93
N TRP C 169 20.55 -25.94 5.17
CA TRP C 169 19.74 -27.13 5.46
C TRP C 169 20.00 -27.71 6.86
N ALA C 170 21.28 -27.68 7.30
CA ALA C 170 21.71 -28.51 8.41
C ALA C 170 21.04 -28.08 9.71
N GLN C 171 20.91 -26.79 9.95
CA GLN C 171 20.32 -26.34 11.21
C GLN C 171 18.83 -26.67 11.27
N ILE C 172 18.21 -26.92 10.09
CA ILE C 172 16.78 -27.21 9.96
C ILE C 172 16.54 -28.70 10.24
N LEU C 173 17.53 -29.54 9.95
CA LEU C 173 17.35 -30.92 10.34
C LEU C 173 17.65 -31.08 11.83
N GLU C 174 18.82 -30.59 12.25
CA GLU C 174 19.13 -30.54 13.66
C GLU C 174 17.84 -30.25 14.45
N GLY C 175 17.00 -29.36 13.93
CA GLY C 175 15.77 -28.98 14.62
C GLY C 175 14.78 -30.12 14.77
N ALA C 176 14.70 -30.97 13.74
CA ALA C 176 13.81 -32.13 13.70
C ALA C 176 14.27 -33.17 14.72
N ILE C 177 15.56 -33.45 14.77
CA ILE C 177 16.00 -34.55 15.61
C ILE C 177 16.35 -34.02 16.99
N ASP C 178 15.44 -33.33 17.66
CA ASP C 178 15.86 -32.70 18.90
C ASP C 178 14.66 -32.59 19.83
N SER C 179 14.44 -33.61 20.67
CA SER C 179 13.16 -33.73 21.39
C SER C 179 13.13 -32.73 22.54
N ALA C 180 14.33 -32.39 23.00
CA ALA C 180 14.55 -31.46 24.10
C ALA C 180 13.72 -30.18 23.93
N HIS C 181 13.41 -29.83 22.67
CA HIS C 181 12.94 -28.51 22.31
C HIS C 181 11.41 -28.41 22.39
N SER C 182 10.71 -29.55 22.19
CA SER C 182 9.27 -29.54 22.09
C SER C 182 8.61 -29.17 23.42
N SER C 183 9.35 -29.41 24.51
CA SER C 183 8.90 -29.24 25.88
C SER C 183 9.36 -27.91 26.45
N SER C 184 10.03 -27.10 25.61
CA SER C 184 10.40 -25.73 25.93
C SER C 184 9.73 -24.80 24.92
N LEU C 185 10.13 -24.87 23.65
CA LEU C 185 9.66 -23.94 22.61
C LEU C 185 8.18 -24.16 22.34
N HIS C 186 7.81 -25.40 21.97
CA HIS C 186 6.43 -25.73 21.61
C HIS C 186 5.61 -25.95 22.88
N SER C 187 6.04 -25.35 24.00
CA SER C 187 5.50 -25.62 25.32
C SER C 187 3.99 -25.41 25.34
N SER C 188 3.47 -24.48 24.53
CA SER C 188 2.05 -24.19 24.60
C SER C 188 1.28 -24.83 23.45
N ASP C 189 1.87 -25.84 22.81
CA ASP C 189 1.21 -26.64 21.77
C ASP C 189 1.30 -28.12 22.17
N MET C 190 2.52 -28.57 22.46
CA MET C 190 2.89 -29.94 22.84
C MET C 190 3.05 -30.03 24.37
N ARG C 207 0.73 -35.53 24.78
CA ARG C 207 1.91 -36.16 25.47
C ARG C 207 1.54 -36.45 26.94
N PRO C 208 1.67 -37.72 27.42
CA PRO C 208 1.47 -38.05 28.83
C PRO C 208 2.69 -37.84 29.72
N SER C 209 3.25 -36.63 29.67
CA SER C 209 4.42 -36.23 30.44
C SER C 209 4.48 -34.70 30.57
N THR C 210 5.21 -34.24 31.59
CA THR C 210 5.52 -32.82 31.76
C THR C 210 7.03 -32.64 31.85
N ASP C 211 7.75 -33.78 31.81
CA ASP C 211 9.20 -33.86 31.85
C ASP C 211 9.81 -33.20 30.62
N LYS C 212 10.82 -32.35 30.85
CA LYS C 212 11.47 -31.57 29.81
C LYS C 212 12.92 -32.03 29.65
N ALA C 213 13.37 -32.87 30.59
CA ALA C 213 14.76 -33.29 30.67
C ALA C 213 14.87 -34.80 30.50
N PRO C 214 14.85 -35.33 29.25
CA PRO C 214 14.79 -36.77 29.00
C PRO C 214 16.12 -37.43 28.61
N ARG C 215 16.45 -38.56 29.27
CA ARG C 215 17.61 -39.38 28.90
C ARG C 215 17.48 -39.80 27.45
N MET C 216 18.53 -39.53 26.67
CA MET C 216 18.55 -39.93 25.26
C MET C 216 19.37 -41.21 25.12
N GLN C 217 19.05 -42.01 24.09
CA GLN C 217 19.92 -43.08 23.62
C GLN C 217 20.01 -42.98 22.11
N VAL C 218 21.08 -43.52 21.53
CA VAL C 218 21.25 -43.47 20.09
C VAL C 218 21.72 -44.84 19.62
N GLN C 219 21.16 -45.33 18.52
CA GLN C 219 21.79 -46.45 17.83
C GLN C 219 22.00 -46.07 16.38
N ARG C 220 23.26 -46.18 15.94
CA ARG C 220 23.62 -45.96 14.55
C ARG C 220 23.08 -47.09 13.71
N THR C 221 22.75 -46.80 12.45
CA THR C 221 22.48 -47.83 11.48
C THR C 221 23.26 -47.50 10.20
N GLY C 222 22.93 -48.21 9.12
CA GLY C 222 23.51 -47.95 7.81
C GLY C 222 22.84 -46.77 7.11
N TYR C 223 21.57 -46.51 7.46
CA TYR C 223 20.75 -45.49 6.81
C TYR C 223 20.84 -44.15 7.54
N GLY C 224 21.29 -44.19 8.79
CA GLY C 224 21.32 -43.02 9.66
C GLY C 224 21.43 -43.51 11.10
N PHE C 225 20.64 -42.90 11.99
CA PHE C 225 20.53 -43.39 13.36
C PHE C 225 19.12 -43.29 13.90
N ARG C 226 18.79 -44.21 14.83
CA ARG C 226 17.61 -44.09 15.66
C ARG C 226 18.07 -43.55 17.00
N TYR C 227 17.18 -42.83 17.67
CA TYR C 227 17.39 -42.58 19.09
C TYR C 227 16.04 -42.52 19.80
N ALA C 228 16.12 -42.62 21.13
CA ALA C 228 14.95 -42.59 21.97
C ALA C 228 15.11 -41.45 22.96
N ALA C 229 14.05 -40.65 23.08
CA ALA C 229 13.85 -39.76 24.21
C ALA C 229 13.05 -40.52 25.25
N LEU C 230 13.48 -40.41 26.52
CA LEU C 230 12.76 -41.08 27.59
C LEU C 230 12.31 -40.06 28.65
N ARG C 231 10.99 -39.84 28.71
CA ARG C 231 10.41 -39.08 29.80
C ARG C 231 9.83 -40.05 30.82
N ARG C 232 9.90 -39.65 32.10
CA ARG C 232 9.19 -40.33 33.17
C ARG C 232 7.69 -40.09 32.95
N PRO C 233 6.85 -41.15 32.85
CA PRO C 233 5.42 -40.99 32.56
C PRO C 233 4.74 -40.28 33.73
N LEU C 234 3.67 -39.54 33.43
CA LEU C 234 2.97 -38.77 34.45
C LEU C 234 2.54 -39.67 35.61
N SER C 235 2.36 -40.97 35.35
CA SER C 235 1.98 -41.93 36.37
C SER C 235 2.71 -43.27 36.19
N ASN C 236 2.97 -43.92 37.34
CA ASN C 236 3.60 -45.23 37.39
C ASN C 236 5.04 -45.12 36.93
N ALA C 237 5.74 -44.11 37.47
CA ALA C 237 7.04 -43.66 37.00
C ALA C 237 8.18 -44.60 37.43
N ALA C 238 7.86 -45.61 38.27
CA ALA C 238 8.86 -46.40 38.96
C ALA C 238 9.59 -47.38 38.04
N GLU C 239 8.85 -48.03 37.12
CA GLU C 239 9.41 -49.09 36.28
C GLU C 239 8.96 -48.94 34.82
N ASN C 240 8.29 -47.83 34.50
CA ASN C 240 7.87 -47.49 33.15
C ASN C 240 8.49 -46.17 32.71
N ASP C 241 8.87 -46.09 31.43
CA ASP C 241 9.28 -44.84 30.79
C ASP C 241 8.41 -44.61 29.56
N TYR C 242 8.11 -43.34 29.27
CA TYR C 242 7.43 -42.99 28.04
C TYR C 242 8.49 -42.68 26.98
N VAL C 243 8.50 -43.55 25.96
CA VAL C 243 9.50 -43.57 24.91
C VAL C 243 8.98 -42.76 23.73
N ARG C 244 9.79 -41.80 23.27
CA ARG C 244 9.56 -41.11 22.03
C ARG C 244 10.72 -41.43 21.10
N SER C 245 10.45 -42.06 19.96
CA SER C 245 11.56 -42.46 19.13
C SER C 245 11.53 -41.73 17.79
N THR C 246 12.67 -41.12 17.45
CA THR C 246 12.89 -40.37 16.23
C THR C 246 13.92 -41.08 15.37
N VAL C 247 13.72 -41.05 14.05
CA VAL C 247 14.64 -41.72 13.16
C VAL C 247 15.23 -40.74 12.15
N PHE C 248 16.54 -40.59 12.20
CA PHE C 248 17.27 -39.82 11.22
C PHE C 248 17.61 -40.72 10.04
N VAL C 249 17.01 -40.45 8.87
CA VAL C 249 17.42 -41.09 7.63
C VAL C 249 18.24 -40.06 6.84
N ALA C 250 19.52 -40.35 6.57
CA ALA C 250 20.40 -39.35 5.96
C ALA C 250 20.03 -39.16 4.49
N PRO C 251 20.37 -38.00 3.87
CA PRO C 251 21.09 -36.92 4.56
C PRO C 251 20.19 -36.02 5.41
N ALA C 252 18.95 -35.75 4.97
CA ALA C 252 18.12 -34.81 5.73
C ALA C 252 16.65 -35.23 5.79
N THR C 253 16.40 -36.49 6.08
CA THR C 253 15.05 -36.90 6.45
C THR C 253 15.01 -37.14 7.97
N ALA C 254 13.88 -36.78 8.58
CA ALA C 254 13.61 -37.17 9.95
C ALA C 254 12.23 -37.82 9.99
N LEU C 255 12.13 -38.96 10.68
CA LEU C 255 10.84 -39.52 11.02
C LEU C 255 10.57 -39.16 12.48
N ILE C 256 9.45 -38.48 12.70
CA ILE C 256 9.19 -37.84 13.98
C ILE C 256 8.11 -38.60 14.74
N PRO C 257 8.26 -38.70 16.08
CA PRO C 257 7.35 -39.47 16.92
C PRO C 257 5.90 -39.18 16.54
N PRO C 258 5.04 -40.19 16.25
CA PRO C 258 3.73 -39.95 15.63
C PRO C 258 2.77 -39.41 16.68
N ASN C 259 1.48 -39.35 16.35
CA ASN C 259 0.47 -39.16 17.37
C ASN C 259 -0.46 -40.38 17.37
N ASN C 260 -1.69 -40.17 17.84
CA ASN C 260 -2.69 -41.22 17.91
C ASN C 260 -3.16 -41.64 16.52
N LEU C 261 -3.15 -40.72 15.55
CA LEU C 261 -3.96 -40.94 14.37
C LEU C 261 -3.14 -40.95 13.08
N TYR C 262 -2.01 -40.24 13.10
CA TYR C 262 -1.16 -40.14 11.92
C TYR C 262 0.31 -40.00 12.32
N ASN C 263 1.18 -40.18 11.32
CA ASN C 263 2.61 -40.06 11.53
C ASN C 263 3.07 -38.73 10.97
N VAL C 264 4.31 -38.39 11.35
CA VAL C 264 4.95 -37.14 10.99
C VAL C 264 6.30 -37.43 10.32
N ALA C 265 6.71 -36.51 9.43
CA ALA C 265 7.91 -36.67 8.61
C ALA C 265 8.45 -35.30 8.18
N ASN C 266 9.77 -35.13 8.29
CA ASN C 266 10.46 -33.95 7.80
C ASN C 266 11.49 -34.39 6.76
N ILE C 267 11.39 -33.85 5.54
CA ILE C 267 12.51 -33.98 4.63
C ILE C 267 12.88 -32.57 4.16
N ASN C 268 14.18 -32.28 4.15
CA ASN C 268 14.67 -30.97 3.79
C ASN C 268 15.55 -31.15 2.55
N VAL C 269 15.35 -30.33 1.53
CA VAL C 269 16.24 -30.36 0.38
C VAL C 269 17.00 -29.05 0.28
N PRO C 270 18.34 -29.09 0.28
CA PRO C 270 19.12 -27.86 0.15
C PRO C 270 18.92 -27.24 -1.24
N MET C 271 18.42 -26.00 -1.25
CA MET C 271 18.36 -25.28 -2.50
C MET C 271 19.76 -24.83 -2.83
N ASP C 272 20.50 -24.50 -1.77
CA ASP C 272 21.88 -24.07 -1.86
C ASP C 272 22.47 -23.93 -0.46
N ASP C 273 23.67 -23.35 -0.39
CA ASP C 273 24.42 -23.19 0.83
C ASP C 273 23.61 -22.43 1.88
N THR C 274 22.70 -21.54 1.46
CA THR C 274 22.04 -20.69 2.45
C THR C 274 20.51 -20.68 2.32
N ASN C 275 19.95 -21.68 1.63
CA ASN C 275 18.50 -21.82 1.60
C ASN C 275 18.16 -23.29 1.52
N THR C 276 16.99 -23.63 2.07
CA THR C 276 16.47 -24.98 2.04
C THR C 276 14.98 -24.93 1.68
N ALA C 277 14.52 -25.98 0.98
CA ALA C 277 13.10 -26.28 0.89
C ALA C 277 12.73 -27.27 2.00
N PHE C 278 11.82 -26.83 2.88
CA PHE C 278 11.40 -27.56 4.06
C PHE C 278 10.06 -28.22 3.75
N TYR C 279 10.07 -29.55 3.66
CA TYR C 279 8.85 -30.31 3.47
C TYR C 279 8.47 -31.04 4.76
N PHE C 280 7.27 -30.73 5.27
CA PHE C 280 6.83 -31.29 6.53
C PHE C 280 5.49 -31.99 6.31
N ILE C 281 5.44 -33.29 6.65
CA ILE C 281 4.42 -34.20 6.14
C ILE C 281 3.59 -34.81 7.26
N ALA C 282 2.26 -34.86 7.06
CA ALA C 282 1.36 -35.74 7.80
C ALA C 282 1.01 -36.94 6.93
N TRP C 283 1.09 -38.15 7.50
CA TRP C 283 0.86 -39.34 6.69
C TRP C 283 0.30 -40.50 7.53
N GLY C 284 -0.62 -41.27 6.92
CA GLY C 284 -1.28 -42.40 7.59
C GLY C 284 -2.53 -42.83 6.84
N HIS C 285 -3.51 -43.40 7.57
CA HIS C 285 -4.73 -43.84 6.92
C HIS C 285 -5.59 -42.64 6.47
N PRO C 286 -5.98 -42.59 5.16
CA PRO C 286 -6.84 -41.53 4.62
C PRO C 286 -7.96 -40.97 5.50
N SER C 287 -8.44 -41.77 6.45
CA SER C 287 -9.54 -41.30 7.27
C SER C 287 -9.07 -41.04 8.70
N GLN C 288 -7.79 -40.70 8.89
CA GLN C 288 -7.22 -40.47 10.20
C GLN C 288 -6.09 -39.44 10.11
N THR C 289 -5.80 -39.04 8.86
CA THR C 289 -4.75 -38.13 8.46
C THR C 289 -5.39 -36.91 7.82
N PRO C 290 -5.04 -35.67 8.26
CA PRO C 290 -5.62 -34.44 7.71
C PRO C 290 -5.47 -34.32 6.19
N GLU C 291 -6.29 -33.47 5.56
CA GLU C 291 -6.09 -33.13 4.16
C GLU C 291 -5.03 -32.05 4.07
N THR C 292 -4.58 -31.78 2.84
CA THR C 292 -3.53 -30.79 2.62
C THR C 292 -3.87 -29.49 3.36
N GLU C 293 -5.03 -28.92 3.01
CA GLU C 293 -5.40 -27.58 3.44
C GLU C 293 -5.52 -27.50 4.96
N THR C 294 -5.89 -28.61 5.59
CA THR C 294 -6.10 -28.68 7.02
C THR C 294 -4.75 -28.57 7.74
N TRP C 295 -3.84 -29.47 7.37
CA TRP C 295 -2.44 -29.42 7.77
C TRP C 295 -1.94 -27.98 7.77
N ARG C 296 -1.98 -27.38 6.57
CA ARG C 296 -1.42 -26.06 6.32
C ARG C 296 -2.04 -25.04 7.26
N LYS C 297 -3.37 -25.14 7.47
CA LYS C 297 -4.04 -24.24 8.40
C LYS C 297 -3.63 -24.57 9.83
N PHE C 298 -3.31 -25.83 10.09
CA PHE C 298 -2.96 -26.16 11.46
C PHE C 298 -1.55 -25.69 11.75
N LEU C 299 -0.69 -25.74 10.74
CA LEU C 299 0.71 -25.41 10.93
C LEU C 299 0.93 -23.92 10.69
N ARG C 300 -0.13 -23.21 10.26
CA ARG C 300 -0.10 -21.89 9.62
C ARG C 300 1.02 -21.84 8.58
N GLN C 301 0.92 -22.69 7.55
CA GLN C 301 1.81 -22.66 6.40
C GLN C 301 0.99 -22.70 5.12
N THR C 302 -0.10 -21.91 5.10
CA THR C 302 -1.03 -21.79 4.00
C THR C 302 -0.55 -20.73 3.00
N VAL C 303 -0.47 -21.17 1.73
CA VAL C 303 -0.11 -20.29 0.62
C VAL C 303 -1.20 -19.23 0.50
N GLY C 304 -0.80 -17.97 0.66
CA GLY C 304 -1.73 -16.87 0.45
C GLY C 304 -2.17 -16.23 1.76
N VAL C 305 -1.91 -16.90 2.88
CA VAL C 305 -2.01 -16.21 4.16
C VAL C 305 -0.63 -16.13 4.82
N ASP C 306 0.05 -17.27 4.97
CA ASP C 306 1.35 -17.31 5.65
C ASP C 306 2.49 -17.19 4.64
N LEU C 307 2.35 -17.81 3.47
CA LEU C 307 3.43 -17.85 2.50
C LEU C 307 3.00 -17.11 1.24
N ASP C 308 3.97 -16.57 0.52
CA ASP C 308 3.67 -15.98 -0.77
C ASP C 308 3.50 -17.11 -1.78
N GLN C 309 3.33 -16.73 -3.05
CA GLN C 309 3.12 -17.62 -4.19
C GLN C 309 4.15 -18.74 -4.23
N ASN C 310 5.34 -18.50 -3.67
CA ASN C 310 6.45 -19.46 -3.79
C ASN C 310 6.79 -20.08 -2.45
N TYR C 311 5.83 -20.12 -1.52
CA TYR C 311 6.02 -20.90 -0.31
C TYR C 311 7.12 -20.26 0.52
N ARG C 312 7.43 -19.01 0.21
CA ARG C 312 8.31 -18.20 1.06
C ARG C 312 7.47 -17.58 2.17
N PRO C 313 7.91 -17.65 3.45
CA PRO C 313 7.09 -17.21 4.58
C PRO C 313 7.10 -15.69 4.74
N LEU C 314 5.94 -15.17 5.16
CA LEU C 314 5.69 -13.74 5.30
C LEU C 314 6.24 -13.29 6.65
N ARG C 315 6.30 -14.21 7.63
CA ARG C 315 7.00 -13.94 8.87
C ARG C 315 8.49 -13.99 8.58
N ASN C 316 9.23 -13.02 9.11
CA ASN C 316 10.67 -12.88 8.86
C ASN C 316 11.26 -12.08 10.01
N GLU C 317 12.56 -11.78 9.96
CA GLU C 317 13.19 -11.09 11.08
C GLU C 317 12.67 -9.67 11.20
N ALA C 318 12.30 -9.08 10.06
CA ALA C 318 11.92 -7.68 9.99
C ALA C 318 10.66 -7.45 10.83
N ASN C 319 9.72 -8.40 10.77
CA ASN C 319 8.45 -8.32 11.49
C ASN C 319 8.47 -9.23 12.71
N LYS C 320 9.65 -9.57 13.22
CA LYS C 320 9.82 -10.35 14.44
C LYS C 320 8.94 -11.62 14.44
N PHE C 321 8.78 -12.21 13.24
CA PHE C 321 7.93 -13.37 12.95
C PHE C 321 6.52 -13.25 13.54
N TRP C 322 6.06 -12.01 13.68
CA TRP C 322 4.73 -11.65 14.18
C TRP C 322 4.60 -11.97 15.66
N GLN C 323 5.74 -12.08 16.35
CA GLN C 323 5.74 -12.27 17.79
C GLN C 323 4.79 -11.27 18.45
N ASP C 324 3.79 -11.81 19.14
CA ASP C 324 2.84 -10.97 19.81
C ASP C 324 3.24 -10.85 21.27
N ARG C 325 3.76 -9.69 21.65
CA ARG C 325 4.39 -9.57 22.95
C ARG C 325 3.38 -9.72 24.08
N ASN C 326 2.14 -9.25 23.83
CA ASN C 326 1.04 -9.37 24.76
C ASN C 326 0.67 -10.83 24.96
N ALA C 327 0.44 -11.55 23.84
CA ALA C 327 0.08 -12.96 23.89
C ALA C 327 1.01 -13.70 24.85
N MET C 328 2.30 -13.35 24.80
CA MET C 328 3.32 -13.92 25.67
C MET C 328 3.07 -13.52 27.12
N LYS C 329 2.82 -12.22 27.37
CA LYS C 329 2.55 -11.72 28.70
C LYS C 329 1.28 -12.39 29.21
N ALA C 330 0.44 -12.83 28.27
CA ALA C 330 -0.77 -13.59 28.56
C ALA C 330 -0.43 -15.05 28.90
N GLY C 331 0.71 -15.57 28.45
CA GLY C 331 1.13 -16.86 28.97
C GLY C 331 1.29 -17.93 27.88
N ASN C 332 0.85 -17.60 26.66
CA ASN C 332 1.28 -18.36 25.50
C ASN C 332 2.76 -18.07 25.28
N PHE C 333 3.56 -19.14 25.35
CA PHE C 333 5.01 -19.12 25.52
C PHE C 333 5.73 -18.29 24.45
N THR C 334 5.56 -18.63 23.16
CA THR C 334 6.40 -18.01 22.16
C THR C 334 5.76 -16.76 21.56
N GLY C 335 4.43 -16.68 21.63
CA GLY C 335 3.75 -15.53 21.06
C GLY C 335 3.84 -15.50 19.54
N ILE C 336 4.29 -16.63 18.96
CA ILE C 336 4.29 -16.88 17.53
C ILE C 336 3.28 -17.99 17.27
N THR C 337 2.58 -17.94 16.14
CA THR C 337 1.48 -18.88 15.92
C THR C 337 1.83 -19.85 14.80
N GLY C 338 1.33 -21.08 14.94
CA GLY C 338 1.74 -22.25 14.16
C GLY C 338 3.13 -22.73 14.58
N PHE C 339 3.21 -23.96 15.14
CA PHE C 339 4.42 -24.50 15.76
C PHE C 339 5.63 -24.57 14.80
N PRO C 340 5.51 -24.90 13.49
CA PRO C 340 6.64 -24.76 12.57
C PRO C 340 7.26 -23.36 12.55
N ASN C 341 6.45 -22.31 12.67
CA ASN C 341 6.95 -20.93 12.66
C ASN C 341 7.71 -20.59 13.94
N GLN C 342 7.31 -21.18 15.07
CA GLN C 342 8.07 -21.06 16.29
C GLN C 342 9.51 -21.52 16.01
N ASP C 343 9.63 -22.55 15.16
CA ASP C 343 10.88 -23.19 14.82
C ASP C 343 11.66 -22.28 13.88
N VAL C 344 11.03 -21.93 12.75
CA VAL C 344 11.64 -21.04 11.77
C VAL C 344 12.37 -19.91 12.51
N ALA C 345 11.64 -19.18 13.38
CA ALA C 345 12.16 -18.07 14.16
C ALA C 345 13.52 -18.41 14.75
N MET C 346 13.60 -19.53 15.47
CA MET C 346 14.87 -19.89 16.09
C MET C 346 15.93 -20.07 15.02
N TRP C 347 15.63 -20.90 14.03
CA TRP C 347 16.60 -21.36 13.06
C TRP C 347 17.22 -20.21 12.28
N LEU C 348 16.37 -19.28 11.81
CA LEU C 348 16.81 -18.18 10.98
C LEU C 348 17.70 -17.24 11.78
N THR C 349 17.31 -16.97 13.03
CA THR C 349 17.97 -15.94 13.81
C THR C 349 19.37 -16.36 14.24
N MET C 350 19.70 -17.64 14.01
CA MET C 350 21.06 -18.14 14.16
C MET C 350 21.90 -17.69 12.98
N GLY C 351 21.23 -17.32 11.89
CA GLY C 351 21.89 -16.84 10.68
C GLY C 351 22.15 -17.93 9.63
N PRO C 352 22.33 -17.56 8.34
CA PRO C 352 22.30 -18.48 7.21
C PRO C 352 22.97 -19.86 7.37
N ILE C 353 24.21 -19.88 7.84
CA ILE C 353 24.83 -21.13 8.24
C ILE C 353 25.20 -21.01 9.71
N ALA C 354 24.46 -21.69 10.59
CA ALA C 354 24.82 -21.63 12.00
C ALA C 354 26.32 -21.94 12.14
N ASP C 355 27.09 -21.01 12.73
CA ASP C 355 28.50 -21.22 13.05
C ASP C 355 28.56 -22.16 14.24
N ARG C 356 28.60 -23.46 13.98
CA ARG C 356 28.47 -24.48 15.01
C ARG C 356 29.64 -24.38 15.98
N THR C 357 30.62 -23.54 15.62
CA THR C 357 31.86 -23.41 16.35
C THR C 357 31.66 -22.72 17.70
N HIS C 358 30.62 -21.89 17.80
CA HIS C 358 30.31 -21.24 19.05
C HIS C 358 29.20 -22.00 19.79
N ASP C 359 28.98 -23.27 19.44
CA ASP C 359 27.96 -24.06 20.13
C ASP C 359 28.49 -24.49 21.50
N ARG C 360 27.60 -24.54 22.48
CA ARG C 360 27.94 -25.06 23.80
C ARG C 360 26.88 -26.09 24.18
N LEU C 361 27.11 -27.36 23.84
CA LEU C 361 26.05 -28.36 23.93
C LEU C 361 26.02 -29.02 25.31
N GLY C 362 24.93 -29.75 25.58
CA GLY C 362 24.74 -30.50 26.82
C GLY C 362 24.16 -31.88 26.54
N ALA C 363 23.52 -32.50 27.54
CA ALA C 363 22.98 -33.84 27.38
C ALA C 363 21.88 -33.86 26.31
N SER C 364 21.14 -32.75 26.23
CA SER C 364 19.92 -32.68 25.45
C SER C 364 20.23 -32.68 23.96
N ASP C 365 21.50 -32.44 23.60
CA ASP C 365 21.82 -32.36 22.18
C ASP C 365 22.54 -33.63 21.71
N LEU C 366 22.37 -34.71 22.48
CA LEU C 366 23.10 -35.95 22.25
C LEU C 366 22.87 -36.42 20.81
N ALA C 367 21.64 -36.20 20.33
CA ALA C 367 21.21 -36.65 19.01
C ALA C 367 21.91 -35.82 17.92
N ILE C 368 21.97 -34.51 18.15
CA ILE C 368 22.54 -33.59 17.18
C ILE C 368 24.03 -33.86 17.06
N VAL C 369 24.66 -34.25 18.17
CA VAL C 369 26.07 -34.61 18.11
C VAL C 369 26.23 -35.86 17.27
N GLU C 370 25.29 -36.80 17.42
CA GLU C 370 25.34 -38.02 16.63
C GLU C 370 25.24 -37.63 15.15
N PHE C 371 24.27 -36.77 14.84
CA PHE C 371 24.09 -36.30 13.48
C PHE C 371 25.39 -35.71 12.95
N ARG C 372 26.03 -34.86 13.75
CA ARG C 372 27.23 -34.19 13.28
C ARG C 372 28.28 -35.24 12.93
N LYS C 373 28.64 -36.10 13.91
CA LYS C 373 29.71 -37.08 13.76
C LYS C 373 29.44 -37.94 12.53
N GLN C 374 28.24 -38.54 12.49
CA GLN C 374 27.91 -39.47 11.43
C GLN C 374 28.17 -38.81 10.07
N MET C 375 27.66 -37.59 9.87
CA MET C 375 27.64 -37.02 8.55
C MET C 375 29.05 -36.63 8.13
N LEU C 376 29.80 -36.08 9.08
CA LEU C 376 31.18 -35.71 8.83
C LEU C 376 31.98 -36.94 8.40
N ASP C 377 31.77 -38.08 9.08
CA ASP C 377 32.48 -39.30 8.72
C ASP C 377 32.00 -39.77 7.36
N ALA C 378 30.68 -39.79 7.17
CA ALA C 378 30.09 -40.41 6.00
C ALA C 378 30.52 -39.65 4.75
N VAL C 379 30.93 -38.39 4.94
CA VAL C 379 31.27 -37.58 3.79
C VAL C 379 32.77 -37.69 3.53
N LYS C 380 33.57 -37.88 4.58
CA LYS C 380 34.99 -38.13 4.39
C LYS C 380 35.14 -39.52 3.79
N ALA C 381 34.29 -40.44 4.25
CA ALA C 381 34.27 -41.80 3.75
C ALA C 381 33.87 -41.78 2.27
N PHE C 382 32.82 -41.00 1.96
CA PHE C 382 32.29 -40.96 0.61
C PHE C 382 33.37 -40.42 -0.30
N GLU C 383 34.03 -39.36 0.19
CA GLU C 383 35.03 -38.65 -0.58
C GLU C 383 36.22 -39.54 -0.87
N GLN C 384 36.37 -40.62 -0.10
CA GLN C 384 37.51 -41.48 -0.31
C GLN C 384 37.09 -42.83 -0.89
N GLY C 385 35.82 -42.94 -1.31
CA GLY C 385 35.38 -44.04 -2.16
C GLY C 385 34.48 -45.06 -1.45
N ALA C 386 34.07 -44.77 -0.21
CA ALA C 386 33.06 -45.59 0.42
C ALA C 386 31.69 -45.31 -0.22
N PRO C 387 30.73 -46.27 -0.27
CA PRO C 387 29.33 -45.96 -0.61
C PRO C 387 28.70 -44.85 0.22
N ALA C 388 27.93 -43.98 -0.46
CA ALA C 388 27.22 -42.86 0.16
C ALA C 388 26.16 -43.37 1.12
N ILE C 389 26.21 -42.85 2.35
CA ILE C 389 25.45 -43.34 3.50
C ILE C 389 24.01 -43.70 3.14
N GLY C 390 23.59 -44.90 3.54
CA GLY C 390 22.23 -45.37 3.33
C GLY C 390 21.84 -45.49 1.86
N THR C 391 22.71 -46.10 1.05
CA THR C 391 22.40 -46.46 -0.33
C THR C 391 22.80 -47.92 -0.61
N GLY C 392 22.26 -48.46 -1.71
CA GLY C 392 22.36 -49.89 -1.99
C GLY C 392 21.72 -50.71 -0.87
N VAL C 393 22.36 -51.81 -0.51
CA VAL C 393 21.87 -52.78 0.47
C VAL C 393 21.51 -52.10 1.80
N GLU C 394 21.93 -50.83 1.97
CA GLU C 394 22.07 -50.18 3.26
C GLU C 394 20.84 -49.35 3.64
N ALA C 395 20.04 -49.01 2.61
CA ALA C 395 18.93 -48.05 2.65
C ALA C 395 17.94 -48.32 3.78
N ALA C 396 17.13 -47.30 4.08
CA ALA C 396 15.99 -47.46 4.96
C ALA C 396 14.84 -48.00 4.13
N THR C 397 13.84 -48.61 4.78
CA THR C 397 12.65 -49.11 4.12
C THR C 397 11.45 -48.74 4.98
N PRO C 398 10.21 -48.88 4.48
CA PRO C 398 9.01 -48.64 5.29
C PRO C 398 8.93 -49.53 6.54
N THR C 399 9.94 -50.37 6.78
CA THR C 399 10.03 -51.18 8.00
C THR C 399 10.60 -50.31 9.12
N VAL C 400 11.05 -49.11 8.75
CA VAL C 400 11.63 -48.14 9.68
C VAL C 400 10.57 -47.07 9.93
N CYS C 401 10.27 -46.80 11.21
CA CYS C 401 9.28 -45.79 11.56
C CYS C 401 9.55 -45.21 12.95
N SER C 402 9.05 -44.00 13.18
CA SER C 402 9.11 -43.42 14.50
C SER C 402 7.96 -44.02 15.32
N PHE C 403 8.11 -44.03 16.65
CA PHE C 403 7.05 -44.56 17.48
C PHE C 403 7.09 -43.91 18.86
N GLN C 404 5.94 -43.87 19.54
CA GLN C 404 5.88 -43.49 20.94
C GLN C 404 4.87 -44.35 21.69
N ALA C 405 5.29 -44.88 22.85
CA ALA C 405 4.37 -45.57 23.74
C ALA C 405 4.94 -45.53 25.14
N ILE C 406 4.16 -46.05 26.10
CA ILE C 406 4.61 -46.26 27.45
C ILE C 406 5.09 -47.72 27.54
N VAL C 407 6.38 -47.89 27.90
CA VAL C 407 7.08 -49.18 27.89
C VAL C 407 7.74 -49.37 29.26
N PRO C 408 7.85 -50.61 29.78
CA PRO C 408 8.69 -50.86 30.97
C PRO C 408 10.17 -50.66 30.63
N LYS C 409 10.96 -50.24 31.63
CA LYS C 409 12.40 -50.09 31.43
C LYS C 409 13.07 -51.47 31.39
N THR C 410 12.27 -52.54 31.35
CA THR C 410 12.79 -53.90 31.25
C THR C 410 12.52 -54.49 29.86
N THR C 411 12.06 -53.65 28.93
CA THR C 411 12.22 -53.97 27.52
C THR C 411 13.22 -52.99 26.92
N ASP C 412 14.03 -53.50 25.98
CA ASP C 412 14.93 -52.64 25.24
C ASP C 412 14.12 -51.89 24.18
N TRP C 413 14.22 -50.55 24.16
CA TRP C 413 13.42 -49.77 23.23
C TRP C 413 13.81 -50.12 21.79
N ARG C 414 15.10 -50.36 21.56
CA ARG C 414 15.58 -50.73 20.24
C ARG C 414 14.87 -51.98 19.77
N THR C 415 14.42 -52.78 20.73
CA THR C 415 13.94 -54.11 20.40
C THR C 415 12.44 -54.06 20.14
N TYR C 416 11.76 -53.07 20.72
CA TYR C 416 10.31 -52.88 20.63
C TYR C 416 9.85 -53.05 19.18
N ASP C 417 8.71 -53.74 19.01
CA ASP C 417 8.18 -54.07 17.70
C ASP C 417 6.96 -53.18 17.42
N ALA C 418 7.23 -51.90 17.10
CA ALA C 418 6.18 -50.95 16.73
C ALA C 418 6.22 -50.71 15.22
N HIS C 419 5.03 -50.53 14.63
CA HIS C 419 4.90 -50.20 13.22
C HIS C 419 4.17 -48.86 13.12
N TYR C 420 4.12 -48.29 11.91
CA TYR C 420 3.63 -46.93 11.74
C TYR C 420 2.12 -46.85 11.97
N VAL C 421 1.70 -45.91 12.81
CA VAL C 421 0.30 -45.64 13.11
C VAL C 421 -0.50 -45.70 11.80
N TRP C 422 -1.65 -46.39 11.84
CA TRP C 422 -2.50 -46.55 10.65
C TRP C 422 -3.97 -46.68 11.05
N LEU C 423 -4.31 -47.77 11.76
CA LEU C 423 -5.62 -48.05 12.34
C LEU C 423 -5.42 -48.98 13.54
N MET D 1 -31.31 36.37 -11.80
CA MET D 1 -31.61 35.50 -10.61
C MET D 1 -32.48 34.33 -11.05
N MET D 2 -32.04 33.10 -10.73
CA MET D 2 -32.76 31.90 -11.14
C MET D 2 -33.50 31.30 -9.95
N THR D 3 -34.56 30.54 -10.24
CA THR D 3 -35.28 29.81 -9.21
C THR D 3 -34.64 28.43 -9.04
N HIS D 4 -34.96 27.76 -7.92
CA HIS D 4 -34.46 26.42 -7.67
C HIS D 4 -35.04 25.45 -8.69
N GLU D 5 -36.31 25.68 -9.05
CA GLU D 5 -37.08 24.85 -9.98
C GLU D 5 -36.44 24.86 -11.36
N GLU D 6 -35.89 26.02 -11.75
CA GLU D 6 -35.30 26.20 -13.06
C GLU D 6 -34.00 25.42 -13.14
N ASN D 7 -33.18 25.55 -12.08
CA ASN D 7 -31.95 24.81 -11.91
C ASN D 7 -32.22 23.33 -12.01
N GLU D 8 -33.32 22.88 -11.38
CA GLU D 8 -33.72 21.48 -11.44
C GLU D 8 -34.13 21.11 -12.87
N LEU D 9 -34.86 22.01 -13.56
CA LEU D 9 -35.33 21.82 -14.93
C LEU D 9 -34.16 21.89 -15.91
N LEU D 10 -33.31 22.89 -15.72
CA LEU D 10 -32.14 23.04 -16.56
C LEU D 10 -31.26 21.80 -16.47
N CYS D 11 -31.17 21.21 -15.27
CA CYS D 11 -30.05 20.37 -14.86
C CYS D 11 -30.36 18.86 -14.91
N ARG D 12 -31.60 18.45 -14.59
CA ARG D 12 -31.86 17.03 -14.41
C ARG D 12 -32.07 16.37 -15.77
N VAL D 13 -31.64 15.09 -15.88
CA VAL D 13 -31.65 14.40 -17.15
C VAL D 13 -32.09 12.95 -17.02
N GLU D 14 -32.03 12.38 -15.81
CA GLU D 14 -32.46 11.00 -15.59
C GLU D 14 -33.98 10.90 -15.73
N GLY D 15 -34.43 9.78 -16.32
CA GLY D 15 -35.85 9.44 -16.45
C GLY D 15 -36.56 10.28 -17.50
N ASP D 16 -37.58 11.03 -17.06
CA ASP D 16 -38.45 11.82 -17.90
C ASP D 16 -38.06 13.29 -17.86
N ALA D 17 -37.05 13.62 -17.04
CA ALA D 17 -36.62 15.00 -16.86
C ALA D 17 -36.49 15.65 -18.22
N PRO D 18 -37.27 16.71 -18.50
CA PRO D 18 -37.29 17.34 -19.82
C PRO D 18 -35.93 17.47 -20.48
N MET D 19 -34.95 18.07 -19.79
CA MET D 19 -33.66 18.27 -20.41
C MET D 19 -33.10 16.95 -20.93
N GLY D 20 -33.42 15.87 -20.20
CA GLY D 20 -33.18 14.51 -20.64
C GLY D 20 -33.77 14.25 -22.02
N ARG D 21 -35.10 14.31 -22.13
CA ARG D 21 -35.76 13.95 -23.38
C ARG D 21 -35.26 14.85 -24.52
N LEU D 22 -34.87 16.09 -24.19
CA LEU D 22 -34.43 17.02 -25.21
C LEU D 22 -33.11 16.51 -25.79
N MET D 23 -32.15 16.31 -24.91
CA MET D 23 -30.81 15.88 -25.31
C MET D 23 -30.92 14.64 -26.19
N ARG D 24 -31.86 13.75 -25.85
CA ARG D 24 -31.86 12.43 -26.48
C ARG D 24 -32.31 12.55 -27.92
N ARG D 25 -32.57 13.79 -28.37
CA ARG D 25 -32.94 14.02 -29.76
C ARG D 25 -31.70 14.17 -30.64
N HIS D 26 -30.54 14.51 -30.05
CA HIS D 26 -29.30 14.57 -30.82
C HIS D 26 -28.60 13.21 -30.76
N TRP D 27 -27.62 13.03 -31.65
CA TRP D 27 -26.67 11.94 -31.47
C TRP D 27 -25.75 12.30 -30.32
N THR D 28 -25.39 11.28 -29.52
CA THR D 28 -24.63 11.41 -28.29
C THR D 28 -23.39 10.50 -28.32
N PRO D 29 -22.19 11.00 -27.96
CA PRO D 29 -21.05 10.12 -27.76
C PRO D 29 -21.28 9.24 -26.51
N ILE D 30 -21.11 7.92 -26.67
CA ILE D 30 -21.32 6.99 -25.58
C ILE D 30 -19.98 6.63 -24.93
N CYS D 31 -18.94 6.41 -25.76
CA CYS D 31 -17.60 6.15 -25.24
C CYS D 31 -16.61 6.20 -26.40
N LEU D 32 -15.31 6.11 -26.08
CA LEU D 32 -14.25 6.18 -27.07
C LEU D 32 -14.16 4.87 -27.85
N VAL D 33 -13.63 4.95 -29.06
CA VAL D 33 -13.49 3.78 -29.90
C VAL D 33 -12.37 2.92 -29.34
N GLU D 34 -11.36 3.57 -28.74
CA GLU D 34 -10.25 2.81 -28.18
C GLU D 34 -10.75 1.81 -27.15
N GLU D 35 -11.82 2.13 -26.41
CA GLU D 35 -12.33 1.26 -25.36
C GLU D 35 -12.86 -0.05 -25.92
N VAL D 36 -13.47 -0.02 -27.12
CA VAL D 36 -14.24 -1.16 -27.60
C VAL D 36 -13.33 -2.24 -28.17
N GLY D 37 -12.22 -1.80 -28.75
CA GLY D 37 -11.11 -2.65 -29.17
C GLY D 37 -11.33 -3.38 -30.50
N GLU D 38 -10.90 -4.64 -30.53
CA GLU D 38 -10.90 -5.48 -31.72
C GLU D 38 -12.27 -6.12 -31.91
N PRO D 39 -12.55 -6.71 -33.09
CA PRO D 39 -13.79 -7.47 -33.27
C PRO D 39 -13.71 -8.59 -32.25
N ASP D 40 -14.84 -8.86 -31.59
CA ASP D 40 -14.93 -9.86 -30.55
C ASP D 40 -14.20 -9.39 -29.29
N GLY D 41 -14.01 -8.08 -29.12
CA GLY D 41 -13.27 -7.52 -27.99
C GLY D 41 -14.12 -7.45 -26.72
N THR D 42 -13.46 -7.20 -25.58
CA THR D 42 -14.08 -7.16 -24.26
C THR D 42 -15.24 -6.17 -24.19
N PRO D 43 -16.40 -6.53 -23.56
CA PRO D 43 -17.50 -5.59 -23.40
C PRO D 43 -17.09 -4.42 -22.52
N VAL D 44 -17.56 -3.21 -22.87
CA VAL D 44 -17.32 -1.93 -22.20
C VAL D 44 -18.60 -1.53 -21.48
N LYS D 45 -18.47 -1.07 -20.23
CA LYS D 45 -19.61 -0.51 -19.53
C LYS D 45 -19.58 1.01 -19.67
N ALA D 46 -20.72 1.61 -20.03
CA ALA D 46 -20.84 3.06 -20.21
C ALA D 46 -22.24 3.48 -19.79
N ARG D 47 -22.43 4.79 -19.53
CA ARG D 47 -23.66 5.23 -18.89
C ARG D 47 -24.06 6.57 -19.49
N ALA D 48 -25.30 6.67 -19.98
CA ALA D 48 -25.84 7.92 -20.50
C ALA D 48 -27.27 8.13 -19.99
N PHE D 49 -27.54 9.38 -19.57
CA PHE D 49 -28.82 9.84 -19.04
C PHE D 49 -29.35 8.82 -18.04
N GLY D 50 -28.52 8.51 -17.04
CA GLY D 50 -28.89 7.65 -15.93
C GLY D 50 -29.31 6.25 -16.35
N GLU D 51 -28.85 5.81 -17.53
CA GLU D 51 -29.11 4.45 -17.98
C GLU D 51 -27.80 3.74 -18.28
N ASP D 52 -27.62 2.57 -17.64
CA ASP D 52 -26.45 1.72 -17.81
C ASP D 52 -26.49 1.00 -19.17
N LEU D 53 -25.33 0.84 -19.82
CA LEU D 53 -25.23 0.32 -21.18
C LEU D 53 -23.97 -0.54 -21.35
N VAL D 54 -24.09 -1.62 -22.16
CA VAL D 54 -22.95 -2.35 -22.69
C VAL D 54 -22.55 -1.71 -24.01
N VAL D 55 -21.27 -1.82 -24.35
CA VAL D 55 -20.81 -1.53 -25.71
C VAL D 55 -19.86 -2.68 -26.08
N PHE D 56 -20.12 -3.32 -27.21
CA PHE D 56 -19.23 -4.37 -27.68
C PHE D 56 -19.15 -4.28 -29.19
N ARG D 57 -18.01 -4.68 -29.75
CA ARG D 57 -17.84 -4.83 -31.19
C ARG D 57 -17.90 -6.31 -31.55
N ASP D 58 -18.86 -6.71 -32.39
CA ASP D 58 -19.01 -8.13 -32.66
C ASP D 58 -18.01 -8.59 -33.73
N SER D 59 -18.19 -9.84 -34.15
CA SER D 59 -17.29 -10.53 -35.06
C SER D 59 -17.26 -9.87 -36.44
N GLU D 60 -18.39 -9.26 -36.85
CA GLU D 60 -18.46 -8.56 -38.12
C GLU D 60 -17.82 -7.19 -37.95
N GLY D 61 -17.74 -6.72 -36.70
CA GLY D 61 -17.12 -5.45 -36.38
C GLY D 61 -18.16 -4.34 -36.20
N ARG D 62 -19.44 -4.74 -36.20
CA ARG D 62 -20.53 -3.87 -35.80
C ARG D 62 -20.40 -3.56 -34.31
N VAL D 63 -20.53 -2.28 -33.95
CA VAL D 63 -20.58 -1.88 -32.55
C VAL D 63 -22.03 -1.78 -32.14
N GLY D 64 -22.36 -2.30 -30.95
CA GLY D 64 -23.69 -2.17 -30.39
C GLY D 64 -23.68 -1.34 -29.09
N VAL D 65 -24.84 -0.76 -28.76
CA VAL D 65 -25.05 -0.12 -27.47
C VAL D 65 -26.40 -0.61 -26.93
N MET D 66 -26.36 -1.38 -25.84
CA MET D 66 -27.56 -1.97 -25.27
C MET D 66 -27.65 -1.62 -23.80
N ASP D 67 -28.85 -1.79 -23.24
CA ASP D 67 -29.05 -1.82 -21.81
C ASP D 67 -28.03 -2.81 -21.27
N GLU D 68 -27.45 -2.51 -20.09
CA GLU D 68 -26.41 -3.33 -19.50
C GLU D 68 -26.99 -4.67 -19.07
N TYR D 69 -28.27 -4.65 -18.66
CA TYR D 69 -28.86 -5.82 -18.01
C TYR D 69 -29.63 -6.67 -19.02
N CYS D 70 -29.28 -7.95 -19.00
CA CYS D 70 -29.87 -9.03 -19.77
C CYS D 70 -31.40 -9.02 -19.70
N PRO D 71 -32.09 -9.26 -20.84
CA PRO D 71 -33.56 -9.31 -20.87
C PRO D 71 -34.19 -10.53 -20.20
N HIS D 72 -33.36 -11.51 -19.80
CA HIS D 72 -33.82 -12.63 -18.98
C HIS D 72 -34.09 -12.17 -17.54
N ARG D 73 -33.06 -12.27 -16.68
CA ARG D 73 -33.17 -11.94 -15.25
C ARG D 73 -32.24 -10.81 -14.82
N ARG D 74 -31.90 -9.93 -15.76
CA ARG D 74 -31.31 -8.62 -15.50
C ARG D 74 -29.89 -8.74 -14.96
N ALA D 75 -29.22 -9.86 -15.27
CA ALA D 75 -27.78 -9.99 -15.03
C ALA D 75 -27.00 -9.04 -15.94
N SER D 76 -25.79 -8.65 -15.51
CA SER D 76 -25.00 -7.72 -16.28
C SER D 76 -24.39 -8.42 -17.51
N LEU D 77 -24.64 -7.82 -18.67
CA LEU D 77 -24.15 -8.34 -19.94
C LEU D 77 -22.66 -8.06 -20.08
N VAL D 78 -22.16 -7.08 -19.33
CA VAL D 78 -20.76 -6.71 -19.40
C VAL D 78 -19.85 -7.90 -19.13
N TYR D 79 -20.42 -8.96 -18.54
CA TYR D 79 -19.66 -10.14 -18.17
C TYR D 79 -19.77 -11.20 -19.27
N GLY D 80 -20.76 -11.06 -20.15
CA GLY D 80 -21.02 -12.02 -21.20
C GLY D 80 -19.83 -12.23 -22.15
N ARG D 81 -19.97 -13.23 -23.04
CA ARG D 81 -18.94 -13.53 -24.01
C ARG D 81 -19.31 -12.93 -25.37
N ASN D 82 -18.39 -12.12 -25.90
CA ASN D 82 -18.56 -11.43 -27.16
C ASN D 82 -17.88 -12.25 -28.26
N GLU D 83 -18.68 -13.03 -29.00
CA GLU D 83 -18.14 -13.95 -29.99
C GLU D 83 -19.26 -14.44 -30.90
N GLU D 84 -18.86 -14.65 -32.17
CA GLU D 84 -19.70 -15.31 -33.16
C GLU D 84 -20.94 -14.47 -33.36
N GLY D 85 -20.73 -13.15 -33.45
CA GLY D 85 -21.76 -12.22 -33.88
C GLY D 85 -22.75 -11.86 -32.78
N GLY D 86 -22.38 -12.14 -31.53
CA GLY D 86 -23.29 -11.87 -30.43
C GLY D 86 -22.58 -11.67 -29.09
N LEU D 87 -23.33 -11.11 -28.13
CA LEU D 87 -22.93 -11.11 -26.73
C LEU D 87 -23.85 -12.05 -25.94
N ARG D 88 -23.25 -13.06 -25.30
CA ARG D 88 -23.99 -14.09 -24.58
C ARG D 88 -23.79 -13.92 -23.07
N CYS D 89 -24.92 -13.76 -22.35
CA CYS D 89 -24.93 -13.63 -20.90
C CYS D 89 -24.36 -14.91 -20.25
N LEU D 90 -23.53 -14.75 -19.20
CA LEU D 90 -22.92 -15.89 -18.52
C LEU D 90 -23.96 -16.84 -17.94
N TYR D 91 -25.07 -16.30 -17.42
CA TYR D 91 -25.98 -16.97 -16.50
C TYR D 91 -26.71 -18.13 -17.18
N HIS D 92 -27.53 -17.80 -18.22
CA HIS D 92 -28.43 -18.75 -18.87
C HIS D 92 -28.13 -18.88 -20.36
N GLY D 93 -27.15 -18.12 -20.83
CA GLY D 93 -26.59 -18.33 -22.16
C GLY D 93 -27.42 -17.72 -23.29
N TRP D 94 -28.30 -16.77 -22.94
CA TRP D 94 -28.99 -15.94 -23.92
C TRP D 94 -27.99 -15.10 -24.73
N LYS D 95 -28.21 -14.95 -26.04
CA LYS D 95 -27.21 -14.29 -26.86
C LYS D 95 -27.87 -13.24 -27.78
N MET D 96 -27.61 -11.97 -27.47
CA MET D 96 -28.12 -10.88 -28.29
C MET D 96 -27.06 -10.49 -29.32
N ASP D 97 -27.51 -9.98 -30.48
CA ASP D 97 -26.64 -9.30 -31.46
C ASP D 97 -26.68 -7.80 -31.21
N VAL D 98 -25.81 -7.05 -31.90
CA VAL D 98 -25.71 -5.63 -31.64
C VAL D 98 -27.09 -4.97 -31.71
N ASP D 99 -28.01 -5.52 -32.51
CA ASP D 99 -29.29 -4.87 -32.75
C ASP D 99 -30.24 -5.14 -31.60
N GLY D 100 -29.95 -6.17 -30.81
CA GLY D 100 -30.76 -6.47 -29.64
C GLY D 100 -31.67 -7.67 -29.88
N ASN D 101 -31.47 -8.33 -31.03
CA ASN D 101 -32.23 -9.52 -31.38
C ASN D 101 -31.68 -10.69 -30.59
N VAL D 102 -32.57 -11.47 -29.98
CA VAL D 102 -32.12 -12.60 -29.18
C VAL D 102 -31.92 -13.82 -30.09
N LEU D 103 -30.66 -14.09 -30.43
CA LEU D 103 -30.31 -15.09 -31.43
C LEU D 103 -30.48 -16.52 -30.89
N GLU D 104 -30.11 -16.80 -29.64
CA GLU D 104 -30.26 -18.13 -29.07
C GLU D 104 -30.62 -18.01 -27.59
N MET D 105 -30.95 -19.14 -26.97
CA MET D 105 -31.31 -19.15 -25.56
C MET D 105 -30.95 -20.51 -24.95
N ALA D 106 -29.64 -20.74 -24.80
CA ALA D 106 -29.03 -22.04 -24.54
C ALA D 106 -29.95 -23.00 -23.80
N SER D 107 -30.77 -22.46 -22.88
CA SER D 107 -31.45 -23.24 -21.85
C SER D 107 -32.95 -23.40 -22.10
N GLU D 108 -33.43 -23.10 -23.33
CA GLU D 108 -34.85 -23.19 -23.67
C GLU D 108 -35.03 -23.62 -25.13
N PRO D 109 -36.15 -24.31 -25.48
CA PRO D 109 -36.45 -24.65 -26.88
C PRO D 109 -36.91 -23.46 -27.73
N GLY D 113 -41.46 -20.86 -29.63
CA GLY D 113 -41.22 -19.62 -30.40
C GLY D 113 -41.14 -18.39 -29.50
N MET D 114 -40.10 -18.36 -28.63
CA MET D 114 -39.87 -17.22 -27.74
C MET D 114 -38.65 -16.46 -28.27
N VAL D 115 -37.67 -17.22 -28.81
CA VAL D 115 -36.37 -16.70 -29.21
C VAL D 115 -36.56 -15.53 -30.20
N ASP D 116 -37.68 -15.55 -30.94
CA ASP D 116 -37.90 -14.62 -32.05
C ASP D 116 -38.71 -13.40 -31.60
N LYS D 117 -39.53 -13.56 -30.56
CA LYS D 117 -40.50 -12.54 -30.21
C LYS D 117 -40.06 -11.74 -28.98
N VAL D 118 -38.79 -11.84 -28.59
CA VAL D 118 -38.23 -11.05 -27.50
C VAL D 118 -37.14 -10.14 -28.08
N LYS D 119 -37.31 -8.82 -27.84
CA LYS D 119 -36.32 -7.82 -28.21
C LYS D 119 -35.70 -7.25 -26.94
N HIS D 120 -34.39 -7.00 -27.00
CA HIS D 120 -33.71 -6.31 -25.91
C HIS D 120 -33.36 -4.90 -26.35
N THR D 121 -33.50 -3.95 -25.44
CA THR D 121 -33.25 -2.56 -25.76
C THR D 121 -31.87 -2.41 -26.37
N ALA D 122 -31.84 -2.02 -27.65
CA ALA D 122 -30.62 -1.55 -28.29
C ALA D 122 -30.90 -0.22 -28.99
N TYR D 123 -29.85 0.58 -29.20
CA TYR D 123 -29.98 1.84 -29.91
C TYR D 123 -29.16 1.83 -31.20
N PRO D 124 -29.53 2.61 -32.25
CA PRO D 124 -28.70 2.75 -33.45
C PRO D 124 -27.37 3.39 -33.09
N THR D 125 -26.28 2.92 -33.72
CA THR D 125 -24.95 3.43 -33.39
C THR D 125 -24.11 3.76 -34.62
N GLN D 126 -23.16 4.66 -34.40
CA GLN D 126 -22.33 5.20 -35.44
C GLN D 126 -20.96 5.52 -34.83
N GLU D 127 -19.90 4.92 -35.38
CA GLU D 127 -18.56 5.38 -35.04
C GLU D 127 -18.19 6.61 -35.85
N TRP D 128 -17.47 7.55 -35.23
CA TRP D 128 -16.96 8.74 -35.90
C TRP D 128 -16.04 9.50 -34.96
N ALA D 129 -14.98 10.09 -35.54
CA ALA D 129 -14.01 10.90 -34.82
C ALA D 129 -13.57 10.22 -33.52
N GLY D 130 -13.41 8.90 -33.56
CA GLY D 130 -12.83 8.16 -32.46
C GLY D 130 -13.81 7.96 -31.30
N MET D 131 -15.11 8.13 -31.59
CA MET D 131 -16.16 7.94 -30.61
C MET D 131 -17.23 6.97 -31.14
N VAL D 132 -17.85 6.23 -30.21
CA VAL D 132 -19.07 5.50 -30.47
C VAL D 132 -20.26 6.43 -30.18
N TRP D 133 -21.02 6.78 -31.23
CA TRP D 133 -22.22 7.58 -31.03
C TRP D 133 -23.44 6.67 -31.02
N ALA D 134 -24.45 7.02 -30.20
CA ALA D 134 -25.75 6.38 -30.25
C ALA D 134 -26.87 7.41 -30.37
N TYR D 135 -28.04 6.96 -30.85
CA TYR D 135 -29.26 7.76 -30.75
C TYR D 135 -30.16 7.15 -29.67
N MET D 136 -30.56 7.98 -28.71
CA MET D 136 -31.23 7.43 -27.54
C MET D 136 -32.63 8.03 -27.36
N GLY D 137 -33.07 8.89 -28.29
CA GLY D 137 -34.45 9.37 -28.28
C GLY D 137 -35.38 8.34 -28.92
N PRO D 138 -36.68 8.65 -29.14
CA PRO D 138 -37.59 7.73 -29.83
C PRO D 138 -37.04 7.30 -31.18
N LYS D 139 -37.27 6.03 -31.54
CA LYS D 139 -36.60 5.41 -32.68
C LYS D 139 -36.96 6.15 -33.97
N GLU D 140 -38.23 6.54 -34.07
CA GLU D 140 -38.74 7.12 -35.30
C GLU D 140 -38.32 8.59 -35.42
N THR D 141 -37.46 9.07 -34.51
CA THR D 141 -37.03 10.47 -34.58
C THR D 141 -35.58 10.59 -35.01
N MET D 142 -34.92 9.45 -35.22
CA MET D 142 -33.49 9.44 -35.46
C MET D 142 -33.20 10.20 -36.75
N PRO D 143 -32.38 11.28 -36.70
CA PRO D 143 -31.87 11.90 -37.94
C PRO D 143 -30.84 11.02 -38.62
N GLU D 144 -30.44 11.43 -39.81
CA GLU D 144 -29.29 10.81 -40.43
C GLU D 144 -28.06 11.50 -39.84
N PHE D 145 -26.98 10.74 -39.62
CA PHE D 145 -25.82 11.26 -38.91
C PHE D 145 -25.00 12.23 -39.78
N LEU D 146 -25.06 13.54 -39.46
CA LEU D 146 -24.21 14.55 -40.07
C LEU D 146 -22.89 14.69 -39.31
N PRO D 147 -21.77 15.06 -39.97
CA PRO D 147 -20.54 15.44 -39.27
C PRO D 147 -20.79 16.56 -38.26
N PRO D 148 -20.22 16.41 -37.05
CA PRO D 148 -20.19 17.51 -36.07
C PRO D 148 -19.18 18.57 -36.52
N ALA D 149 -19.33 19.78 -35.99
CA ALA D 149 -18.67 20.97 -36.50
C ALA D 149 -17.17 20.94 -36.19
N TRP D 150 -16.75 19.91 -35.46
CA TRP D 150 -15.37 19.78 -35.02
C TRP D 150 -14.74 18.50 -35.60
N ALA D 151 -15.45 17.88 -36.55
CA ALA D 151 -14.93 16.72 -37.25
C ALA D 151 -15.47 16.73 -38.67
N PRO D 152 -15.03 17.71 -39.51
CA PRO D 152 -15.42 17.82 -40.91
C PRO D 152 -15.63 16.50 -41.66
N THR D 153 -14.54 15.86 -42.13
CA THR D 153 -14.52 14.42 -42.39
C THR D 153 -13.26 13.79 -41.78
N ALA D 154 -13.23 12.46 -41.70
CA ALA D 154 -12.24 11.79 -40.89
C ALA D 154 -10.94 11.55 -41.66
N ASP D 155 -10.56 12.55 -42.47
CA ASP D 155 -9.17 12.81 -42.84
C ASP D 155 -8.61 13.89 -41.92
N THR D 156 -9.48 14.38 -41.01
CA THR D 156 -9.08 15.31 -39.97
C THR D 156 -8.55 14.49 -38.80
N ARG D 157 -7.59 15.06 -38.07
CA ARG D 157 -7.07 14.44 -36.85
C ARG D 157 -7.89 14.83 -35.62
N VAL D 158 -8.47 13.82 -34.96
CA VAL D 158 -9.24 14.09 -33.76
C VAL D 158 -8.60 13.38 -32.58
N SER D 159 -8.01 14.19 -31.70
CA SER D 159 -7.39 13.64 -30.53
C SER D 159 -8.15 14.06 -29.27
N ILE D 160 -8.67 13.05 -28.56
CA ILE D 160 -9.63 13.23 -27.48
C ILE D 160 -8.99 12.89 -26.14
N ALA D 161 -9.11 13.80 -25.17
CA ALA D 161 -8.99 13.39 -23.77
C ALA D 161 -10.38 13.06 -23.22
N LYS D 162 -10.51 11.92 -22.54
CA LYS D 162 -11.75 11.68 -21.81
C LYS D 162 -11.45 11.72 -20.32
N VAL D 163 -12.40 12.32 -19.57
CA VAL D 163 -12.40 12.32 -18.12
C VAL D 163 -13.85 12.19 -17.64
N LEU D 164 -14.08 11.18 -16.79
CA LEU D 164 -15.36 11.03 -16.15
C LEU D 164 -15.37 11.90 -14.89
N LEU D 165 -16.03 13.06 -15.01
CA LEU D 165 -16.15 13.98 -13.90
C LEU D 165 -17.38 13.64 -13.08
N PRO D 166 -17.25 13.57 -11.73
CA PRO D 166 -18.38 13.31 -10.83
C PRO D 166 -19.09 14.59 -10.40
N CYS D 167 -19.73 15.26 -11.37
CA CYS D 167 -20.65 16.37 -11.12
C CYS D 167 -21.50 16.63 -12.36
N ASN D 168 -22.58 17.40 -12.15
CA ASN D 168 -23.65 17.56 -13.12
C ASN D 168 -23.13 18.27 -14.36
N TRP D 169 -23.77 17.98 -15.50
CA TRP D 169 -23.21 18.32 -16.79
C TRP D 169 -23.07 19.83 -17.04
N ALA D 170 -24.04 20.64 -16.63
CA ALA D 170 -24.19 22.00 -17.12
C ALA D 170 -23.05 22.91 -16.64
N GLN D 171 -22.67 22.80 -15.37
CA GLN D 171 -21.63 23.66 -14.83
C GLN D 171 -20.31 23.50 -15.60
N ILE D 172 -20.13 22.33 -16.21
CA ILE D 172 -18.94 21.94 -16.95
C ILE D 172 -18.95 22.68 -18.28
N LEU D 173 -20.10 22.73 -18.95
CA LEU D 173 -20.14 23.51 -20.17
C LEU D 173 -20.01 24.98 -19.83
N GLU D 174 -20.69 25.40 -18.76
CA GLU D 174 -20.63 26.78 -18.33
C GLU D 174 -19.18 27.26 -18.32
N GLY D 175 -18.24 26.36 -18.01
CA GLY D 175 -16.82 26.73 -17.92
C GLY D 175 -16.17 26.83 -19.30
N ALA D 176 -16.73 26.06 -20.24
CA ALA D 176 -16.39 26.08 -21.65
C ALA D 176 -16.72 27.44 -22.28
N ILE D 177 -17.83 28.03 -21.89
CA ILE D 177 -18.18 29.29 -22.49
C ILE D 177 -17.87 30.42 -21.51
N ASP D 178 -16.58 30.62 -21.18
CA ASP D 178 -16.26 31.61 -20.16
C ASP D 178 -14.86 32.19 -20.39
N SER D 179 -14.74 33.16 -21.31
CA SER D 179 -13.44 33.61 -21.77
C SER D 179 -12.71 34.42 -20.69
N ALA D 180 -13.45 34.77 -19.63
CA ALA D 180 -12.90 35.54 -18.53
C ALA D 180 -11.99 34.65 -17.69
N HIS D 181 -12.32 33.36 -17.63
CA HIS D 181 -11.74 32.51 -16.60
C HIS D 181 -10.25 32.26 -16.85
N SER D 182 -9.84 32.18 -18.12
CA SER D 182 -8.47 31.80 -18.42
C SER D 182 -7.50 32.93 -18.08
N SER D 183 -8.06 34.12 -17.87
CA SER D 183 -7.28 35.30 -17.55
C SER D 183 -6.88 35.27 -16.09
N SER D 184 -7.65 34.53 -15.27
CA SER D 184 -7.27 34.26 -13.90
C SER D 184 -6.83 32.80 -13.75
N LEU D 185 -7.73 31.84 -13.96
CA LEU D 185 -7.49 30.45 -13.58
C LEU D 185 -6.29 29.87 -14.34
N HIS D 186 -6.35 29.93 -15.66
CA HIS D 186 -5.25 29.41 -16.45
C HIS D 186 -4.21 30.51 -16.61
N SER D 187 -4.06 31.31 -15.54
CA SER D 187 -3.08 32.39 -15.41
C SER D 187 -1.71 31.93 -15.87
N SER D 188 -1.39 30.66 -15.61
CA SER D 188 -0.02 30.22 -15.75
C SER D 188 0.10 29.24 -16.91
N ASP D 189 -0.80 29.37 -17.87
CA ASP D 189 -0.86 28.46 -19.01
C ASP D 189 -1.24 29.24 -20.27
N MET D 190 -2.17 30.20 -20.14
CA MET D 190 -2.59 31.01 -21.28
C MET D 190 -1.98 32.42 -21.12
N ARG D 207 -1.68 33.84 -25.98
CA ARG D 207 -2.60 34.95 -26.34
C ARG D 207 -1.81 36.26 -26.33
N PRO D 208 -1.94 37.14 -27.35
CA PRO D 208 -1.26 38.44 -27.37
C PRO D 208 -2.09 39.57 -26.75
N SER D 209 -2.20 39.56 -25.41
CA SER D 209 -2.94 40.51 -24.59
C SER D 209 -2.83 40.10 -23.12
N THR D 210 -3.08 41.04 -22.19
CA THR D 210 -3.28 40.71 -20.79
C THR D 210 -4.56 41.35 -20.24
N ASP D 211 -5.46 41.76 -21.15
CA ASP D 211 -6.77 42.24 -20.75
C ASP D 211 -7.53 41.07 -20.14
N LYS D 212 -7.68 41.11 -18.81
CA LYS D 212 -8.24 40.04 -18.00
C LYS D 212 -9.74 40.24 -17.80
N ALA D 213 -10.24 41.41 -18.23
CA ALA D 213 -11.65 41.77 -18.19
C ALA D 213 -12.10 42.19 -19.58
N PRO D 214 -12.57 41.26 -20.44
CA PRO D 214 -12.96 41.59 -21.81
C PRO D 214 -14.45 41.88 -21.99
N ARG D 215 -14.78 42.95 -22.75
CA ARG D 215 -16.15 43.20 -23.16
C ARG D 215 -16.72 41.92 -23.78
N MET D 216 -17.96 41.57 -23.40
CA MET D 216 -18.63 40.35 -23.84
C MET D 216 -19.78 40.70 -24.80
N GLN D 217 -19.78 40.08 -25.98
CA GLN D 217 -20.87 40.25 -26.93
C GLN D 217 -21.41 38.89 -27.35
N VAL D 218 -22.73 38.82 -27.64
CA VAL D 218 -23.43 37.56 -27.89
C VAL D 218 -24.27 37.63 -29.16
N GLN D 219 -24.54 36.47 -29.79
CA GLN D 219 -25.38 36.46 -30.97
C GLN D 219 -26.13 35.15 -31.05
N ARG D 220 -27.44 35.18 -30.82
CA ARG D 220 -28.24 33.96 -30.85
C ARG D 220 -28.18 33.32 -32.24
N THR D 221 -28.45 32.02 -32.29
CA THR D 221 -28.50 31.26 -33.52
C THR D 221 -29.58 30.18 -33.41
N GLY D 222 -29.69 29.37 -34.46
CA GLY D 222 -30.68 28.31 -34.54
C GLY D 222 -30.27 27.07 -33.75
N TYR D 223 -28.99 27.03 -33.34
CA TYR D 223 -28.35 25.84 -32.82
C TYR D 223 -27.69 26.12 -31.47
N GLY D 224 -27.85 27.34 -30.94
CA GLY D 224 -27.14 27.78 -29.74
C GLY D 224 -26.78 29.26 -29.85
N PHE D 225 -25.48 29.58 -29.74
CA PHE D 225 -25.00 30.95 -29.94
C PHE D 225 -23.51 31.02 -30.26
N ARG D 226 -23.14 32.12 -30.91
CA ARG D 226 -21.76 32.57 -31.00
C ARG D 226 -21.61 33.69 -29.98
N TYR D 227 -20.37 33.96 -29.58
CA TYR D 227 -20.09 35.06 -28.66
C TYR D 227 -18.62 35.45 -28.74
N ALA D 228 -18.36 36.73 -28.48
CA ALA D 228 -17.01 37.28 -28.57
C ALA D 228 -16.56 37.74 -27.20
N ALA D 229 -15.23 37.86 -27.08
CA ALA D 229 -14.55 38.32 -25.89
C ALA D 229 -13.45 39.28 -26.35
N LEU D 230 -13.69 40.57 -26.07
CA LEU D 230 -13.01 41.62 -26.80
C LEU D 230 -11.91 42.25 -25.96
N ARG D 231 -10.73 41.66 -26.06
CA ARG D 231 -9.56 42.07 -25.29
C ARG D 231 -8.86 43.21 -26.01
N ARG D 232 -8.10 43.98 -25.24
CA ARG D 232 -7.27 45.02 -25.81
C ARG D 232 -5.90 44.40 -26.09
N PRO D 233 -5.43 44.40 -27.36
CA PRO D 233 -4.16 43.76 -27.73
C PRO D 233 -2.89 44.46 -27.22
N LEU D 234 -1.81 43.68 -27.05
CA LEU D 234 -0.53 44.16 -26.52
C LEU D 234 -0.15 45.52 -27.12
N SER D 235 -0.45 45.71 -28.41
CA SER D 235 -0.17 46.94 -29.11
C SER D 235 -1.26 47.25 -30.14
N ASN D 236 -1.74 48.50 -30.13
CA ASN D 236 -2.61 49.08 -31.13
C ASN D 236 -4.07 49.08 -30.68
N ALA D 237 -4.28 49.12 -29.36
CA ALA D 237 -5.61 49.13 -28.78
C ALA D 237 -6.16 50.56 -28.78
N ALA D 238 -5.76 51.33 -29.80
CA ALA D 238 -6.44 52.56 -30.17
C ALA D 238 -7.57 52.20 -31.15
N GLU D 239 -7.21 51.53 -32.25
CA GLU D 239 -8.15 51.17 -33.31
C GLU D 239 -8.17 49.65 -33.55
N ASN D 240 -7.97 48.87 -32.48
CA ASN D 240 -7.98 47.42 -32.61
C ASN D 240 -8.57 46.76 -31.37
N ASP D 241 -9.07 45.54 -31.57
CA ASP D 241 -9.48 44.62 -30.53
C ASP D 241 -8.89 43.25 -30.86
N TYR D 242 -8.32 42.58 -29.85
CA TYR D 242 -8.07 41.15 -29.98
C TYR D 242 -9.35 40.41 -29.59
N VAL D 243 -9.94 39.71 -30.58
CA VAL D 243 -11.25 39.10 -30.43
C VAL D 243 -11.10 37.58 -30.41
N ARG D 244 -11.62 36.97 -29.33
CA ARG D 244 -11.72 35.52 -29.25
C ARG D 244 -13.20 35.14 -29.25
N SER D 245 -13.58 34.23 -30.15
CA SER D 245 -14.99 33.90 -30.29
C SER D 245 -15.21 32.39 -30.12
N THR D 246 -16.28 32.06 -29.36
CA THR D 246 -16.57 30.74 -28.83
C THR D 246 -17.97 30.35 -29.28
N VAL D 247 -18.19 29.07 -29.64
CA VAL D 247 -19.51 28.75 -30.18
C VAL D 247 -20.18 27.70 -29.31
N PHE D 248 -21.42 28.00 -28.93
CA PHE D 248 -22.17 27.05 -28.14
C PHE D 248 -23.11 26.28 -29.05
N VAL D 249 -22.85 24.99 -29.27
CA VAL D 249 -23.85 24.15 -29.91
C VAL D 249 -24.61 23.46 -28.78
N ALA D 250 -25.92 23.74 -28.66
CA ALA D 250 -26.73 22.99 -27.71
C ALA D 250 -26.75 21.53 -28.13
N PRO D 251 -26.85 20.60 -27.16
CA PRO D 251 -27.16 20.95 -25.79
C PRO D 251 -25.96 21.22 -24.87
N ALA D 252 -24.81 20.60 -25.17
CA ALA D 252 -23.66 20.73 -24.30
C ALA D 252 -22.34 20.56 -25.05
N THR D 253 -22.14 21.37 -26.11
CA THR D 253 -20.95 21.33 -26.93
C THR D 253 -20.44 22.76 -27.07
N ALA D 254 -19.12 22.93 -27.06
CA ALA D 254 -18.56 24.27 -27.18
C ALA D 254 -17.31 24.23 -28.06
N LEU D 255 -17.29 25.05 -29.12
CA LEU D 255 -16.14 25.19 -29.99
C LEU D 255 -15.32 26.33 -29.42
N ILE D 256 -14.08 26.01 -29.05
CA ILE D 256 -13.24 26.89 -28.27
C ILE D 256 -12.27 27.59 -29.22
N PRO D 257 -11.98 28.89 -28.97
CA PRO D 257 -11.01 29.61 -29.77
C PRO D 257 -9.81 28.71 -30.07
N PRO D 258 -9.41 28.53 -31.35
CA PRO D 258 -8.30 27.64 -31.68
C PRO D 258 -7.00 28.43 -31.45
N ASN D 259 -5.88 27.78 -31.78
CA ASN D 259 -4.56 28.38 -31.74
C ASN D 259 -4.00 28.31 -33.17
N ASN D 260 -2.73 28.68 -33.33
CA ASN D 260 -2.08 28.92 -34.61
C ASN D 260 -2.02 27.64 -35.44
N LEU D 261 -2.37 26.49 -34.86
CA LEU D 261 -2.04 25.23 -35.50
C LEU D 261 -3.22 24.27 -35.59
N TYR D 262 -4.00 24.15 -34.51
CA TYR D 262 -5.17 23.29 -34.52
C TYR D 262 -6.31 23.94 -33.75
N ASN D 263 -7.53 23.38 -33.87
CA ASN D 263 -8.70 23.90 -33.19
C ASN D 263 -9.02 23.03 -31.98
N VAL D 264 -10.04 23.47 -31.24
CA VAL D 264 -10.36 22.89 -29.94
C VAL D 264 -11.87 22.85 -29.71
N ALA D 265 -12.32 21.73 -29.09
CA ALA D 265 -13.72 21.47 -28.87
C ALA D 265 -13.87 20.74 -27.53
N ASN D 266 -15.02 20.97 -26.89
CA ASN D 266 -15.46 20.33 -25.66
C ASN D 266 -16.88 19.82 -25.91
N ILE D 267 -17.10 18.51 -25.79
CA ILE D 267 -18.47 18.03 -25.74
C ILE D 267 -18.65 17.22 -24.45
N ASN D 268 -19.78 17.46 -23.76
CA ASN D 268 -20.07 16.79 -22.51
C ASN D 268 -21.34 15.99 -22.68
N VAL D 269 -21.28 14.72 -22.25
CA VAL D 269 -22.47 13.91 -22.16
C VAL D 269 -22.80 13.70 -20.69
N PRO D 270 -24.01 14.09 -20.22
CA PRO D 270 -24.48 13.71 -18.90
C PRO D 270 -24.57 12.18 -18.78
N MET D 271 -23.87 11.65 -17.78
CA MET D 271 -23.94 10.23 -17.46
C MET D 271 -25.22 10.01 -16.66
N ASP D 272 -25.45 10.95 -15.74
CA ASP D 272 -26.64 11.05 -14.91
C ASP D 272 -26.70 12.47 -14.34
N ASP D 273 -27.49 12.64 -13.28
CA ASP D 273 -27.82 13.97 -12.80
C ASP D 273 -26.62 14.59 -12.10
N THR D 274 -25.61 13.77 -11.73
CA THR D 274 -24.49 14.28 -10.93
C THR D 274 -23.13 13.80 -11.45
N ASN D 275 -23.11 13.34 -12.70
CA ASN D 275 -21.91 12.80 -13.31
C ASN D 275 -21.91 13.12 -14.80
N THR D 276 -20.71 13.11 -15.40
CA THR D 276 -20.59 13.58 -16.76
C THR D 276 -19.34 12.99 -17.40
N ALA D 277 -19.52 12.46 -18.61
CA ALA D 277 -18.42 12.19 -19.50
C ALA D 277 -17.98 13.52 -20.09
N PHE D 278 -16.70 13.86 -19.96
CA PHE D 278 -16.15 15.13 -20.44
C PHE D 278 -15.13 14.86 -21.55
N TYR D 279 -15.48 15.11 -22.81
CA TYR D 279 -14.55 14.90 -23.92
C TYR D 279 -13.92 16.22 -24.37
N PHE D 280 -12.59 16.30 -24.25
CA PHE D 280 -11.83 17.46 -24.65
C PHE D 280 -10.94 17.12 -25.84
N ILE D 281 -11.11 17.86 -26.94
CA ILE D 281 -10.67 17.43 -28.26
C ILE D 281 -9.75 18.49 -28.86
N ALA D 282 -8.56 18.06 -29.31
CA ALA D 282 -7.78 18.83 -30.27
C ALA D 282 -8.08 18.30 -31.67
N TRP D 283 -8.24 19.21 -32.65
CA TRP D 283 -8.58 18.77 -34.00
C TRP D 283 -8.06 19.74 -35.05
N GLY D 284 -7.85 19.21 -36.26
CA GLY D 284 -7.26 19.89 -37.41
C GLY D 284 -6.43 18.95 -38.29
N HIS D 285 -5.45 19.53 -39.01
CA HIS D 285 -4.71 18.78 -40.01
C HIS D 285 -3.64 17.89 -39.34
N PRO D 286 -3.54 16.58 -39.72
CA PRO D 286 -2.74 15.62 -38.97
C PRO D 286 -1.27 16.00 -38.78
N SER D 287 -0.80 16.96 -39.57
CA SER D 287 0.61 17.33 -39.46
C SER D 287 0.81 18.55 -38.57
N GLN D 288 -0.28 19.06 -37.98
CA GLN D 288 -0.21 20.20 -37.08
C GLN D 288 -1.02 19.96 -35.80
N THR D 289 -1.84 18.90 -35.81
CA THR D 289 -2.61 18.53 -34.63
C THR D 289 -1.83 17.45 -33.89
N PRO D 290 -1.68 17.58 -32.55
CA PRO D 290 -0.91 16.62 -31.77
C PRO D 290 -1.66 15.29 -31.72
N GLU D 291 -0.96 14.22 -31.32
CA GLU D 291 -1.57 12.89 -31.27
C GLU D 291 -2.24 12.67 -29.93
N THR D 292 -3.17 11.70 -29.87
CA THR D 292 -3.90 11.40 -28.65
C THR D 292 -2.98 11.61 -27.46
N GLU D 293 -1.97 10.73 -27.37
CA GLU D 293 -1.22 10.60 -26.14
C GLU D 293 -0.44 11.88 -25.86
N THR D 294 -0.04 12.61 -26.91
CA THR D 294 0.66 13.86 -26.67
C THR D 294 -0.26 14.85 -25.94
N TRP D 295 -1.46 14.99 -26.50
CA TRP D 295 -2.55 15.78 -25.94
C TRP D 295 -2.76 15.42 -24.48
N ARG D 296 -3.11 14.14 -24.24
CA ARG D 296 -3.37 13.67 -22.88
C ARG D 296 -2.24 14.12 -21.95
N LYS D 297 -0.98 13.91 -22.37
CA LYS D 297 0.15 14.25 -21.54
C LYS D 297 0.22 15.75 -21.30
N PHE D 298 -0.26 16.53 -22.29
CA PHE D 298 -0.22 17.96 -22.14
C PHE D 298 -1.25 18.41 -21.09
N LEU D 299 -2.50 17.94 -21.26
CA LEU D 299 -3.60 18.34 -20.40
C LEU D 299 -3.60 17.55 -19.10
N ARG D 300 -2.55 16.74 -18.89
CA ARG D 300 -2.44 15.74 -17.82
C ARG D 300 -3.76 15.00 -17.64
N GLN D 301 -4.21 14.26 -18.65
CA GLN D 301 -5.37 13.38 -18.55
C GLN D 301 -5.00 11.98 -19.06
N THR D 302 -3.77 11.53 -18.73
CA THR D 302 -3.25 10.26 -19.21
C THR D 302 -3.78 9.12 -18.34
N VAL D 303 -4.35 8.11 -19.00
CA VAL D 303 -4.78 6.92 -18.30
C VAL D 303 -3.56 6.23 -17.68
N GLY D 304 -3.65 5.98 -16.37
CA GLY D 304 -2.67 5.19 -15.65
C GLY D 304 -1.61 6.05 -14.98
N VAL D 305 -1.65 7.37 -15.29
CA VAL D 305 -0.96 8.33 -14.46
C VAL D 305 -1.96 9.35 -13.90
N ASP D 306 -2.73 10.02 -14.75
CA ASP D 306 -3.60 11.05 -14.18
C ASP D 306 -4.99 10.48 -13.91
N LEU D 307 -5.35 9.38 -14.60
CA LEU D 307 -6.69 8.84 -14.53
C LEU D 307 -6.58 7.36 -14.28
N ASP D 308 -7.69 6.74 -13.83
CA ASP D 308 -7.78 5.29 -13.62
C ASP D 308 -8.32 4.66 -14.90
N GLN D 309 -8.36 3.32 -14.94
CA GLN D 309 -8.71 2.56 -16.14
C GLN D 309 -10.05 2.99 -16.74
N ASN D 310 -10.93 3.62 -15.94
CA ASN D 310 -12.26 3.99 -16.44
C ASN D 310 -12.30 5.50 -16.63
N TYR D 311 -11.13 6.12 -16.74
CA TYR D 311 -11.02 7.52 -17.12
C TYR D 311 -11.48 8.43 -15.99
N ARG D 312 -11.46 7.91 -14.77
CA ARG D 312 -11.78 8.69 -13.59
C ARG D 312 -10.50 9.36 -13.10
N PRO D 313 -10.54 10.66 -12.73
CA PRO D 313 -9.34 11.37 -12.28
C PRO D 313 -8.84 10.95 -10.91
N LEU D 314 -7.53 10.67 -10.79
CA LEU D 314 -6.94 10.35 -9.50
C LEU D 314 -6.93 11.57 -8.61
N ARG D 315 -7.03 12.75 -9.22
CA ARG D 315 -7.18 13.98 -8.45
C ARG D 315 -8.61 14.07 -7.93
N ASN D 316 -8.77 14.68 -6.76
CA ASN D 316 -10.04 14.72 -6.07
C ASN D 316 -9.89 15.54 -4.80
N GLU D 317 -11.03 15.93 -4.21
CA GLU D 317 -11.06 16.89 -3.10
C GLU D 317 -10.30 16.37 -1.89
N ALA D 318 -10.36 15.05 -1.64
CA ALA D 318 -9.60 14.44 -0.56
C ALA D 318 -8.16 14.90 -0.60
N ASN D 319 -7.54 14.87 -1.81
CA ASN D 319 -6.13 15.20 -2.03
C ASN D 319 -5.98 16.59 -2.64
N LYS D 320 -7.00 17.45 -2.44
CA LYS D 320 -7.01 18.82 -2.93
C LYS D 320 -6.38 18.96 -4.32
N PHE D 321 -6.75 18.01 -5.20
CA PHE D 321 -6.40 17.96 -6.61
C PHE D 321 -4.89 18.01 -6.81
N TRP D 322 -4.15 17.64 -5.76
CA TRP D 322 -2.69 17.61 -5.77
C TRP D 322 -2.13 19.04 -5.90
N GLN D 323 -2.85 20.01 -5.34
CA GLN D 323 -2.38 21.39 -5.39
C GLN D 323 -1.03 21.47 -4.68
N ASP D 324 -0.04 22.08 -5.35
CA ASP D 324 1.25 22.28 -4.69
C ASP D 324 1.28 23.68 -4.11
N ARG D 325 1.24 23.76 -2.77
CA ARG D 325 1.18 25.05 -2.09
C ARG D 325 2.48 25.85 -2.26
N ASN D 326 3.61 25.14 -2.34
CA ASN D 326 4.90 25.78 -2.58
C ASN D 326 4.98 26.31 -4.00
N ALA D 327 4.44 25.53 -4.94
CA ALA D 327 4.44 25.92 -6.33
C ALA D 327 3.77 27.27 -6.46
N MET D 328 2.81 27.52 -5.55
CA MET D 328 1.97 28.69 -5.63
C MET D 328 2.73 29.89 -5.08
N LYS D 329 3.55 29.64 -4.05
CA LYS D 329 4.40 30.65 -3.43
C LYS D 329 5.55 30.95 -4.38
N ALA D 330 5.76 30.05 -5.35
CA ALA D 330 6.84 30.14 -6.30
C ALA D 330 6.37 30.66 -7.65
N GLY D 331 5.18 31.27 -7.70
CA GLY D 331 4.82 31.97 -8.91
C GLY D 331 3.63 31.37 -9.66
N ASN D 332 3.59 30.03 -9.79
CA ASN D 332 2.51 29.34 -10.46
C ASN D 332 1.18 29.64 -9.75
N PHE D 333 0.15 29.97 -10.53
CA PHE D 333 -1.04 30.62 -9.99
C PHE D 333 -1.86 29.60 -9.21
N THR D 334 -2.10 28.43 -9.82
CA THR D 334 -3.11 27.50 -9.34
C THR D 334 -2.47 26.46 -8.42
N GLY D 335 -1.23 26.12 -8.71
CA GLY D 335 -0.58 25.06 -7.96
C GLY D 335 -0.93 23.68 -8.52
N ILE D 336 -1.96 23.63 -9.37
CA ILE D 336 -2.43 22.38 -9.94
C ILE D 336 -1.80 22.19 -11.31
N THR D 337 -1.61 20.95 -11.76
CA THR D 337 -0.93 20.77 -13.03
C THR D 337 -1.86 20.17 -14.09
N GLY D 338 -1.96 20.89 -15.21
CA GLY D 338 -2.76 20.47 -16.35
C GLY D 338 -4.04 21.30 -16.37
N PHE D 339 -4.16 22.18 -17.36
CA PHE D 339 -5.13 23.26 -17.29
C PHE D 339 -6.53 22.69 -17.06
N PRO D 340 -6.96 21.57 -17.69
CA PRO D 340 -8.26 20.95 -17.36
C PRO D 340 -8.51 20.59 -15.89
N ASN D 341 -7.48 20.14 -15.16
CA ASN D 341 -7.60 19.77 -13.75
C ASN D 341 -7.87 20.99 -12.88
N GLN D 342 -7.33 22.15 -13.31
CA GLN D 342 -7.53 23.42 -12.65
C GLN D 342 -8.97 23.89 -12.88
N ASP D 343 -9.50 23.49 -14.03
CA ASP D 343 -10.92 23.61 -14.31
C ASP D 343 -11.68 22.63 -13.42
N VAL D 344 -11.22 21.38 -13.38
CA VAL D 344 -11.90 20.33 -12.64
C VAL D 344 -12.08 20.75 -11.17
N ALA D 345 -11.02 21.31 -10.56
CA ALA D 345 -11.04 21.73 -9.17
C ALA D 345 -12.26 22.62 -8.89
N MET D 346 -12.47 23.62 -9.75
CA MET D 346 -13.51 24.62 -9.55
C MET D 346 -14.89 23.98 -9.71
N TRP D 347 -15.11 23.29 -10.83
CA TRP D 347 -16.40 22.69 -11.16
C TRP D 347 -16.90 21.78 -10.05
N LEU D 348 -15.96 21.01 -9.47
CA LEU D 348 -16.28 19.99 -8.48
C LEU D 348 -16.59 20.64 -7.13
N THR D 349 -15.81 21.67 -6.74
CA THR D 349 -15.95 22.28 -5.42
C THR D 349 -17.29 23.01 -5.26
N MET D 350 -17.93 23.38 -6.38
CA MET D 350 -19.24 24.01 -6.39
C MET D 350 -20.30 22.99 -6.03
N GLY D 351 -19.91 21.71 -5.97
CA GLY D 351 -20.79 20.65 -5.52
C GLY D 351 -21.31 19.82 -6.68
N PRO D 352 -22.06 18.72 -6.39
CA PRO D 352 -22.51 17.78 -7.41
C PRO D 352 -23.44 18.41 -8.45
N ILE D 353 -24.39 19.25 -7.99
CA ILE D 353 -25.15 20.10 -8.89
C ILE D 353 -24.96 21.53 -8.39
N ALA D 354 -24.43 22.41 -9.22
CA ALA D 354 -24.21 23.78 -8.76
C ALA D 354 -25.57 24.45 -8.48
N ASP D 355 -25.69 25.07 -7.29
CA ASP D 355 -26.92 25.75 -6.91
C ASP D 355 -26.89 27.17 -7.47
N ARG D 356 -27.39 27.35 -8.70
CA ARG D 356 -27.29 28.61 -9.43
C ARG D 356 -28.11 29.70 -8.73
N THR D 357 -29.12 29.26 -7.96
CA THR D 357 -29.91 30.04 -7.02
C THR D 357 -29.03 31.05 -6.28
N HIS D 358 -27.89 30.58 -5.78
CA HIS D 358 -27.04 31.34 -4.88
C HIS D 358 -25.88 32.01 -5.61
N ASP D 359 -26.02 32.22 -6.93
CA ASP D 359 -24.96 32.76 -7.77
C ASP D 359 -24.90 34.27 -7.63
N ARG D 360 -23.84 34.88 -8.18
CA ARG D 360 -23.67 36.31 -8.08
C ARG D 360 -22.92 36.76 -9.33
N LEU D 361 -23.66 36.85 -10.42
CA LEU D 361 -23.05 36.97 -11.74
C LEU D 361 -22.68 38.42 -12.01
N GLY D 362 -21.64 38.60 -12.84
CA GLY D 362 -21.16 39.91 -13.26
C GLY D 362 -21.10 40.00 -14.79
N ALA D 363 -20.44 41.05 -15.28
CA ALA D 363 -20.45 41.36 -16.70
C ALA D 363 -19.70 40.29 -17.50
N SER D 364 -18.84 39.52 -16.82
CA SER D 364 -18.03 38.51 -17.50
C SER D 364 -18.81 37.22 -17.75
N ASP D 365 -20.01 37.15 -17.16
CA ASP D 365 -20.77 35.91 -17.16
C ASP D 365 -21.93 36.01 -18.15
N LEU D 366 -21.81 36.93 -19.13
CA LEU D 366 -22.86 37.24 -20.09
C LEU D 366 -23.15 36.04 -20.96
N ALA D 367 -22.05 35.37 -21.34
CA ALA D 367 -22.08 34.11 -22.06
C ALA D 367 -22.81 33.04 -21.28
N ILE D 368 -22.48 32.87 -19.98
CA ILE D 368 -23.16 31.90 -19.13
C ILE D 368 -24.66 32.19 -19.06
N VAL D 369 -25.02 33.47 -18.93
CA VAL D 369 -26.43 33.85 -18.83
C VAL D 369 -27.18 33.42 -20.09
N GLU D 370 -26.57 33.66 -21.26
CA GLU D 370 -27.19 33.36 -22.53
C GLU D 370 -27.55 31.88 -22.61
N PHE D 371 -26.59 31.02 -22.30
CA PHE D 371 -26.82 29.59 -22.19
C PHE D 371 -27.95 29.33 -21.21
N ARG D 372 -27.86 29.89 -20.01
CA ARG D 372 -28.87 29.69 -18.99
C ARG D 372 -30.26 29.95 -19.60
N LYS D 373 -30.40 31.13 -20.22
CA LYS D 373 -31.66 31.64 -20.72
C LYS D 373 -32.12 30.87 -21.96
N GLN D 374 -31.17 30.50 -22.83
CA GLN D 374 -31.49 29.88 -24.10
C GLN D 374 -32.03 28.47 -23.86
N MET D 375 -31.36 27.78 -22.93
CA MET D 375 -31.58 26.36 -22.72
C MET D 375 -32.90 26.18 -22.00
N LEU D 376 -33.25 27.13 -21.13
CA LEU D 376 -34.53 27.10 -20.44
C LEU D 376 -35.67 27.37 -21.43
N ASP D 377 -35.46 28.35 -22.33
CA ASP D 377 -36.40 28.54 -23.41
C ASP D 377 -36.60 27.22 -24.15
N ALA D 378 -35.48 26.62 -24.61
CA ALA D 378 -35.45 25.41 -25.40
C ALA D 378 -36.20 24.26 -24.72
N VAL D 379 -35.92 24.06 -23.43
CA VAL D 379 -36.47 22.94 -22.69
C VAL D 379 -37.94 23.21 -22.43
N LYS D 380 -38.27 24.43 -22.06
CA LYS D 380 -39.67 24.76 -21.84
C LYS D 380 -40.42 24.62 -23.18
N ALA D 381 -39.87 25.23 -24.22
CA ALA D 381 -40.43 25.11 -25.56
C ALA D 381 -40.62 23.64 -25.92
N PHE D 382 -39.56 22.82 -25.72
CA PHE D 382 -39.60 21.41 -26.09
C PHE D 382 -40.63 20.66 -25.26
N GLU D 383 -40.69 20.99 -23.97
CA GLU D 383 -41.59 20.31 -23.04
C GLU D 383 -43.03 20.44 -23.50
N GLN D 384 -43.36 21.57 -24.14
CA GLN D 384 -44.69 21.86 -24.62
C GLN D 384 -44.76 21.62 -26.13
N GLY D 385 -43.86 20.78 -26.65
CA GLY D 385 -44.07 20.13 -27.94
C GLY D 385 -43.34 20.80 -29.10
N ALA D 386 -42.45 21.76 -28.82
CA ALA D 386 -41.65 22.30 -29.90
C ALA D 386 -40.57 21.31 -30.30
N PRO D 387 -40.11 21.30 -31.58
CA PRO D 387 -38.92 20.55 -31.98
C PRO D 387 -37.74 21.04 -31.13
N ALA D 388 -37.01 20.09 -30.55
CA ALA D 388 -35.92 20.41 -29.64
C ALA D 388 -34.79 21.07 -30.41
N ILE D 389 -34.21 22.10 -29.77
CA ILE D 389 -33.28 23.05 -30.36
C ILE D 389 -32.06 22.34 -30.95
N GLY D 390 -31.80 22.60 -32.24
CA GLY D 390 -30.63 22.05 -32.88
C GLY D 390 -30.98 21.03 -33.96
N THR D 391 -32.20 20.48 -33.89
CA THR D 391 -32.63 19.49 -34.87
C THR D 391 -33.01 20.19 -36.18
N GLY D 392 -32.90 19.43 -37.29
CA GLY D 392 -33.43 19.77 -38.59
C GLY D 392 -32.56 20.73 -39.42
N VAL D 393 -33.24 21.58 -40.20
CA VAL D 393 -32.71 22.70 -40.97
C VAL D 393 -31.73 23.50 -40.10
N GLU D 394 -31.97 23.46 -38.78
CA GLU D 394 -31.44 24.43 -37.83
C GLU D 394 -30.05 24.04 -37.34
N ALA D 395 -29.64 22.80 -37.66
CA ALA D 395 -28.36 22.23 -37.25
C ALA D 395 -27.21 23.17 -37.58
N ALA D 396 -26.12 23.05 -36.80
CA ALA D 396 -24.82 23.52 -37.25
C ALA D 396 -24.24 22.46 -38.17
N THR D 397 -23.19 22.83 -38.90
CA THR D 397 -22.29 21.91 -39.60
C THR D 397 -20.93 22.57 -39.75
N PRO D 398 -19.88 21.83 -40.18
CA PRO D 398 -18.50 22.33 -40.14
C PRO D 398 -18.20 23.82 -40.36
N THR D 399 -19.10 24.57 -41.04
CA THR D 399 -18.84 25.99 -41.35
C THR D 399 -19.11 26.90 -40.14
N VAL D 400 -19.80 26.35 -39.14
CA VAL D 400 -19.91 27.02 -37.85
C VAL D 400 -18.62 26.76 -37.09
N CYS D 401 -18.02 27.81 -36.51
CA CYS D 401 -16.71 27.65 -35.89
C CYS D 401 -16.32 28.86 -35.02
N SER D 402 -15.49 28.56 -34.00
CA SER D 402 -14.82 29.59 -33.22
C SER D 402 -13.71 30.17 -34.07
N PHE D 403 -13.09 31.26 -33.59
CA PHE D 403 -11.94 31.85 -34.24
C PHE D 403 -11.26 32.80 -33.25
N GLN D 404 -10.05 33.24 -33.58
CA GLN D 404 -9.47 34.39 -32.90
C GLN D 404 -8.52 35.14 -33.83
N ALA D 405 -8.68 36.47 -33.89
CA ALA D 405 -7.70 37.32 -34.57
C ALA D 405 -7.76 38.74 -34.02
N ILE D 406 -6.74 39.54 -34.36
CA ILE D 406 -6.83 40.97 -34.13
C ILE D 406 -7.73 41.55 -35.22
N VAL D 407 -8.88 42.12 -34.80
CA VAL D 407 -9.89 42.69 -35.69
C VAL D 407 -9.95 44.21 -35.51
N PRO D 408 -10.02 45.01 -36.61
CA PRO D 408 -10.21 46.45 -36.48
C PRO D 408 -11.53 46.79 -35.81
N LYS D 409 -11.52 47.88 -35.01
CA LYS D 409 -12.66 48.30 -34.20
C LYS D 409 -13.86 48.67 -35.06
N THR D 410 -13.60 49.06 -36.32
CA THR D 410 -14.63 49.52 -37.23
C THR D 410 -15.30 48.34 -37.95
N THR D 411 -14.86 47.10 -37.67
CA THR D 411 -15.55 45.93 -38.21
C THR D 411 -16.35 45.26 -37.09
N ASP D 412 -17.49 44.69 -37.47
CA ASP D 412 -18.26 43.85 -36.57
C ASP D 412 -17.66 42.45 -36.62
N TRP D 413 -17.71 41.71 -35.50
CA TRP D 413 -17.11 40.38 -35.47
C TRP D 413 -18.09 39.37 -36.05
N ARG D 414 -19.39 39.56 -35.78
CA ARG D 414 -20.41 38.72 -36.36
C ARG D 414 -20.19 38.68 -37.87
N THR D 415 -19.50 39.72 -38.37
CA THR D 415 -19.16 39.88 -39.78
C THR D 415 -17.97 39.00 -40.14
N TYR D 416 -16.98 38.93 -39.24
CA TYR D 416 -15.71 38.26 -39.49
C TYR D 416 -15.95 36.93 -40.20
N ASP D 417 -15.27 36.71 -41.34
CA ASP D 417 -15.47 35.49 -42.10
C ASP D 417 -14.31 34.54 -41.82
N ALA D 418 -14.46 33.70 -40.79
CA ALA D 418 -13.39 32.79 -40.41
C ALA D 418 -13.86 31.35 -40.50
N HIS D 419 -12.95 30.48 -40.96
CA HIS D 419 -13.13 29.04 -40.95
C HIS D 419 -12.09 28.46 -40.01
N TYR D 420 -12.16 27.14 -39.82
CA TYR D 420 -11.33 26.48 -38.82
C TYR D 420 -9.90 26.31 -39.32
N VAL D 421 -8.93 26.70 -38.48
CA VAL D 421 -7.51 26.48 -38.63
C VAL D 421 -7.25 25.11 -39.26
N TRP D 422 -6.28 25.06 -40.19
CA TRP D 422 -5.95 23.88 -40.99
C TRP D 422 -4.59 24.08 -41.67
N LEU D 423 -4.63 24.69 -42.86
CA LEU D 423 -3.44 25.13 -43.61
C LEU D 423 -3.82 26.34 -44.48
N MET E 1 -45.79 -11.91 -14.47
CA MET E 1 -45.69 -10.55 -13.88
C MET E 1 -46.03 -10.54 -12.38
N MET E 2 -45.05 -10.07 -11.59
CA MET E 2 -45.20 -9.73 -10.18
C MET E 2 -45.26 -8.22 -10.07
N THR E 3 -45.57 -7.71 -8.87
CA THR E 3 -45.77 -6.28 -8.68
C THR E 3 -44.83 -5.74 -7.62
N HIS E 4 -44.54 -4.43 -7.70
CA HIS E 4 -43.69 -3.77 -6.72
C HIS E 4 -44.09 -4.25 -5.34
N GLU E 5 -45.41 -4.34 -5.13
CA GLU E 5 -46.08 -4.72 -3.89
C GLU E 5 -45.58 -6.09 -3.43
N GLU E 6 -45.58 -7.07 -4.35
CA GLU E 6 -45.28 -8.46 -4.01
C GLU E 6 -43.77 -8.66 -3.81
N ASN E 7 -42.97 -7.83 -4.49
CA ASN E 7 -41.53 -7.93 -4.39
C ASN E 7 -41.08 -7.49 -3.01
N GLU E 8 -41.59 -6.32 -2.57
CA GLU E 8 -41.40 -5.86 -1.21
C GLU E 8 -41.74 -7.00 -0.24
N LEU E 9 -42.89 -7.65 -0.48
CA LEU E 9 -43.45 -8.61 0.47
C LEU E 9 -42.55 -9.84 0.57
N LEU E 10 -42.19 -10.41 -0.59
CA LEU E 10 -41.33 -11.58 -0.64
C LEU E 10 -39.99 -11.31 0.05
N CYS E 11 -39.44 -10.10 -0.18
CA CYS E 11 -38.01 -9.84 -0.06
C CYS E 11 -37.64 -9.17 1.26
N ARG E 12 -38.51 -8.31 1.81
CA ARG E 12 -38.06 -7.53 2.96
C ARG E 12 -38.29 -8.30 4.23
N VAL E 13 -37.43 -8.07 5.24
CA VAL E 13 -37.39 -8.90 6.43
C VAL E 13 -36.98 -8.09 7.67
N GLU E 14 -36.45 -6.88 7.46
CA GLU E 14 -36.22 -6.01 8.60
C GLU E 14 -37.58 -5.58 9.15
N GLY E 15 -37.68 -5.50 10.48
CA GLY E 15 -38.74 -4.75 11.16
C GLY E 15 -39.97 -5.60 11.41
N ASP E 16 -41.13 -5.09 10.97
CA ASP E 16 -42.36 -5.85 11.04
C ASP E 16 -42.63 -6.58 9.74
N ALA E 17 -41.75 -6.41 8.75
CA ALA E 17 -41.94 -7.03 7.44
C ALA E 17 -42.36 -8.47 7.64
N PRO E 18 -43.53 -8.87 7.11
CA PRO E 18 -44.09 -10.19 7.38
C PRO E 18 -43.06 -11.30 7.14
N MET E 19 -42.47 -11.36 5.94
CA MET E 19 -41.64 -12.50 5.58
C MET E 19 -40.54 -12.67 6.62
N GLY E 20 -40.18 -11.58 7.29
CA GLY E 20 -39.24 -11.64 8.40
C GLY E 20 -39.85 -12.34 9.62
N ARG E 21 -41.07 -11.93 10.00
CA ARG E 21 -41.75 -12.54 11.13
C ARG E 21 -42.05 -14.00 10.82
N LEU E 22 -42.20 -14.35 9.54
CA LEU E 22 -42.36 -15.73 9.12
C LEU E 22 -41.07 -16.50 9.39
N MET E 23 -39.94 -15.93 8.96
CA MET E 23 -38.68 -16.66 8.99
C MET E 23 -38.20 -16.83 10.42
N ARG E 24 -38.70 -15.99 11.33
CA ARG E 24 -38.19 -16.02 12.70
C ARG E 24 -38.86 -17.14 13.50
N ARG E 25 -39.84 -17.81 12.89
CA ARG E 25 -40.51 -18.93 13.53
C ARG E 25 -39.65 -20.19 13.42
N HIS E 26 -38.60 -20.15 12.58
CA HIS E 26 -37.66 -21.25 12.43
C HIS E 26 -36.38 -20.96 13.23
N TRP E 27 -35.61 -22.01 13.52
CA TRP E 27 -34.29 -21.80 14.11
C TRP E 27 -33.32 -21.29 13.04
N THR E 28 -32.59 -20.22 13.35
CA THR E 28 -31.72 -19.60 12.37
C THR E 28 -30.25 -19.79 12.71
N PRO E 29 -29.43 -20.17 11.72
CA PRO E 29 -27.98 -19.94 11.81
C PRO E 29 -27.63 -18.47 11.98
N ILE E 30 -26.86 -18.17 13.05
CA ILE E 30 -26.36 -16.84 13.38
C ILE E 30 -24.92 -16.64 12.87
N CYS E 31 -24.05 -17.65 13.01
CA CYS E 31 -22.64 -17.60 12.63
C CYS E 31 -21.99 -18.97 12.77
N LEU E 32 -20.70 -19.12 12.38
CA LEU E 32 -20.04 -20.42 12.45
C LEU E 32 -19.53 -20.66 13.86
N VAL E 33 -19.56 -21.93 14.29
CA VAL E 33 -19.10 -22.31 15.62
C VAL E 33 -17.62 -22.00 15.78
N GLU E 34 -16.90 -21.98 14.65
CA GLU E 34 -15.47 -21.72 14.63
C GLU E 34 -15.18 -20.25 14.96
N GLU E 35 -16.15 -19.36 14.74
CA GLU E 35 -15.92 -17.96 14.98
C GLU E 35 -15.89 -17.65 16.46
N VAL E 36 -16.61 -18.42 17.29
CA VAL E 36 -16.69 -18.01 18.70
C VAL E 36 -15.59 -18.67 19.52
N GLY E 37 -14.90 -19.66 18.92
CA GLY E 37 -13.73 -20.31 19.47
C GLY E 37 -13.90 -20.80 20.90
N GLU E 38 -12.85 -20.61 21.71
CA GLU E 38 -12.71 -21.17 23.05
C GLU E 38 -13.56 -20.45 24.09
N PRO E 39 -13.90 -21.12 25.21
CA PRO E 39 -14.55 -20.44 26.34
C PRO E 39 -13.72 -19.23 26.75
N ASP E 40 -14.42 -18.16 27.16
CA ASP E 40 -13.85 -16.86 27.51
C ASP E 40 -13.19 -16.21 26.30
N GLY E 41 -13.58 -16.64 25.09
CA GLY E 41 -12.96 -16.22 23.85
C GLY E 41 -13.45 -14.84 23.41
N THR E 42 -12.75 -14.25 22.43
CA THR E 42 -13.15 -12.99 21.80
C THR E 42 -14.61 -13.09 21.39
N PRO E 43 -15.40 -11.99 21.48
CA PRO E 43 -16.77 -11.97 20.99
C PRO E 43 -16.84 -11.62 19.50
N VAL E 44 -17.92 -12.08 18.87
CA VAL E 44 -18.21 -12.03 17.44
C VAL E 44 -19.41 -11.13 17.21
N LYS E 45 -19.32 -10.24 16.20
CA LYS E 45 -20.50 -9.54 15.71
C LYS E 45 -21.15 -10.37 14.60
N ALA E 46 -22.50 -10.48 14.67
CA ALA E 46 -23.29 -11.08 13.61
C ALA E 46 -24.60 -10.31 13.46
N ARG E 47 -25.28 -10.49 12.33
CA ARG E 47 -26.44 -9.68 11.99
C ARG E 47 -27.51 -10.53 11.28
N ALA E 48 -28.68 -10.73 11.95
CA ALA E 48 -29.82 -11.42 11.37
C ALA E 48 -31.05 -10.51 11.32
N PHE E 49 -31.80 -10.59 10.22
CA PHE E 49 -33.02 -9.83 10.05
C PHE E 49 -32.89 -8.40 10.60
N GLY E 50 -31.95 -7.64 10.06
CA GLY E 50 -31.81 -6.23 10.41
C GLY E 50 -31.46 -6.00 11.88
N GLU E 51 -31.03 -7.06 12.59
CA GLU E 51 -30.64 -6.85 13.97
C GLU E 51 -29.18 -7.20 14.25
N ASP E 52 -28.52 -6.29 14.98
CA ASP E 52 -27.11 -6.45 15.34
C ASP E 52 -26.99 -7.35 16.58
N LEU E 53 -26.03 -8.28 16.54
CA LEU E 53 -25.96 -9.28 17.59
C LEU E 53 -24.51 -9.46 18.01
N VAL E 54 -24.26 -9.53 19.34
CA VAL E 54 -23.05 -10.15 19.88
C VAL E 54 -23.27 -11.64 20.05
N VAL E 55 -22.19 -12.41 19.88
CA VAL E 55 -22.18 -13.85 20.12
C VAL E 55 -20.86 -14.13 20.83
N PHE E 56 -20.88 -14.91 21.91
CA PHE E 56 -19.65 -15.26 22.61
C PHE E 56 -19.81 -16.57 23.36
N ARG E 57 -18.70 -17.25 23.64
CA ARG E 57 -18.81 -18.44 24.46
C ARG E 57 -18.26 -18.21 25.86
N ASP E 58 -19.10 -18.42 26.89
CA ASP E 58 -18.80 -18.06 28.27
C ASP E 58 -17.86 -19.08 28.91
N SER E 59 -17.57 -18.85 30.19
CA SER E 59 -16.62 -19.66 30.93
C SER E 59 -17.05 -21.12 31.01
N GLU E 60 -18.36 -21.41 30.94
CA GLU E 60 -18.78 -22.79 31.05
C GLU E 60 -19.06 -23.36 29.66
N GLY E 61 -18.56 -22.69 28.63
CA GLY E 61 -18.67 -23.24 27.30
C GLY E 61 -20.05 -22.99 26.70
N ARG E 62 -20.92 -22.31 27.45
CA ARG E 62 -22.22 -21.89 26.95
C ARG E 62 -22.06 -20.78 25.91
N VAL E 63 -22.84 -20.86 24.83
CA VAL E 63 -22.87 -19.84 23.80
C VAL E 63 -24.13 -19.00 23.94
N GLY E 64 -23.97 -17.70 24.22
CA GLY E 64 -25.06 -16.74 24.15
C GLY E 64 -25.11 -16.03 22.79
N VAL E 65 -26.32 -15.61 22.39
CA VAL E 65 -26.58 -14.78 21.22
C VAL E 65 -27.53 -13.65 21.62
N MET E 66 -27.00 -12.42 21.67
CA MET E 66 -27.65 -11.26 22.28
C MET E 66 -27.64 -10.04 21.36
N ASP E 67 -28.58 -9.13 21.61
CA ASP E 67 -28.53 -7.82 21.02
C ASP E 67 -27.16 -7.26 21.35
N GLU E 68 -26.50 -6.75 20.30
CA GLU E 68 -25.19 -6.12 20.31
C GLU E 68 -25.09 -4.93 21.29
N TYR E 69 -26.14 -4.10 21.40
CA TYR E 69 -25.97 -2.84 22.13
C TYR E 69 -26.35 -2.96 23.61
N CYS E 70 -25.46 -2.46 24.48
CA CYS E 70 -25.54 -2.59 25.93
C CYS E 70 -26.82 -1.95 26.47
N PRO E 71 -27.62 -2.71 27.25
CA PRO E 71 -28.90 -2.21 27.76
C PRO E 71 -28.77 -0.98 28.66
N HIS E 72 -27.53 -0.63 29.04
CA HIS E 72 -27.30 0.61 29.77
C HIS E 72 -27.42 1.83 28.85
N ARG E 73 -26.37 2.11 28.06
CA ARG E 73 -26.32 3.34 27.29
C ARG E 73 -25.87 3.08 25.84
N ARG E 74 -25.97 1.81 25.41
CA ARG E 74 -26.14 1.50 24.01
C ARG E 74 -24.79 1.20 23.35
N ALA E 75 -23.72 1.13 24.15
CA ALA E 75 -22.38 0.82 23.65
C ALA E 75 -22.35 -0.60 23.06
N SER E 76 -21.42 -0.87 22.13
CA SER E 76 -21.33 -2.23 21.64
C SER E 76 -20.62 -3.13 22.65
N LEU E 77 -21.25 -4.27 22.89
CA LEU E 77 -20.70 -5.25 23.81
C LEU E 77 -19.66 -6.11 23.10
N VAL E 78 -19.49 -5.89 21.78
CA VAL E 78 -18.44 -6.57 21.07
C VAL E 78 -17.09 -6.17 21.67
N TYR E 79 -17.05 -4.99 22.33
CA TYR E 79 -15.78 -4.54 22.88
C TYR E 79 -15.56 -5.14 24.27
N GLY E 80 -16.47 -6.03 24.71
CA GLY E 80 -16.60 -6.37 26.12
C GLY E 80 -15.62 -7.43 26.63
N ARG E 81 -15.58 -7.63 27.94
CA ARG E 81 -14.72 -8.66 28.49
C ARG E 81 -15.54 -9.95 28.71
N ASN E 82 -15.12 -11.01 28.01
CA ASN E 82 -15.77 -12.29 28.19
C ASN E 82 -14.98 -13.09 29.22
N GLU E 83 -15.43 -13.01 30.48
CA GLU E 83 -14.77 -13.66 31.60
C GLU E 83 -15.74 -13.90 32.76
N GLU E 84 -15.41 -14.92 33.55
CA GLU E 84 -16.10 -15.24 34.79
C GLU E 84 -17.59 -15.37 34.50
N GLY E 85 -17.93 -16.27 33.56
CA GLY E 85 -19.28 -16.67 33.24
C GLY E 85 -20.15 -15.52 32.75
N GLY E 86 -19.57 -14.62 31.94
CA GLY E 86 -20.35 -13.48 31.48
C GLY E 86 -19.61 -12.60 30.46
N LEU E 87 -20.33 -11.60 29.94
CA LEU E 87 -19.78 -10.55 29.11
C LEU E 87 -20.04 -9.21 29.80
N ARG E 88 -18.97 -8.45 30.05
CA ARG E 88 -19.05 -7.15 30.72
C ARG E 88 -18.75 -6.05 29.72
N CYS E 89 -19.64 -5.05 29.67
CA CYS E 89 -19.45 -3.88 28.83
C CYS E 89 -18.32 -2.99 29.37
N LEU E 90 -17.56 -2.37 28.44
CA LEU E 90 -16.40 -1.60 28.84
C LEU E 90 -16.81 -0.30 29.52
N TYR E 91 -17.93 0.29 29.10
CA TYR E 91 -18.26 1.64 29.50
C TYR E 91 -18.42 1.73 31.03
N HIS E 92 -19.39 1.00 31.59
CA HIS E 92 -19.75 1.16 32.99
C HIS E 92 -19.65 -0.15 33.75
N GLY E 93 -19.21 -1.21 33.06
CA GLY E 93 -18.94 -2.51 33.66
C GLY E 93 -20.17 -3.34 34.00
N TRP E 94 -21.32 -3.07 33.33
CA TRP E 94 -22.49 -3.94 33.45
C TRP E 94 -22.16 -5.30 32.85
N LYS E 95 -22.69 -6.38 33.43
CA LYS E 95 -22.25 -7.71 33.02
C LYS E 95 -23.45 -8.61 32.78
N MET E 96 -23.70 -8.98 31.53
CA MET E 96 -24.80 -9.87 31.17
C MET E 96 -24.28 -11.28 31.00
N ASP E 97 -25.09 -12.28 31.37
CA ASP E 97 -24.82 -13.68 31.05
C ASP E 97 -25.52 -14.08 29.75
N VAL E 98 -25.38 -15.36 29.36
CA VAL E 98 -25.80 -15.79 28.03
C VAL E 98 -27.32 -15.66 27.87
N ASP E 99 -28.04 -15.52 28.99
CA ASP E 99 -29.49 -15.42 28.99
C ASP E 99 -29.91 -13.97 29.13
N GLY E 100 -28.93 -13.10 29.35
CA GLY E 100 -29.18 -11.66 29.29
C GLY E 100 -29.68 -11.07 30.60
N ASN E 101 -29.42 -11.78 31.70
CA ASN E 101 -29.52 -11.25 33.04
C ASN E 101 -28.28 -10.42 33.31
N VAL E 102 -28.50 -9.25 33.91
CA VAL E 102 -27.39 -8.43 34.33
C VAL E 102 -26.87 -8.95 35.68
N LEU E 103 -25.64 -9.49 35.68
CA LEU E 103 -25.10 -10.13 36.87
C LEU E 103 -24.61 -9.10 37.89
N GLU E 104 -24.09 -7.96 37.40
CA GLU E 104 -23.51 -6.90 38.21
C GLU E 104 -23.65 -5.59 37.48
N MET E 105 -23.55 -4.48 38.23
CA MET E 105 -23.31 -3.19 37.62
C MET E 105 -22.17 -2.52 38.37
N ALA E 106 -20.95 -2.57 37.81
CA ALA E 106 -19.78 -2.11 38.53
C ALA E 106 -20.05 -0.75 39.18
N SER E 107 -20.73 0.13 38.42
CA SER E 107 -20.85 1.55 38.70
C SER E 107 -22.01 1.90 39.64
N GLU E 108 -22.94 0.93 39.87
CA GLU E 108 -24.25 1.22 40.44
C GLU E 108 -24.38 0.58 41.82
N PRO E 109 -24.74 1.37 42.88
CA PRO E 109 -24.89 0.81 44.23
C PRO E 109 -26.09 -0.13 44.25
N ALA E 110 -25.81 -1.42 43.95
CA ALA E 110 -26.85 -2.44 43.74
C ALA E 110 -27.47 -2.88 45.07
N ALA E 111 -27.29 -2.05 46.12
CA ALA E 111 -28.08 -2.10 47.35
C ALA E 111 -29.48 -1.57 47.06
N SER E 112 -29.91 -1.78 45.81
CA SER E 112 -31.29 -1.74 45.36
C SER E 112 -31.35 -2.51 44.04
N GLY E 113 -32.47 -3.21 43.80
CA GLY E 113 -32.50 -4.23 42.77
C GLY E 113 -32.72 -3.65 41.37
N MET E 114 -31.76 -2.86 40.87
CA MET E 114 -31.70 -2.59 39.45
C MET E 114 -31.12 -3.82 38.75
N VAL E 115 -30.34 -4.61 39.50
CA VAL E 115 -29.61 -5.75 38.97
C VAL E 115 -30.58 -6.84 38.51
N ASP E 116 -31.56 -7.19 39.37
CA ASP E 116 -32.48 -8.30 39.17
C ASP E 116 -33.51 -7.96 38.09
N LYS E 117 -33.92 -6.70 38.06
CA LYS E 117 -35.11 -6.26 37.35
C LYS E 117 -34.79 -5.84 35.90
N VAL E 118 -33.53 -6.00 35.45
CA VAL E 118 -33.17 -5.64 34.08
C VAL E 118 -32.70 -6.88 33.33
N LYS E 119 -33.45 -7.25 32.28
CA LYS E 119 -33.04 -8.27 31.33
C LYS E 119 -32.56 -7.55 30.07
N HIS E 120 -31.63 -8.19 29.35
CA HIS E 120 -31.13 -7.62 28.12
C HIS E 120 -31.51 -8.59 27.01
N THR E 121 -31.88 -8.04 25.85
CA THR E 121 -32.31 -8.86 24.72
C THR E 121 -31.31 -10.00 24.51
N ALA E 122 -31.72 -11.24 24.84
CA ALA E 122 -30.97 -12.43 24.47
C ALA E 122 -31.93 -13.45 23.87
N TYR E 123 -31.39 -14.43 23.14
CA TYR E 123 -32.23 -15.42 22.46
C TYR E 123 -31.76 -16.81 22.89
N PRO E 124 -32.66 -17.82 22.85
CA PRO E 124 -32.22 -19.22 23.05
C PRO E 124 -31.25 -19.63 21.95
N THR E 125 -30.17 -20.34 22.32
CA THR E 125 -29.23 -20.77 21.29
C THR E 125 -28.94 -22.28 21.41
N GLN E 126 -28.44 -22.83 20.30
CA GLN E 126 -28.18 -24.23 20.15
C GLN E 126 -26.97 -24.38 19.21
N GLU E 127 -26.09 -25.34 19.51
CA GLU E 127 -24.96 -25.62 18.64
C GLU E 127 -25.19 -26.91 17.84
N TRP E 128 -24.92 -26.85 16.54
CA TRP E 128 -25.18 -28.01 15.72
C TRP E 128 -24.62 -27.80 14.31
N ALA E 129 -23.89 -28.81 13.84
CA ALA E 129 -23.51 -28.91 12.44
C ALA E 129 -22.57 -27.78 12.05
N GLY E 130 -21.70 -27.36 12.99
CA GLY E 130 -20.72 -26.34 12.71
C GLY E 130 -21.26 -24.94 12.95
N MET E 131 -22.57 -24.83 13.23
CA MET E 131 -23.19 -23.52 13.36
C MET E 131 -23.74 -23.29 14.76
N VAL E 132 -23.75 -22.01 15.14
CA VAL E 132 -24.54 -21.49 16.24
C VAL E 132 -25.92 -21.18 15.69
N TRP E 133 -26.98 -21.75 16.30
CA TRP E 133 -28.34 -21.44 15.88
C TRP E 133 -28.99 -20.60 16.96
N ALA E 134 -29.98 -19.77 16.60
CA ALA E 134 -30.71 -19.02 17.61
C ALA E 134 -32.18 -19.01 17.23
N TYR E 135 -33.06 -18.85 18.24
CA TYR E 135 -34.48 -18.71 17.94
C TYR E 135 -34.93 -17.28 18.20
N MET E 136 -35.22 -16.56 17.13
CA MET E 136 -35.42 -15.13 17.18
C MET E 136 -36.90 -14.74 17.06
N GLY E 137 -37.79 -15.72 16.88
CA GLY E 137 -39.22 -15.45 16.89
C GLY E 137 -39.69 -15.17 18.32
N PRO E 138 -41.00 -14.99 18.56
CA PRO E 138 -41.53 -14.83 19.92
C PRO E 138 -41.15 -16.00 20.83
N LYS E 139 -41.33 -15.80 22.15
CA LYS E 139 -40.74 -16.67 23.16
C LYS E 139 -41.37 -18.05 23.14
N GLU E 140 -42.69 -18.10 23.40
CA GLU E 140 -43.36 -19.37 23.63
C GLU E 140 -43.58 -20.12 22.32
N THR E 141 -43.16 -19.53 21.19
CA THR E 141 -43.37 -20.16 19.90
C THR E 141 -42.16 -20.99 19.49
N MET E 142 -41.20 -21.15 20.41
CA MET E 142 -39.92 -21.77 20.10
C MET E 142 -40.07 -23.29 20.11
N PRO E 143 -39.86 -23.97 18.96
CA PRO E 143 -39.98 -25.43 18.88
C PRO E 143 -38.79 -26.18 19.45
N GLU E 144 -39.01 -27.46 19.76
CA GLU E 144 -37.93 -28.38 20.03
C GLU E 144 -37.01 -28.34 18.81
N PHE E 145 -35.71 -28.21 19.07
CA PHE E 145 -34.73 -28.09 18.00
C PHE E 145 -34.46 -29.46 17.39
N LEU E 146 -35.02 -29.71 16.20
CA LEU E 146 -34.84 -30.98 15.53
C LEU E 146 -33.69 -30.86 14.54
N PRO E 147 -32.73 -31.82 14.54
CA PRO E 147 -31.70 -31.90 13.50
C PRO E 147 -32.22 -31.69 12.08
N PRO E 148 -31.58 -30.79 11.27
CA PRO E 148 -32.04 -30.45 9.92
C PRO E 148 -31.75 -31.50 8.83
N ALA E 149 -32.17 -31.21 7.60
CA ALA E 149 -32.21 -32.18 6.53
C ALA E 149 -30.81 -32.67 6.16
N TRP E 150 -29.81 -31.79 6.34
CA TRP E 150 -28.47 -31.93 5.80
C TRP E 150 -27.45 -32.25 6.88
N ALA E 151 -27.94 -32.77 8.02
CA ALA E 151 -27.12 -32.97 9.19
C ALA E 151 -27.78 -33.96 10.15
N PRO E 152 -28.12 -35.19 9.71
CA PRO E 152 -28.63 -36.28 10.56
C PRO E 152 -28.23 -36.30 12.05
N THR E 153 -27.10 -36.96 12.39
CA THR E 153 -26.49 -36.80 13.70
C THR E 153 -25.06 -36.27 13.54
N ALA E 154 -24.44 -35.94 14.67
CA ALA E 154 -23.12 -35.31 14.68
C ALA E 154 -22.05 -36.40 14.59
N ASP E 155 -22.30 -37.40 13.74
CA ASP E 155 -21.26 -38.33 13.30
C ASP E 155 -21.10 -38.20 11.78
N THR E 156 -21.86 -37.26 11.21
CA THR E 156 -21.74 -36.78 9.84
C THR E 156 -20.79 -35.59 9.83
N ARG E 157 -19.92 -35.53 8.82
CA ARG E 157 -19.05 -34.39 8.61
C ARG E 157 -19.82 -33.29 7.89
N VAL E 158 -19.93 -32.12 8.53
CA VAL E 158 -20.53 -30.94 7.91
C VAL E 158 -19.46 -29.89 7.71
N SER E 159 -19.19 -29.55 6.44
CA SER E 159 -18.12 -28.64 6.04
C SER E 159 -18.68 -27.38 5.38
N ILE E 160 -18.54 -26.22 6.05
CA ILE E 160 -19.27 -25.03 5.64
C ILE E 160 -18.34 -23.94 5.12
N ALA E 161 -18.56 -23.54 3.86
CA ALA E 161 -18.01 -22.29 3.39
C ALA E 161 -19.03 -21.16 3.63
N LYS E 162 -18.60 -20.06 4.26
CA LYS E 162 -19.49 -18.95 4.56
C LYS E 162 -19.05 -17.71 3.80
N VAL E 163 -20.05 -16.98 3.29
CA VAL E 163 -19.84 -15.73 2.56
C VAL E 163 -20.96 -14.77 2.96
N LEU E 164 -20.60 -13.50 3.13
CA LEU E 164 -21.55 -12.43 3.42
C LEU E 164 -21.76 -11.63 2.13
N LEU E 165 -22.83 -11.94 1.40
CA LEU E 165 -23.12 -11.30 0.13
C LEU E 165 -23.89 -10.00 0.34
N PRO E 166 -23.58 -8.94 -0.44
CA PRO E 166 -24.30 -7.68 -0.35
C PRO E 166 -25.52 -7.57 -1.25
N CYS E 167 -26.37 -8.59 -1.24
CA CYS E 167 -27.64 -8.53 -1.96
C CYS E 167 -28.70 -9.30 -1.18
N ASN E 168 -29.97 -8.99 -1.44
CA ASN E 168 -31.12 -9.54 -0.73
C ASN E 168 -31.14 -11.06 -0.82
N TRP E 169 -31.73 -11.69 0.20
CA TRP E 169 -31.73 -13.15 0.41
C TRP E 169 -32.33 -13.93 -0.76
N ALA E 170 -33.44 -13.41 -1.32
CA ALA E 170 -34.30 -14.20 -2.17
C ALA E 170 -33.62 -14.50 -3.51
N GLN E 171 -32.88 -13.54 -4.06
CA GLN E 171 -32.25 -13.81 -5.34
C GLN E 171 -31.16 -14.87 -5.19
N ILE E 172 -30.50 -14.91 -4.02
CA ILE E 172 -29.47 -15.92 -3.78
C ILE E 172 -30.11 -17.31 -3.78
N LEU E 173 -31.35 -17.43 -3.28
CA LEU E 173 -31.96 -18.75 -3.24
C LEU E 173 -32.41 -19.19 -4.64
N GLU E 174 -33.21 -18.37 -5.33
CA GLU E 174 -33.60 -18.63 -6.70
C GLU E 174 -32.42 -19.16 -7.50
N GLY E 175 -31.22 -18.70 -7.11
CA GLY E 175 -29.99 -19.06 -7.78
C GLY E 175 -29.62 -20.51 -7.50
N ALA E 176 -30.11 -21.05 -6.37
CA ALA E 176 -29.73 -22.39 -5.96
C ALA E 176 -30.73 -23.40 -6.50
N ILE E 177 -31.98 -22.96 -6.64
CA ILE E 177 -33.04 -23.77 -7.20
C ILE E 177 -33.18 -23.44 -8.67
N ASP E 178 -32.09 -23.56 -9.41
CA ASP E 178 -32.15 -23.27 -10.82
C ASP E 178 -31.24 -24.26 -11.55
N SER E 179 -31.86 -25.22 -12.22
CA SER E 179 -31.12 -26.30 -12.85
C SER E 179 -30.51 -25.83 -14.16
N ALA E 180 -31.17 -24.85 -14.78
CA ALA E 180 -30.81 -24.43 -16.12
C ALA E 180 -29.41 -23.81 -16.15
N HIS E 181 -29.05 -23.06 -15.09
CA HIS E 181 -27.92 -22.15 -15.08
C HIS E 181 -26.58 -22.88 -15.18
N SER E 182 -26.54 -24.11 -14.64
CA SER E 182 -25.37 -24.97 -14.57
C SER E 182 -24.82 -25.26 -15.97
N SER E 183 -25.73 -25.50 -16.91
CA SER E 183 -25.38 -25.86 -18.26
C SER E 183 -24.81 -24.65 -19.00
N SER E 184 -24.94 -23.47 -18.39
CA SER E 184 -24.44 -22.24 -18.98
C SER E 184 -23.30 -21.67 -18.13
N LEU E 185 -23.62 -21.19 -16.92
CA LEU E 185 -22.67 -20.47 -16.09
C LEU E 185 -21.55 -21.39 -15.62
N HIS E 186 -21.93 -22.58 -15.13
CA HIS E 186 -20.97 -23.53 -14.58
C HIS E 186 -20.47 -24.46 -15.70
N SER E 187 -20.66 -24.03 -16.95
CA SER E 187 -20.16 -24.60 -18.19
C SER E 187 -18.75 -25.19 -18.05
N SER E 188 -17.83 -24.44 -17.44
CA SER E 188 -16.45 -24.86 -17.48
C SER E 188 -16.08 -25.66 -16.24
N ASP E 189 -17.05 -25.85 -15.34
CA ASP E 189 -16.83 -26.62 -14.12
C ASP E 189 -17.62 -27.93 -14.23
N MET E 190 -18.95 -27.82 -14.19
CA MET E 190 -19.83 -28.98 -14.24
C MET E 190 -20.14 -29.30 -15.71
N ARG E 207 -21.57 -35.15 -14.44
CA ARG E 207 -22.77 -34.77 -15.24
C ARG E 207 -22.84 -35.63 -16.51
N PRO E 208 -23.51 -36.82 -16.50
CA PRO E 208 -23.64 -37.66 -17.70
C PRO E 208 -24.72 -37.26 -18.69
N SER E 209 -24.53 -36.08 -19.31
CA SER E 209 -25.45 -35.43 -20.24
C SER E 209 -24.97 -34.01 -20.51
N THR E 210 -24.77 -33.65 -21.78
CA THR E 210 -24.54 -32.25 -22.15
C THR E 210 -25.81 -31.64 -22.73
N ASP E 211 -26.94 -31.90 -22.06
CA ASP E 211 -28.23 -31.29 -22.35
C ASP E 211 -28.38 -30.00 -21.54
N LYS E 212 -28.74 -28.91 -22.22
CA LYS E 212 -28.61 -27.58 -21.66
C LYS E 212 -29.97 -26.98 -21.25
N ALA E 213 -31.07 -27.54 -21.80
CA ALA E 213 -32.41 -27.00 -21.58
C ALA E 213 -33.33 -28.09 -21.01
N PRO E 214 -33.41 -28.27 -19.67
CA PRO E 214 -34.25 -29.32 -19.07
C PRO E 214 -35.76 -29.04 -19.02
N ARG E 215 -36.56 -30.13 -19.05
CA ARG E 215 -38.01 -30.13 -18.94
C ARG E 215 -38.40 -30.06 -17.46
N MET E 216 -38.85 -28.88 -17.02
CA MET E 216 -39.01 -28.59 -15.60
C MET E 216 -40.33 -29.18 -15.08
N GLN E 217 -40.25 -29.79 -13.89
CA GLN E 217 -41.37 -30.45 -13.23
C GLN E 217 -41.23 -30.34 -11.70
N VAL E 218 -42.36 -30.02 -11.03
CA VAL E 218 -42.40 -29.65 -9.62
C VAL E 218 -43.45 -30.51 -8.91
N GLN E 219 -43.28 -30.71 -7.60
CA GLN E 219 -44.31 -31.27 -6.74
C GLN E 219 -44.24 -30.61 -5.36
N ARG E 220 -45.15 -29.67 -5.09
CA ARG E 220 -45.23 -28.95 -3.82
C ARG E 220 -45.38 -29.94 -2.67
N THR E 221 -44.88 -29.54 -1.50
CA THR E 221 -44.97 -30.29 -0.26
C THR E 221 -45.27 -29.29 0.88
N GLY E 222 -45.28 -29.76 2.13
CA GLY E 222 -45.62 -28.90 3.27
C GLY E 222 -44.44 -28.07 3.77
N TYR E 223 -43.24 -28.48 3.34
CA TYR E 223 -41.95 -27.98 3.82
C TYR E 223 -41.29 -27.09 2.77
N GLY E 224 -41.82 -27.14 1.54
CA GLY E 224 -41.29 -26.43 0.39
C GLY E 224 -41.80 -27.06 -0.91
N PHE E 225 -40.88 -27.56 -1.73
CA PHE E 225 -41.23 -28.35 -2.91
C PHE E 225 -40.02 -29.13 -3.39
N ARG E 226 -40.27 -30.29 -3.98
CA ARG E 226 -39.24 -31.01 -4.74
C ARG E 226 -39.36 -30.55 -6.19
N TYR E 227 -38.41 -30.99 -7.04
CA TYR E 227 -38.48 -30.71 -8.47
C TYR E 227 -37.32 -31.41 -9.19
N ALA E 228 -37.58 -31.91 -10.40
CA ALA E 228 -36.60 -32.65 -11.17
C ALA E 228 -36.45 -32.05 -12.56
N ALA E 229 -35.19 -31.80 -12.97
CA ALA E 229 -34.86 -31.36 -14.32
C ALA E 229 -34.57 -32.58 -15.18
N LEU E 230 -35.18 -32.61 -16.37
CA LEU E 230 -35.15 -33.79 -17.23
C LEU E 230 -34.23 -33.55 -18.43
N ARG E 231 -32.93 -33.84 -18.24
CA ARG E 231 -31.92 -33.74 -19.29
C ARG E 231 -31.85 -35.07 -20.04
N ARG E 232 -31.77 -34.99 -21.37
CA ARG E 232 -31.59 -36.17 -22.22
C ARG E 232 -30.13 -36.59 -22.16
N PRO E 233 -29.80 -37.82 -21.67
CA PRO E 233 -28.41 -38.29 -21.63
C PRO E 233 -27.86 -38.50 -23.05
N LEU E 234 -26.54 -38.32 -23.20
CA LEU E 234 -25.89 -38.28 -24.51
C LEU E 234 -26.30 -39.48 -25.36
N SER E 235 -26.39 -40.66 -24.73
CA SER E 235 -26.91 -41.86 -25.37
C SER E 235 -27.87 -42.60 -24.43
N ASN E 236 -28.86 -43.26 -25.04
CA ASN E 236 -30.05 -43.75 -24.37
C ASN E 236 -31.10 -42.63 -24.34
N ALA E 237 -30.96 -41.68 -25.28
CA ALA E 237 -31.94 -40.63 -25.48
C ALA E 237 -33.15 -41.20 -26.22
N ALA E 238 -33.43 -42.49 -25.99
CA ALA E 238 -34.57 -43.20 -26.57
C ALA E 238 -35.77 -43.10 -25.61
N GLU E 239 -35.62 -43.63 -24.39
CA GLU E 239 -36.65 -43.53 -23.38
C GLU E 239 -36.03 -43.36 -21.99
N ASN E 240 -34.84 -42.73 -21.95
CA ASN E 240 -34.13 -42.49 -20.71
C ASN E 240 -33.98 -40.99 -20.46
N ASP E 241 -34.24 -40.59 -19.20
CA ASP E 241 -34.01 -39.25 -18.69
C ASP E 241 -32.88 -39.27 -17.67
N TYR E 242 -31.99 -38.27 -17.76
CA TYR E 242 -31.10 -37.98 -16.66
C TYR E 242 -31.77 -36.95 -15.75
N VAL E 243 -32.11 -37.38 -14.54
CA VAL E 243 -32.95 -36.65 -13.60
C VAL E 243 -32.07 -35.98 -12.53
N ARG E 244 -32.31 -34.69 -12.29
CA ARG E 244 -31.66 -33.93 -11.24
C ARG E 244 -32.71 -33.28 -10.33
N SER E 245 -32.86 -33.84 -9.13
CA SER E 245 -33.89 -33.39 -8.21
C SER E 245 -33.26 -32.52 -7.12
N THR E 246 -33.76 -31.27 -7.03
CA THR E 246 -33.38 -30.32 -5.99
C THR E 246 -34.57 -30.17 -5.06
N VAL E 247 -34.31 -29.81 -3.80
CA VAL E 247 -35.41 -29.74 -2.86
C VAL E 247 -35.37 -28.38 -2.17
N PHE E 248 -36.51 -27.69 -2.15
CA PHE E 248 -36.67 -26.46 -1.37
C PHE E 248 -37.24 -26.78 0.02
N VAL E 249 -36.46 -26.43 1.04
CA VAL E 249 -36.98 -26.45 2.40
C VAL E 249 -37.22 -25.01 2.77
N ALA E 250 -38.49 -24.59 2.79
CA ALA E 250 -38.80 -23.21 3.12
C ALA E 250 -38.17 -22.91 4.48
N PRO E 251 -37.83 -21.64 4.80
CA PRO E 251 -37.94 -20.51 3.86
C PRO E 251 -36.72 -20.23 2.99
N ALA E 252 -35.59 -20.90 3.26
CA ALA E 252 -34.32 -20.38 2.77
C ALA E 252 -33.26 -21.46 2.59
N THR E 253 -33.65 -22.73 2.45
CA THR E 253 -32.67 -23.77 2.21
C THR E 253 -32.88 -24.39 0.83
N ALA E 254 -31.78 -24.82 0.21
CA ALA E 254 -31.79 -25.65 -0.98
C ALA E 254 -30.92 -26.87 -0.73
N LEU E 255 -31.47 -28.05 -1.04
CA LEU E 255 -30.73 -29.29 -1.01
C LEU E 255 -30.43 -29.63 -2.45
N ILE E 256 -29.13 -29.64 -2.78
CA ILE E 256 -28.63 -29.64 -4.14
C ILE E 256 -28.29 -31.08 -4.56
N PRO E 257 -28.68 -31.50 -5.78
CA PRO E 257 -28.32 -32.83 -6.28
C PRO E 257 -26.93 -33.22 -5.79
N PRO E 258 -26.78 -34.37 -5.10
CA PRO E 258 -25.49 -34.81 -4.57
C PRO E 258 -24.54 -35.20 -5.72
N ASN E 259 -23.34 -35.67 -5.35
CA ASN E 259 -22.45 -36.37 -6.27
C ASN E 259 -22.22 -37.78 -5.71
N ASN E 260 -21.16 -38.43 -6.20
CA ASN E 260 -20.87 -39.81 -5.85
C ASN E 260 -20.59 -39.92 -4.36
N LEU E 261 -19.99 -38.87 -3.78
CA LEU E 261 -19.23 -39.04 -2.54
C LEU E 261 -19.92 -38.37 -1.35
N TYR E 262 -20.44 -37.14 -1.57
CA TYR E 262 -21.08 -36.38 -0.51
C TYR E 262 -22.27 -35.58 -1.07
N ASN E 263 -22.98 -34.92 -0.15
CA ASN E 263 -24.12 -34.09 -0.53
C ASN E 263 -23.75 -32.61 -0.40
N VAL E 264 -24.63 -31.78 -0.98
CA VAL E 264 -24.49 -30.34 -1.03
C VAL E 264 -25.82 -29.72 -0.59
N ALA E 265 -25.77 -28.83 0.40
CA ALA E 265 -26.89 -28.01 0.83
C ALA E 265 -26.45 -26.55 0.87
N ASN E 266 -27.41 -25.66 0.65
CA ASN E 266 -27.24 -24.23 0.87
C ASN E 266 -28.35 -23.75 1.80
N ILE E 267 -27.99 -22.92 2.78
CA ILE E 267 -28.95 -22.15 3.54
C ILE E 267 -28.53 -20.67 3.54
N ASN E 268 -29.52 -19.78 3.43
CA ASN E 268 -29.32 -18.35 3.34
C ASN E 268 -30.06 -17.69 4.49
N VAL E 269 -29.36 -16.84 5.24
CA VAL E 269 -29.96 -16.23 6.40
C VAL E 269 -29.93 -14.74 6.13
N PRO E 270 -31.10 -14.08 5.98
CA PRO E 270 -31.14 -12.64 5.75
C PRO E 270 -30.48 -11.83 6.87
N MET E 271 -29.38 -11.13 6.53
CA MET E 271 -28.73 -10.24 7.48
C MET E 271 -29.59 -8.99 7.62
N ASP E 272 -30.13 -8.59 6.47
CA ASP E 272 -31.11 -7.54 6.36
C ASP E 272 -31.63 -7.51 4.93
N ASP E 273 -32.32 -6.41 4.58
CA ASP E 273 -33.07 -6.30 3.35
C ASP E 273 -32.16 -6.43 2.12
N THR E 274 -30.88 -6.05 2.24
CA THR E 274 -29.99 -6.01 1.09
C THR E 274 -28.69 -6.79 1.31
N ASN E 275 -28.63 -7.62 2.37
CA ASN E 275 -27.42 -8.36 2.66
C ASN E 275 -27.77 -9.73 3.26
N THR E 276 -26.92 -10.72 2.95
CA THR E 276 -27.23 -12.12 3.24
C THR E 276 -26.00 -12.90 3.68
N ALA E 277 -26.16 -13.67 4.76
CA ALA E 277 -25.27 -14.77 5.09
C ALA E 277 -25.60 -15.97 4.19
N PHE E 278 -24.60 -16.39 3.43
CA PHE E 278 -24.76 -17.49 2.50
C PHE E 278 -23.88 -18.66 2.93
N TYR E 279 -24.53 -19.73 3.42
CA TYR E 279 -23.84 -20.94 3.84
C TYR E 279 -23.96 -22.01 2.76
N PHE E 280 -22.83 -22.60 2.38
CA PHE E 280 -22.80 -23.58 1.30
C PHE E 280 -22.02 -24.80 1.78
N ILE E 281 -22.74 -25.93 1.92
CA ILE E 281 -22.32 -27.05 2.76
C ILE E 281 -22.01 -28.29 1.93
N ALA E 282 -20.83 -28.87 2.18
CA ALA E 282 -20.62 -30.29 1.90
C ALA E 282 -20.87 -31.09 3.18
N TRP E 283 -21.63 -32.19 3.04
CA TRP E 283 -21.93 -33.07 4.15
C TRP E 283 -22.02 -34.51 3.66
N GLY E 284 -21.62 -35.44 4.55
CA GLY E 284 -21.70 -36.86 4.28
C GLY E 284 -20.78 -37.70 5.16
N HIS E 285 -20.36 -38.85 4.62
CA HIS E 285 -19.50 -39.77 5.35
C HIS E 285 -18.20 -39.06 5.69
N PRO E 286 -17.82 -39.00 6.99
CA PRO E 286 -16.51 -38.49 7.43
C PRO E 286 -15.38 -38.86 6.47
N SER E 287 -15.50 -40.01 5.84
CA SER E 287 -14.40 -40.52 5.03
C SER E 287 -14.53 -40.11 3.56
N GLN E 288 -15.65 -39.46 3.17
CA GLN E 288 -15.88 -39.16 1.76
C GLN E 288 -16.13 -37.67 1.50
N THR E 289 -16.52 -36.93 2.54
CA THR E 289 -16.75 -35.49 2.46
C THR E 289 -15.46 -34.75 2.75
N PRO E 290 -15.05 -33.76 1.91
CA PRO E 290 -13.84 -32.96 2.16
C PRO E 290 -13.96 -32.17 3.46
N GLU E 291 -12.80 -31.91 4.08
CA GLU E 291 -12.73 -31.19 5.33
C GLU E 291 -12.91 -29.71 5.03
N THR E 292 -13.19 -28.92 6.07
CA THR E 292 -13.55 -27.53 5.86
C THR E 292 -12.61 -26.88 4.85
N GLU E 293 -11.33 -26.76 5.23
CA GLU E 293 -10.36 -25.99 4.48
C GLU E 293 -10.29 -26.42 3.02
N THR E 294 -10.64 -27.69 2.75
CA THR E 294 -10.57 -28.25 1.41
C THR E 294 -11.74 -27.76 0.57
N TRP E 295 -12.95 -27.96 1.11
CA TRP E 295 -14.17 -27.43 0.55
C TRP E 295 -13.92 -25.98 0.17
N ARG E 296 -13.51 -25.18 1.15
CA ARG E 296 -13.36 -23.76 0.94
C ARG E 296 -12.41 -23.52 -0.23
N LYS E 297 -11.29 -24.25 -0.28
CA LYS E 297 -10.29 -24.07 -1.31
C LYS E 297 -10.88 -24.42 -2.68
N PHE E 298 -11.74 -25.43 -2.69
CA PHE E 298 -12.37 -25.90 -3.90
C PHE E 298 -13.39 -24.88 -4.42
N LEU E 299 -13.95 -24.07 -3.51
CA LEU E 299 -15.00 -23.12 -3.86
C LEU E 299 -14.41 -21.72 -3.99
N ARG E 300 -13.10 -21.58 -3.74
CA ARG E 300 -12.40 -20.30 -3.70
C ARG E 300 -13.13 -19.36 -2.76
N GLN E 301 -13.40 -19.84 -1.53
CA GLN E 301 -14.00 -19.09 -0.42
C GLN E 301 -13.13 -19.24 0.83
N THR E 302 -11.81 -19.06 0.64
CA THR E 302 -10.81 -19.23 1.68
C THR E 302 -10.59 -17.90 2.40
N VAL E 303 -10.78 -17.92 3.71
CA VAL E 303 -10.57 -16.77 4.56
C VAL E 303 -9.12 -16.32 4.43
N GLY E 304 -8.92 -15.07 4.04
CA GLY E 304 -7.57 -14.55 3.96
C GLY E 304 -6.96 -14.65 2.56
N VAL E 305 -7.71 -15.24 1.60
CA VAL E 305 -7.25 -15.19 0.22
C VAL E 305 -8.42 -14.97 -0.75
N ASP E 306 -9.64 -15.28 -0.34
CA ASP E 306 -10.77 -14.99 -1.20
C ASP E 306 -11.73 -14.05 -0.49
N LEU E 307 -11.62 -14.04 0.86
CA LEU E 307 -12.55 -13.42 1.78
C LEU E 307 -11.75 -12.70 2.85
N ASP E 308 -12.26 -11.58 3.34
CA ASP E 308 -11.63 -10.87 4.44
C ASP E 308 -12.01 -11.57 5.75
N GLN E 309 -11.51 -11.03 6.88
CA GLN E 309 -11.71 -11.48 8.26
C GLN E 309 -13.15 -11.92 8.54
N ASN E 310 -14.15 -11.17 8.05
CA ASN E 310 -15.54 -11.41 8.37
C ASN E 310 -16.26 -12.01 7.17
N TYR E 311 -15.47 -12.65 6.30
CA TYR E 311 -15.99 -13.53 5.26
C TYR E 311 -16.72 -12.73 4.18
N ARG E 312 -16.32 -11.47 4.00
CA ARG E 312 -16.82 -10.68 2.89
C ARG E 312 -15.91 -10.89 1.69
N PRO E 313 -16.42 -11.02 0.45
CA PRO E 313 -15.56 -11.32 -0.69
C PRO E 313 -14.71 -10.15 -1.22
N LEU E 314 -13.51 -10.49 -1.68
CA LEU E 314 -12.62 -9.53 -2.31
C LEU E 314 -12.93 -9.46 -3.80
N ARG E 315 -13.67 -10.46 -4.31
CA ARG E 315 -14.24 -10.27 -5.64
C ARG E 315 -15.44 -9.33 -5.48
N ASN E 316 -15.51 -8.31 -6.32
CA ASN E 316 -16.62 -7.37 -6.26
C ASN E 316 -16.79 -6.68 -7.61
N GLU E 317 -17.81 -5.83 -7.67
CA GLU E 317 -18.21 -5.22 -8.93
C GLU E 317 -17.06 -4.36 -9.44
N ALA E 318 -16.37 -3.67 -8.50
CA ALA E 318 -15.25 -2.78 -8.77
C ALA E 318 -14.15 -3.46 -9.59
N ASN E 319 -13.82 -4.72 -9.26
CA ASN E 319 -12.75 -5.45 -9.91
C ASN E 319 -13.33 -6.53 -10.84
N LYS E 320 -14.59 -6.34 -11.23
CA LYS E 320 -15.28 -7.20 -12.19
C LYS E 320 -15.14 -8.68 -11.81
N PHE E 321 -15.28 -8.98 -10.51
CA PHE E 321 -15.23 -10.31 -9.92
C PHE E 321 -13.98 -11.10 -10.35
N TRP E 322 -12.89 -10.38 -10.62
CA TRP E 322 -11.60 -10.91 -11.04
C TRP E 322 -11.71 -11.65 -12.36
N GLN E 323 -12.68 -11.28 -13.19
CA GLN E 323 -12.85 -11.93 -14.47
C GLN E 323 -11.56 -11.78 -15.27
N ASP E 324 -10.96 -12.92 -15.64
CA ASP E 324 -9.84 -12.92 -16.58
C ASP E 324 -10.40 -13.08 -17.99
N ARG E 325 -10.18 -12.03 -18.78
CA ARG E 325 -10.74 -12.01 -20.13
C ARG E 325 -9.98 -13.00 -21.03
N ASN E 326 -8.66 -13.10 -20.81
CA ASN E 326 -7.84 -14.05 -21.55
C ASN E 326 -8.31 -15.47 -21.29
N ALA E 327 -8.70 -15.77 -20.05
CA ALA E 327 -9.14 -17.11 -19.66
C ALA E 327 -10.36 -17.51 -20.47
N MET E 328 -11.13 -16.49 -20.91
CA MET E 328 -12.38 -16.67 -21.63
C MET E 328 -12.10 -16.84 -23.12
N LYS E 329 -11.13 -16.09 -23.64
CA LYS E 329 -10.67 -16.28 -25.02
C LYS E 329 -9.96 -17.64 -25.16
N ALA E 330 -9.49 -18.19 -24.02
CA ALA E 330 -8.77 -19.46 -24.01
C ALA E 330 -9.73 -20.63 -23.91
N GLY E 331 -11.00 -20.36 -23.55
CA GLY E 331 -12.01 -21.42 -23.51
C GLY E 331 -12.66 -21.62 -22.15
N ASN E 332 -12.20 -20.87 -21.12
CA ASN E 332 -12.87 -20.87 -19.82
C ASN E 332 -14.08 -19.94 -19.90
N PHE E 333 -15.27 -20.52 -19.76
CA PHE E 333 -16.56 -19.91 -20.06
C PHE E 333 -16.72 -18.52 -19.41
N THR E 334 -16.70 -18.48 -18.07
CA THR E 334 -17.05 -17.31 -17.28
C THR E 334 -15.82 -16.48 -16.93
N GLY E 335 -14.66 -17.16 -16.89
CA GLY E 335 -13.40 -16.52 -16.58
C GLY E 335 -13.30 -16.15 -15.10
N ILE E 336 -14.18 -16.74 -14.29
CA ILE E 336 -14.25 -16.45 -12.86
C ILE E 336 -13.98 -17.72 -12.06
N THR E 337 -13.14 -17.62 -11.02
CA THR E 337 -12.60 -18.80 -10.37
C THR E 337 -13.43 -19.22 -9.13
N GLY E 338 -13.75 -20.51 -9.06
CA GLY E 338 -14.62 -21.04 -8.03
C GLY E 338 -16.08 -20.81 -8.39
N PHE E 339 -16.78 -21.90 -8.72
CA PHE E 339 -18.11 -21.82 -9.33
C PHE E 339 -19.06 -20.90 -8.57
N PRO E 340 -19.14 -20.92 -7.21
CA PRO E 340 -20.02 -20.00 -6.45
C PRO E 340 -19.75 -18.51 -6.63
N ASN E 341 -18.51 -18.16 -6.98
CA ASN E 341 -18.15 -16.80 -7.32
C ASN E 341 -18.78 -16.44 -8.66
N GLN E 342 -18.84 -17.42 -9.56
CA GLN E 342 -19.50 -17.22 -10.85
C GLN E 342 -20.95 -16.89 -10.59
N ASP E 343 -21.52 -17.53 -9.56
CA ASP E 343 -22.87 -17.21 -9.10
C ASP E 343 -22.91 -15.77 -8.58
N VAL E 344 -22.04 -15.46 -7.61
CA VAL E 344 -21.98 -14.14 -7.00
C VAL E 344 -21.98 -13.03 -8.05
N ALA E 345 -21.10 -13.14 -9.07
CA ALA E 345 -21.03 -12.14 -10.14
C ALA E 345 -22.41 -11.89 -10.79
N MET E 346 -23.18 -12.96 -11.01
CA MET E 346 -24.52 -12.85 -11.57
C MET E 346 -25.46 -12.22 -10.56
N TRP E 347 -25.47 -12.71 -9.30
CA TRP E 347 -26.48 -12.29 -8.33
C TRP E 347 -26.33 -10.81 -7.96
N LEU E 348 -25.09 -10.36 -7.78
CA LEU E 348 -24.86 -8.98 -7.35
C LEU E 348 -25.11 -8.02 -8.50
N THR E 349 -25.11 -8.50 -9.74
CA THR E 349 -25.30 -7.58 -10.85
C THR E 349 -26.78 -7.32 -11.12
N MET E 350 -27.67 -8.05 -10.44
CA MET E 350 -29.10 -7.78 -10.61
C MET E 350 -29.54 -6.66 -9.68
N GLY E 351 -28.65 -6.26 -8.78
CA GLY E 351 -28.88 -5.15 -7.87
C GLY E 351 -29.09 -5.61 -6.43
N PRO E 352 -28.94 -4.68 -5.46
CA PRO E 352 -29.20 -4.95 -4.04
C PRO E 352 -30.42 -5.83 -3.75
N ILE E 353 -31.56 -5.49 -4.37
CA ILE E 353 -32.72 -6.37 -4.45
C ILE E 353 -33.11 -6.44 -5.93
N ALA E 354 -33.23 -7.68 -6.46
CA ALA E 354 -33.57 -7.87 -7.86
C ALA E 354 -35.01 -7.40 -8.09
N ASP E 355 -35.27 -6.83 -9.28
CA ASP E 355 -36.58 -6.26 -9.56
C ASP E 355 -37.40 -7.25 -10.38
N ARG E 356 -38.00 -8.22 -9.70
CA ARG E 356 -38.72 -9.30 -10.35
C ARG E 356 -39.73 -8.74 -11.34
N THR E 357 -40.22 -7.52 -11.09
CA THR E 357 -41.10 -6.75 -11.96
C THR E 357 -40.64 -6.77 -13.41
N HIS E 358 -39.33 -6.67 -13.64
CA HIS E 358 -38.78 -6.50 -14.96
C HIS E 358 -38.43 -7.86 -15.59
N ASP E 359 -38.66 -8.97 -14.86
CA ASP E 359 -38.16 -10.29 -15.27
C ASP E 359 -38.82 -10.73 -16.57
N ARG E 360 -38.23 -11.71 -17.26
CA ARG E 360 -38.79 -12.21 -18.50
C ARG E 360 -38.53 -13.70 -18.64
N LEU E 361 -39.29 -14.48 -17.85
CA LEU E 361 -39.02 -15.86 -17.50
C LEU E 361 -39.54 -16.81 -18.58
N GLY E 362 -39.07 -18.06 -18.56
CA GLY E 362 -39.35 -19.00 -19.62
C GLY E 362 -39.77 -20.37 -19.10
N ALA E 363 -39.48 -21.40 -19.90
CA ALA E 363 -39.79 -22.77 -19.51
C ALA E 363 -38.75 -23.25 -18.48
N SER E 364 -37.54 -22.67 -18.56
CA SER E 364 -36.39 -23.07 -17.76
C SER E 364 -36.56 -22.66 -16.30
N ASP E 365 -37.56 -21.82 -16.00
CA ASP E 365 -37.56 -21.13 -14.72
C ASP E 365 -38.68 -21.63 -13.82
N LEU E 366 -39.34 -22.71 -14.24
CA LEU E 366 -40.52 -23.21 -13.55
C LEU E 366 -40.27 -23.28 -12.04
N ALA E 367 -39.08 -23.75 -11.66
CA ALA E 367 -38.71 -23.88 -10.26
C ALA E 367 -38.87 -22.55 -9.54
N ILE E 368 -38.24 -21.49 -10.09
CA ILE E 368 -38.20 -20.18 -9.48
C ILE E 368 -39.63 -19.65 -9.29
N VAL E 369 -40.49 -19.86 -10.31
CA VAL E 369 -41.88 -19.45 -10.25
C VAL E 369 -42.59 -20.16 -9.11
N GLU E 370 -42.28 -21.45 -8.94
CA GLU E 370 -42.87 -22.22 -7.86
C GLU E 370 -42.44 -21.62 -6.53
N PHE E 371 -41.12 -21.40 -6.38
CA PHE E 371 -40.62 -20.77 -5.18
C PHE E 371 -41.38 -19.48 -4.93
N ARG E 372 -41.59 -18.71 -6.00
CA ARG E 372 -42.23 -17.42 -5.83
C ARG E 372 -43.61 -17.61 -5.19
N LYS E 373 -44.48 -18.37 -5.87
CA LYS E 373 -45.88 -18.52 -5.45
C LYS E 373 -45.95 -18.95 -3.99
N GLN E 374 -45.17 -20.00 -3.67
CA GLN E 374 -45.32 -20.73 -2.43
C GLN E 374 -45.10 -19.79 -1.25
N MET E 375 -44.08 -18.92 -1.38
CA MET E 375 -43.67 -18.05 -0.30
C MET E 375 -44.67 -16.92 -0.11
N LEU E 376 -45.04 -16.27 -1.23
CA LEU E 376 -46.02 -15.20 -1.22
C LEU E 376 -47.31 -15.74 -0.60
N ASP E 377 -47.63 -17.01 -0.89
CA ASP E 377 -48.83 -17.61 -0.34
C ASP E 377 -48.64 -17.79 1.16
N ALA E 378 -47.55 -18.48 1.52
CA ALA E 378 -47.16 -18.77 2.90
C ALA E 378 -47.15 -17.50 3.75
N VAL E 379 -46.52 -16.44 3.25
CA VAL E 379 -46.41 -15.19 3.98
C VAL E 379 -47.82 -14.65 4.25
N LYS E 380 -48.64 -14.63 3.19
CA LYS E 380 -50.02 -14.18 3.26
C LYS E 380 -50.74 -14.97 4.34
N ALA E 381 -50.67 -16.32 4.25
CA ALA E 381 -51.34 -17.21 5.19
C ALA E 381 -50.88 -16.92 6.62
N PHE E 382 -49.57 -17.03 6.85
CA PHE E 382 -49.00 -16.80 8.17
C PHE E 382 -49.52 -15.48 8.73
N GLU E 383 -49.49 -14.43 7.89
CA GLU E 383 -49.82 -13.09 8.33
C GLU E 383 -51.30 -12.99 8.70
N GLN E 384 -52.08 -14.03 8.36
CA GLN E 384 -53.50 -14.12 8.68
C GLN E 384 -53.71 -15.20 9.73
N GLY E 385 -52.63 -15.58 10.42
CA GLY E 385 -52.73 -16.43 11.60
C GLY E 385 -52.48 -17.91 11.34
N ALA E 386 -52.02 -18.29 10.13
CA ALA E 386 -51.66 -19.68 9.87
C ALA E 386 -50.36 -20.02 10.59
N PRO E 387 -49.99 -21.31 10.75
CA PRO E 387 -48.70 -21.68 11.29
C PRO E 387 -47.75 -21.49 10.11
N ALA E 388 -46.52 -21.05 10.40
CA ALA E 388 -45.60 -20.57 9.37
C ALA E 388 -44.99 -21.75 8.62
N ILE E 389 -45.00 -21.67 7.27
CA ILE E 389 -44.67 -22.78 6.40
C ILE E 389 -43.45 -23.52 6.96
N GLY E 390 -43.52 -24.86 6.95
CA GLY E 390 -42.40 -25.70 7.34
C GLY E 390 -42.26 -25.95 8.85
N THR E 391 -43.16 -25.38 9.65
CA THR E 391 -43.22 -25.70 11.07
C THR E 391 -44.56 -26.36 11.36
N GLY E 392 -44.91 -26.51 12.65
CA GLY E 392 -46.00 -27.39 13.03
C GLY E 392 -45.64 -28.84 12.70
N VAL E 393 -46.67 -29.68 12.46
CA VAL E 393 -46.47 -31.11 12.25
C VAL E 393 -46.24 -31.39 10.76
N GLU E 394 -45.34 -30.62 10.13
CA GLU E 394 -45.17 -30.57 8.68
C GLU E 394 -43.75 -30.19 8.27
N ALA E 395 -42.75 -30.62 9.04
CA ALA E 395 -41.36 -30.22 8.85
C ALA E 395 -40.58 -31.26 8.04
N ALA E 396 -39.49 -30.81 7.38
CA ALA E 396 -38.60 -31.67 6.61
C ALA E 396 -37.32 -31.94 7.39
N THR E 397 -36.85 -33.19 7.31
CA THR E 397 -35.71 -33.68 8.09
C THR E 397 -34.95 -34.71 7.25
N PRO E 398 -34.00 -35.51 7.81
CA PRO E 398 -33.10 -36.33 7.01
C PRO E 398 -33.66 -37.64 6.43
N THR E 399 -34.85 -37.56 5.81
CA THR E 399 -35.32 -38.56 4.86
C THR E 399 -36.04 -37.87 3.70
N VAL E 400 -35.86 -36.54 3.63
CA VAL E 400 -36.17 -35.72 2.48
C VAL E 400 -34.84 -35.10 2.02
N CYS E 401 -34.41 -35.44 0.79
CA CYS E 401 -33.18 -34.92 0.21
C CYS E 401 -33.22 -34.99 -1.32
N SER E 402 -32.24 -34.33 -1.95
CA SER E 402 -32.10 -34.29 -3.40
C SER E 402 -31.59 -35.64 -3.90
N PHE E 403 -31.45 -35.76 -5.23
CA PHE E 403 -30.96 -36.97 -5.86
C PHE E 403 -30.70 -36.71 -7.34
N GLN E 404 -29.89 -37.58 -7.96
CA GLN E 404 -29.68 -37.58 -9.39
C GLN E 404 -29.54 -39.03 -9.88
N ALA E 405 -30.12 -39.34 -11.05
CA ALA E 405 -30.00 -40.64 -11.68
C ALA E 405 -30.68 -40.68 -13.05
N ILE E 406 -30.22 -41.59 -13.91
CA ILE E 406 -30.77 -41.85 -15.24
C ILE E 406 -31.74 -43.04 -15.13
N VAL E 407 -33.06 -42.75 -15.19
CA VAL E 407 -34.12 -43.73 -14.96
C VAL E 407 -35.12 -43.67 -16.11
N PRO E 408 -35.66 -44.82 -16.62
CA PRO E 408 -36.63 -44.83 -17.73
C PRO E 408 -37.73 -43.77 -17.69
N LYS E 409 -38.19 -43.37 -18.88
CA LYS E 409 -38.89 -42.11 -19.15
C LYS E 409 -40.23 -41.99 -18.42
N THR E 410 -40.91 -43.11 -18.17
CA THR E 410 -42.17 -43.03 -17.45
C THR E 410 -42.08 -43.82 -16.13
N THR E 411 -41.06 -43.47 -15.33
CA THR E 411 -41.06 -43.67 -13.88
C THR E 411 -41.42 -42.34 -13.23
N ASP E 412 -42.36 -42.39 -12.27
CA ASP E 412 -42.63 -41.22 -11.46
C ASP E 412 -41.37 -40.94 -10.63
N TRP E 413 -40.88 -39.70 -10.69
CA TRP E 413 -39.65 -39.34 -9.99
C TRP E 413 -39.94 -38.85 -8.58
N ARG E 414 -41.23 -38.62 -8.26
CA ARG E 414 -41.68 -38.36 -6.90
C ARG E 414 -41.68 -39.68 -6.13
N THR E 415 -41.70 -40.78 -6.90
CA THR E 415 -41.73 -42.14 -6.39
C THR E 415 -40.32 -42.58 -6.00
N TYR E 416 -39.32 -41.79 -6.41
CA TYR E 416 -37.91 -42.15 -6.27
C TYR E 416 -37.57 -42.42 -4.80
N ASP E 417 -36.60 -43.31 -4.59
CA ASP E 417 -36.24 -43.81 -3.27
C ASP E 417 -34.73 -44.02 -3.16
N ALA E 418 -33.99 -42.92 -3.30
CA ALA E 418 -32.63 -42.86 -2.78
C ALA E 418 -32.70 -42.22 -1.38
N HIS E 419 -31.85 -42.68 -0.45
CA HIS E 419 -31.75 -42.09 0.87
C HIS E 419 -30.89 -40.82 0.77
N TYR E 420 -29.84 -40.69 1.59
CA TYR E 420 -28.89 -39.59 1.42
C TYR E 420 -27.47 -40.15 1.25
N VAL E 421 -26.82 -39.77 0.14
CA VAL E 421 -25.57 -40.35 -0.32
C VAL E 421 -24.57 -40.45 0.84
N TRP E 422 -24.01 -41.66 1.02
CA TRP E 422 -23.12 -41.98 2.14
C TRP E 422 -21.98 -42.91 1.70
N LEU E 423 -22.16 -44.23 1.86
CA LEU E 423 -21.18 -45.24 1.46
C LEU E 423 -21.93 -46.42 0.84
N MET F 1 33.83 -20.26 -29.91
CA MET F 1 33.99 -20.42 -28.43
C MET F 1 34.78 -19.24 -27.88
N MET F 2 34.33 -18.73 -26.73
CA MET F 2 34.98 -17.65 -26.03
C MET F 2 35.39 -18.14 -24.64
N THR F 3 36.22 -17.34 -23.96
CA THR F 3 36.66 -17.67 -22.62
C THR F 3 36.25 -16.56 -21.66
N HIS F 4 36.43 -16.82 -20.36
CA HIS F 4 36.11 -15.83 -19.34
C HIS F 4 36.87 -14.53 -19.63
N GLU F 5 38.18 -14.65 -19.85
CA GLU F 5 39.04 -13.53 -20.22
C GLU F 5 38.46 -12.73 -21.40
N GLU F 6 37.93 -13.44 -22.40
CA GLU F 6 37.44 -12.79 -23.60
C GLU F 6 36.13 -12.04 -23.32
N ASN F 7 35.26 -12.71 -22.55
CA ASN F 7 33.96 -12.21 -22.15
C ASN F 7 34.13 -10.93 -21.33
N GLU F 8 35.05 -10.95 -20.36
CA GLU F 8 35.30 -9.80 -19.50
C GLU F 8 35.90 -8.65 -20.30
N LEU F 9 36.70 -8.97 -21.33
CA LEU F 9 37.33 -7.91 -22.08
C LEU F 9 36.28 -7.12 -22.84
N LEU F 10 35.38 -7.89 -23.48
CA LEU F 10 34.26 -7.43 -24.29
C LEU F 10 33.28 -6.57 -23.48
N CYS F 11 33.17 -6.80 -22.16
CA CYS F 11 32.01 -6.38 -21.39
C CYS F 11 32.30 -5.31 -20.36
N ARG F 12 33.44 -5.43 -19.68
CA ARG F 12 33.66 -4.53 -18.56
C ARG F 12 34.02 -3.18 -19.13
N VAL F 13 33.43 -2.14 -18.54
CA VAL F 13 33.60 -0.78 -19.02
C VAL F 13 34.00 0.14 -17.87
N GLU F 14 33.89 -0.36 -16.63
CA GLU F 14 34.10 0.43 -15.42
C GLU F 14 35.56 0.81 -15.30
N GLY F 15 35.82 1.96 -14.66
CA GLY F 15 37.14 2.37 -14.23
C GLY F 15 38.17 2.27 -15.36
N ASP F 16 38.84 1.11 -15.43
CA ASP F 16 40.02 0.98 -16.28
C ASP F 16 39.83 -0.02 -17.40
N ALA F 17 38.65 -0.63 -17.50
CA ALA F 17 38.44 -1.65 -18.53
C ALA F 17 38.73 -1.03 -19.89
N PRO F 18 39.42 -1.76 -20.81
CA PRO F 18 39.79 -1.19 -22.11
C PRO F 18 38.56 -1.03 -22.98
N MET F 19 37.56 -1.91 -22.82
CA MET F 19 36.34 -1.71 -23.57
C MET F 19 35.71 -0.37 -23.18
N GLY F 20 35.97 0.05 -21.94
CA GLY F 20 35.45 1.32 -21.45
C GLY F 20 36.15 2.51 -22.10
N ARG F 21 37.48 2.44 -22.17
CA ARG F 21 38.29 3.55 -22.66
C ARG F 21 38.10 3.73 -24.17
N LEU F 22 37.77 2.63 -24.87
CA LEU F 22 37.43 2.67 -26.28
C LEU F 22 36.12 3.42 -26.45
N MET F 23 35.08 2.96 -25.76
CA MET F 23 33.78 3.59 -25.89
C MET F 23 33.89 5.08 -25.60
N ARG F 24 34.79 5.47 -24.67
CA ARG F 24 34.95 6.86 -24.27
C ARG F 24 35.58 7.69 -25.39
N ARG F 25 35.88 7.09 -26.55
CA ARG F 25 36.48 7.84 -27.65
C ARG F 25 35.41 8.41 -28.57
N HIS F 26 34.15 7.96 -28.40
CA HIS F 26 32.99 8.50 -29.11
C HIS F 26 32.18 9.43 -28.21
N TRP F 27 31.25 10.19 -28.82
CA TRP F 27 30.27 10.97 -28.09
C TRP F 27 29.23 10.06 -27.42
N THR F 28 28.92 10.32 -26.15
CA THR F 28 28.01 9.47 -25.39
C THR F 28 26.69 10.18 -25.09
N PRO F 29 25.53 9.53 -25.34
CA PRO F 29 24.27 9.93 -24.72
C PRO F 29 24.30 9.70 -23.22
N ILE F 30 24.00 10.77 -22.47
CA ILE F 30 24.03 10.79 -21.02
C ILE F 30 22.62 10.83 -20.46
N CYS F 31 21.67 11.40 -21.22
CA CYS F 31 20.27 11.50 -20.81
C CYS F 31 19.42 12.28 -21.83
N LEU F 32 18.10 12.13 -21.70
CA LEU F 32 17.12 12.76 -22.56
C LEU F 32 17.12 14.25 -22.27
N VAL F 33 16.71 15.04 -23.26
CA VAL F 33 16.72 16.48 -23.03
C VAL F 33 15.54 16.85 -22.14
N GLU F 34 14.46 16.06 -22.23
CA GLU F 34 13.26 16.26 -21.43
C GLU F 34 13.64 16.31 -19.94
N GLU F 35 14.65 15.53 -19.56
CA GLU F 35 15.03 15.36 -18.17
C GLU F 35 15.57 16.66 -17.57
N VAL F 36 16.44 17.38 -18.29
CA VAL F 36 17.16 18.51 -17.72
C VAL F 36 16.22 19.71 -17.61
N GLY F 37 15.18 19.71 -18.46
CA GLY F 37 14.09 20.67 -18.46
C GLY F 37 14.54 22.09 -18.84
N GLU F 38 14.02 23.06 -18.08
CA GLU F 38 14.09 24.50 -18.33
C GLU F 38 15.42 25.10 -17.87
N PRO F 39 15.75 26.33 -18.27
CA PRO F 39 16.85 27.05 -17.64
C PRO F 39 16.57 27.17 -16.16
N ASP F 40 17.59 26.90 -15.33
CA ASP F 40 17.53 26.88 -13.87
C ASP F 40 16.72 25.69 -13.35
N GLY F 41 16.65 24.62 -14.18
CA GLY F 41 15.82 23.47 -13.92
C GLY F 41 16.39 22.53 -12.86
N THR F 42 15.52 21.70 -12.29
CA THR F 42 15.90 20.63 -11.39
C THR F 42 17.07 19.82 -11.98
N PRO F 43 18.14 19.61 -11.18
CA PRO F 43 19.28 18.78 -11.61
C PRO F 43 18.93 17.30 -11.67
N VAL F 44 19.54 16.62 -12.65
CA VAL F 44 19.26 15.23 -12.99
C VAL F 44 20.48 14.39 -12.65
N LYS F 45 20.28 13.15 -12.16
CA LYS F 45 21.39 12.22 -12.02
C LYS F 45 21.41 11.29 -13.22
N ALA F 46 22.61 11.20 -13.82
CA ALA F 46 22.91 10.16 -14.80
C ALA F 46 24.07 9.35 -14.25
N ARG F 47 24.48 8.36 -15.05
CA ARG F 47 25.64 7.56 -14.75
C ARG F 47 26.11 6.87 -16.02
N ALA F 48 27.38 7.12 -16.42
CA ALA F 48 28.01 6.46 -17.56
C ALA F 48 29.35 5.83 -17.19
N PHE F 49 29.60 4.64 -17.74
CA PHE F 49 30.83 3.90 -17.51
C PHE F 49 31.21 3.93 -16.04
N GLY F 50 30.19 3.80 -15.18
CA GLY F 50 30.44 3.60 -13.77
C GLY F 50 30.77 4.90 -13.07
N GLU F 51 30.36 6.02 -13.67
CA GLU F 51 30.68 7.31 -13.10
C GLU F 51 29.40 8.12 -12.93
N ASP F 52 29.15 8.57 -11.69
CA ASP F 52 27.97 9.33 -11.31
C ASP F 52 28.10 10.76 -11.80
N LEU F 53 27.03 11.28 -12.39
CA LEU F 53 27.07 12.59 -13.00
C LEU F 53 25.82 13.39 -12.62
N VAL F 54 25.97 14.70 -12.39
CA VAL F 54 24.85 15.63 -12.46
C VAL F 54 24.73 16.17 -13.89
N VAL F 55 23.48 16.25 -14.40
CA VAL F 55 23.16 17.03 -15.58
C VAL F 55 22.31 18.22 -15.12
N PHE F 56 22.68 19.44 -15.53
CA PHE F 56 21.83 20.60 -15.27
C PHE F 56 21.87 21.58 -16.44
N ARG F 57 20.82 22.40 -16.57
CA ARG F 57 20.78 23.47 -17.56
C ARG F 57 20.79 24.84 -16.87
N ASP F 58 21.97 25.49 -16.84
CA ASP F 58 22.14 26.71 -16.05
C ASP F 58 21.21 27.82 -16.55
N SER F 59 21.61 29.06 -16.26
CA SER F 59 20.72 30.20 -16.44
C SER F 59 20.70 30.64 -17.90
N GLU F 60 21.77 30.35 -18.66
CA GLU F 60 21.86 30.78 -20.06
C GLU F 60 21.27 29.71 -20.97
N GLY F 61 21.00 28.53 -20.41
CA GLY F 61 20.45 27.41 -21.15
C GLY F 61 21.56 26.44 -21.55
N ARG F 62 22.80 26.80 -21.22
CA ARG F 62 23.92 25.88 -21.31
C ARG F 62 23.64 24.67 -20.43
N VAL F 63 23.91 23.46 -20.95
CA VAL F 63 23.77 22.21 -20.21
C VAL F 63 25.14 21.70 -19.81
N GLY F 64 25.38 21.52 -18.50
CA GLY F 64 26.61 20.91 -18.03
C GLY F 64 26.39 19.46 -17.60
N VAL F 65 27.40 18.60 -17.87
CA VAL F 65 27.46 17.27 -17.29
C VAL F 65 28.73 17.16 -16.46
N MET F 66 28.58 16.93 -15.14
CA MET F 66 29.68 16.98 -14.19
C MET F 66 29.70 15.73 -13.32
N ASP F 67 30.81 15.51 -12.63
CA ASP F 67 30.84 14.47 -11.60
C ASP F 67 29.86 14.88 -10.50
N GLU F 68 29.16 13.91 -9.92
CA GLU F 68 28.06 14.15 -9.01
C GLU F 68 28.57 14.67 -7.68
N TYR F 69 29.81 14.35 -7.36
CA TYR F 69 30.29 14.65 -6.02
C TYR F 69 31.03 15.99 -6.00
N CYS F 70 30.58 16.82 -5.04
CA CYS F 70 31.08 18.17 -4.83
C CYS F 70 32.59 18.12 -4.61
N PRO F 71 33.37 18.99 -5.31
CA PRO F 71 34.84 18.99 -5.18
C PRO F 71 35.38 19.33 -3.79
N HIS F 72 34.51 19.86 -2.92
CA HIS F 72 34.84 20.12 -1.53
C HIS F 72 34.99 18.81 -0.76
N ARG F 73 33.84 18.30 -0.26
CA ARG F 73 33.84 17.23 0.72
C ARG F 73 32.86 16.12 0.30
N ARG F 74 32.34 16.22 -0.93
CA ARG F 74 31.84 15.07 -1.68
C ARG F 74 30.35 14.83 -1.50
N ALA F 75 29.57 15.85 -1.14
CA ALA F 75 28.12 15.71 -1.22
C ALA F 75 27.64 15.58 -2.68
N SER F 76 26.42 15.08 -2.86
CA SER F 76 25.84 15.07 -4.20
C SER F 76 25.43 16.47 -4.63
N LEU F 77 25.80 16.86 -5.84
CA LEU F 77 25.38 18.17 -6.28
C LEU F 77 23.95 18.13 -6.83
N VAL F 78 23.42 16.91 -7.02
CA VAL F 78 22.05 16.71 -7.47
C VAL F 78 21.07 17.46 -6.57
N TYR F 79 21.41 17.58 -5.27
CA TYR F 79 20.54 18.20 -4.29
C TYR F 79 20.65 19.72 -4.35
N GLY F 80 21.69 20.23 -5.01
CA GLY F 80 22.11 21.63 -4.92
C GLY F 80 21.19 22.61 -5.63
N ARG F 81 21.68 23.85 -5.79
CA ARG F 81 20.86 24.97 -6.20
C ARG F 81 21.28 25.44 -7.59
N ASN F 82 20.42 25.11 -8.57
CA ASN F 82 20.63 25.54 -9.93
C ASN F 82 20.03 26.92 -10.12
N GLU F 83 20.89 27.94 -10.03
CA GLU F 83 20.47 29.32 -10.04
C GLU F 83 21.68 30.22 -10.32
N GLU F 84 21.40 31.33 -11.02
CA GLU F 84 22.36 32.39 -11.30
C GLU F 84 23.61 31.80 -11.94
N GLY F 85 23.38 31.09 -13.06
CA GLY F 85 24.41 30.59 -13.96
C GLY F 85 25.38 29.64 -13.29
N GLY F 86 24.85 28.70 -12.51
CA GLY F 86 25.68 27.73 -11.81
C GLY F 86 24.87 26.77 -10.94
N LEU F 87 25.55 25.71 -10.48
CA LEU F 87 24.98 24.72 -9.57
C LEU F 87 25.76 24.79 -8.26
N ARG F 88 25.07 25.19 -7.18
CA ARG F 88 25.65 25.44 -5.89
C ARG F 88 25.31 24.33 -4.88
N CYS F 89 26.34 23.66 -4.35
CA CYS F 89 26.17 22.61 -3.35
C CYS F 89 25.48 23.15 -2.11
N LEU F 90 24.67 22.31 -1.48
CA LEU F 90 23.84 22.69 -0.34
C LEU F 90 24.64 22.79 0.95
N TYR F 91 25.82 22.16 0.99
CA TYR F 91 26.57 22.00 2.23
C TYR F 91 27.27 23.30 2.61
N HIS F 92 28.35 23.64 1.87
CA HIS F 92 29.21 24.75 2.24
C HIS F 92 29.07 25.84 1.19
N GLY F 93 28.37 25.54 0.09
CA GLY F 93 27.86 26.59 -0.78
C GLY F 93 28.80 26.97 -1.93
N TRP F 94 29.82 26.15 -2.17
CA TRP F 94 30.63 26.23 -3.39
C TRP F 94 29.71 26.18 -4.61
N LYS F 95 30.06 26.90 -5.69
CA LYS F 95 29.15 26.99 -6.81
C LYS F 95 29.90 26.81 -8.12
N MET F 96 29.49 25.82 -8.92
CA MET F 96 30.18 25.53 -10.19
C MET F 96 29.28 25.93 -11.35
N ASP F 97 29.90 26.26 -12.49
CA ASP F 97 29.22 26.48 -13.76
C ASP F 97 29.41 25.24 -14.63
N VAL F 98 28.81 25.23 -15.83
CA VAL F 98 28.72 24.00 -16.59
C VAL F 98 30.11 23.44 -16.90
N ASP F 99 31.15 24.29 -16.86
CA ASP F 99 32.48 23.91 -17.28
C ASP F 99 33.32 23.45 -16.08
N GLY F 100 32.75 23.52 -14.87
CA GLY F 100 33.38 22.97 -13.68
C GLY F 100 34.33 23.93 -13.00
N ASN F 101 34.27 25.22 -13.39
CA ASN F 101 34.96 26.29 -12.68
C ASN F 101 34.14 26.63 -11.44
N VAL F 102 34.81 26.80 -10.29
CA VAL F 102 34.10 27.08 -9.06
C VAL F 102 33.83 28.58 -8.99
N LEU F 103 32.58 29.01 -9.21
CA LEU F 103 32.28 30.44 -9.30
C LEU F 103 32.38 31.15 -7.94
N GLU F 104 32.17 30.43 -6.83
CA GLU F 104 32.18 31.01 -5.49
C GLU F 104 32.36 29.90 -4.46
N MET F 105 32.56 30.35 -3.22
CA MET F 105 32.55 29.52 -2.03
C MET F 105 32.02 30.37 -0.87
N ALA F 106 30.74 30.18 -0.55
CA ALA F 106 30.02 31.01 0.41
C ALA F 106 30.77 31.10 1.74
N SER F 107 31.58 30.07 2.01
CA SER F 107 32.18 29.84 3.32
C SER F 107 33.61 30.34 3.34
N GLU F 108 34.29 30.36 2.18
CA GLU F 108 35.71 30.64 2.08
C GLU F 108 35.93 32.12 1.83
N PRO F 109 36.82 32.80 2.60
CA PRO F 109 37.15 34.20 2.33
C PRO F 109 38.04 34.29 1.10
N ALA F 110 37.41 34.60 -0.05
CA ALA F 110 38.07 34.65 -1.36
C ALA F 110 39.22 35.64 -1.33
N ALA F 111 39.58 36.08 -0.11
CA ALA F 111 40.84 36.76 0.20
C ALA F 111 41.97 35.73 0.27
N SER F 112 41.80 34.63 -0.48
CA SER F 112 42.81 33.61 -0.70
C SER F 112 42.43 32.83 -1.96
N GLY F 113 43.40 32.72 -2.89
CA GLY F 113 43.14 32.29 -4.25
C GLY F 113 42.77 30.81 -4.37
N MET F 114 41.64 30.44 -3.75
CA MET F 114 41.09 29.09 -3.85
C MET F 114 39.98 29.06 -4.88
N VAL F 115 39.20 30.16 -4.92
CA VAL F 115 38.14 30.34 -5.90
C VAL F 115 38.64 30.03 -7.32
N ASP F 116 39.89 30.42 -7.64
CA ASP F 116 40.44 30.39 -8.99
C ASP F 116 41.14 29.06 -9.31
N LYS F 117 41.67 28.41 -8.28
CA LYS F 117 42.58 27.30 -8.52
C LYS F 117 41.97 25.96 -8.14
N VAL F 118 40.63 25.85 -8.21
CA VAL F 118 39.98 24.54 -8.20
C VAL F 118 39.14 24.40 -9.46
N LYS F 119 39.39 23.34 -10.22
CA LYS F 119 38.45 22.95 -11.26
C LYS F 119 37.80 21.64 -10.85
N HIS F 120 36.61 21.40 -11.39
CA HIS F 120 35.83 20.24 -11.00
C HIS F 120 35.46 19.46 -12.25
N THR F 121 35.56 18.13 -12.18
CA THR F 121 35.39 17.32 -13.38
C THR F 121 34.06 17.66 -14.05
N ALA F 122 34.17 18.25 -15.24
CA ALA F 122 33.04 18.40 -16.14
C ALA F 122 33.49 18.02 -17.55
N TYR F 123 32.52 17.75 -18.43
CA TYR F 123 32.83 17.24 -19.75
C TYR F 123 32.25 18.19 -20.80
N PRO F 124 32.82 18.21 -22.02
CA PRO F 124 32.13 18.86 -23.14
C PRO F 124 30.79 18.18 -23.44
N THR F 125 29.74 19.00 -23.58
CA THR F 125 28.39 18.51 -23.82
C THR F 125 27.85 19.07 -25.13
N GLN F 126 27.00 18.28 -25.77
CA GLN F 126 26.38 18.70 -27.01
C GLN F 126 24.90 18.31 -26.97
N GLU F 127 24.01 19.23 -27.32
CA GLU F 127 22.59 18.89 -27.28
C GLU F 127 22.13 18.50 -28.68
N TRP F 128 21.76 17.23 -28.90
CA TRP F 128 21.36 16.83 -30.24
C TRP F 128 20.31 15.73 -30.26
N ALA F 129 19.37 15.84 -31.19
CA ALA F 129 18.45 14.77 -31.53
C ALA F 129 17.77 14.22 -30.28
N GLY F 130 17.46 15.13 -29.35
CA GLY F 130 16.66 14.80 -28.19
C GLY F 130 17.51 14.48 -26.97
N MET F 131 18.82 14.30 -27.17
CA MET F 131 19.68 13.86 -26.08
C MET F 131 20.73 14.90 -25.73
N VAL F 132 21.15 14.85 -24.45
CA VAL F 132 22.33 15.54 -23.96
C VAL F 132 23.50 14.58 -24.10
N TRP F 133 24.51 14.96 -24.90
CA TRP F 133 25.70 14.14 -25.14
C TRP F 133 26.87 14.74 -24.39
N ALA F 134 27.86 13.89 -24.14
CA ALA F 134 29.10 14.30 -23.52
C ALA F 134 30.25 13.52 -24.15
N TYR F 135 31.38 14.22 -24.31
CA TYR F 135 32.67 13.58 -24.58
C TYR F 135 33.32 13.24 -23.25
N MET F 136 33.62 11.95 -23.07
CA MET F 136 34.11 11.50 -21.78
C MET F 136 35.51 10.91 -21.92
N GLY F 137 36.15 11.17 -23.06
CA GLY F 137 37.53 10.75 -23.26
C GLY F 137 38.50 11.85 -22.85
N PRO F 138 39.82 11.68 -23.06
CA PRO F 138 40.79 12.73 -22.72
C PRO F 138 40.60 13.97 -23.59
N LYS F 139 40.57 15.15 -22.95
CA LYS F 139 40.07 16.38 -23.53
C LYS F 139 40.41 16.47 -25.01
N GLU F 140 41.67 16.22 -25.36
CA GLU F 140 42.18 16.67 -26.64
C GLU F 140 42.17 15.56 -27.69
N THR F 141 41.37 14.51 -27.44
CA THR F 141 41.06 13.57 -28.50
C THR F 141 39.62 13.78 -28.94
N MET F 142 39.01 14.89 -28.52
CA MET F 142 37.60 15.08 -28.77
C MET F 142 37.35 15.45 -30.24
N PRO F 143 36.58 14.62 -31.00
CA PRO F 143 36.24 14.97 -32.38
C PRO F 143 35.21 16.08 -32.38
N GLU F 144 35.05 16.68 -33.56
CA GLU F 144 33.94 17.58 -33.83
C GLU F 144 32.70 16.70 -33.89
N PHE F 145 31.58 17.25 -33.42
CA PHE F 145 30.39 16.47 -33.20
C PHE F 145 29.60 16.33 -34.51
N LEU F 146 29.92 15.32 -35.31
CA LEU F 146 29.16 15.10 -36.53
C LEU F 146 27.78 14.62 -36.11
N PRO F 147 26.71 15.11 -36.75
CA PRO F 147 25.45 14.37 -36.88
C PRO F 147 25.48 12.84 -36.96
N PRO F 148 24.82 12.14 -36.00
CA PRO F 148 24.67 10.68 -36.04
C PRO F 148 23.90 10.11 -37.24
N ALA F 149 23.99 8.79 -37.41
CA ALA F 149 23.45 8.10 -38.57
C ALA F 149 21.92 8.10 -38.53
N TRP F 150 21.34 8.36 -37.34
CA TRP F 150 19.93 8.18 -37.11
C TRP F 150 19.19 9.50 -36.85
N ALA F 151 19.91 10.63 -36.94
CA ALA F 151 19.28 11.94 -36.88
C ALA F 151 20.00 12.90 -37.82
N PRO F 152 19.61 12.95 -39.12
CA PRO F 152 20.23 13.87 -40.08
C PRO F 152 20.47 15.27 -39.54
N THR F 153 19.60 16.25 -39.85
CA THR F 153 19.63 17.54 -39.15
C THR F 153 18.28 17.80 -38.49
N ALA F 154 18.15 19.01 -37.93
CA ALA F 154 17.09 19.36 -36.99
C ALA F 154 15.76 19.59 -37.71
N ASP F 155 15.28 18.56 -38.41
CA ASP F 155 13.94 18.61 -38.96
C ASP F 155 13.41 17.18 -39.12
N THR F 156 14.28 16.19 -38.87
CA THR F 156 13.83 14.84 -38.62
C THR F 156 13.15 14.79 -37.25
N ARG F 157 12.04 14.07 -37.15
CA ARG F 157 11.40 13.92 -35.86
C ARG F 157 12.03 12.72 -35.14
N VAL F 158 12.66 12.99 -34.00
CA VAL F 158 13.33 11.93 -33.27
C VAL F 158 12.58 11.64 -31.97
N SER F 159 12.00 10.43 -31.92
CA SER F 159 11.19 10.02 -30.79
C SER F 159 11.90 8.90 -30.05
N ILE F 160 12.17 9.15 -28.76
CA ILE F 160 13.04 8.28 -27.96
C ILE F 160 12.23 7.64 -26.84
N ALA F 161 12.33 6.32 -26.73
CA ALA F 161 11.96 5.65 -25.50
C ALA F 161 13.23 5.26 -24.75
N LYS F 162 13.30 5.57 -23.45
CA LYS F 162 14.47 5.26 -22.65
C LYS F 162 14.09 4.31 -21.52
N VAL F 163 14.89 3.25 -21.35
CA VAL F 163 14.68 2.25 -20.31
C VAL F 163 16.03 1.97 -19.65
N LEU F 164 16.06 1.88 -18.32
CA LEU F 164 17.25 1.53 -17.56
C LEU F 164 17.18 0.04 -17.19
N LEU F 165 17.81 -0.79 -18.01
CA LEU F 165 17.86 -2.23 -17.79
C LEU F 165 19.04 -2.58 -16.88
N PRO F 166 18.83 -3.48 -15.88
CA PRO F 166 19.90 -3.89 -14.97
C PRO F 166 20.63 -5.08 -15.54
N CYS F 167 21.26 -4.89 -16.70
CA CYS F 167 22.24 -5.84 -17.21
C CYS F 167 23.29 -5.10 -18.02
N ASN F 168 24.38 -5.79 -18.35
CA ASN F 168 25.49 -5.22 -19.11
C ASN F 168 25.06 -5.03 -20.55
N TRP F 169 25.70 -4.05 -21.20
CA TRP F 169 25.28 -3.50 -22.49
C TRP F 169 25.47 -4.49 -23.65
N ALA F 170 26.45 -5.37 -23.52
CA ALA F 170 26.82 -6.23 -24.64
C ALA F 170 25.65 -7.11 -25.05
N GLN F 171 24.99 -7.75 -24.08
CA GLN F 171 23.98 -8.73 -24.42
C GLN F 171 22.73 -8.02 -24.94
N ILE F 172 22.58 -6.75 -24.58
CA ILE F 172 21.45 -5.95 -25.05
C ILE F 172 21.62 -5.64 -26.53
N LEU F 173 22.83 -5.23 -26.93
CA LEU F 173 23.10 -4.92 -28.32
C LEU F 173 23.03 -6.17 -29.18
N GLU F 174 23.54 -7.30 -28.67
CA GLU F 174 23.42 -8.59 -29.32
C GLU F 174 21.95 -8.84 -29.66
N GLY F 175 21.06 -8.39 -28.78
CA GLY F 175 19.63 -8.65 -28.95
C GLY F 175 19.04 -7.77 -30.03
N ALA F 176 19.87 -6.84 -30.55
CA ALA F 176 19.48 -5.86 -31.54
C ALA F 176 19.92 -6.29 -32.94
N ILE F 177 21.15 -6.79 -33.06
CA ILE F 177 21.68 -7.28 -34.32
C ILE F 177 21.26 -8.74 -34.49
N ASP F 178 19.97 -9.03 -34.25
CA ASP F 178 19.57 -10.42 -34.24
C ASP F 178 18.26 -10.59 -34.99
N SER F 179 18.37 -10.74 -36.32
CA SER F 179 17.22 -10.81 -37.20
C SER F 179 16.45 -12.11 -36.97
N ALA F 180 17.09 -13.11 -36.33
CA ALA F 180 16.49 -14.42 -36.17
C ALA F 180 15.33 -14.36 -35.16
N HIS F 181 15.42 -13.42 -34.21
CA HIS F 181 14.61 -13.44 -33.00
C HIS F 181 13.14 -13.08 -33.25
N SER F 182 12.88 -12.06 -34.10
CA SER F 182 11.53 -11.56 -34.31
C SER F 182 10.60 -12.69 -34.73
N SER F 183 11.18 -13.77 -35.25
CA SER F 183 10.37 -14.81 -35.85
C SER F 183 9.77 -15.69 -34.77
N SER F 184 10.49 -15.80 -33.64
CA SER F 184 10.04 -16.56 -32.48
C SER F 184 9.52 -15.65 -31.36
N LEU F 185 10.30 -14.63 -31.00
CA LEU F 185 9.93 -13.80 -29.86
C LEU F 185 8.81 -12.84 -30.26
N HIS F 186 9.00 -12.07 -31.33
CA HIS F 186 8.00 -11.07 -31.66
C HIS F 186 6.98 -11.62 -32.66
N SER F 187 6.51 -12.87 -32.44
CA SER F 187 5.54 -13.58 -33.27
C SER F 187 4.21 -12.83 -33.40
N SER F 188 3.68 -12.38 -32.26
CA SER F 188 2.38 -11.72 -32.23
C SER F 188 2.57 -10.20 -32.26
N ASP F 189 3.76 -9.75 -32.71
CA ASP F 189 4.10 -8.34 -32.90
C ASP F 189 4.93 -8.18 -34.19
N ARG F 207 5.91 -6.63 -42.79
CA ARG F 207 6.76 -7.80 -43.15
C ARG F 207 6.12 -8.59 -44.30
N PRO F 208 6.72 -8.61 -45.52
CA PRO F 208 6.32 -9.56 -46.57
C PRO F 208 7.07 -10.91 -46.57
N SER F 209 6.88 -11.69 -45.50
CA SER F 209 7.45 -13.03 -45.31
C SER F 209 7.05 -13.60 -43.94
N THR F 210 6.77 -14.92 -43.91
CA THR F 210 6.53 -15.66 -42.68
C THR F 210 7.57 -16.78 -42.56
N ASP F 211 8.71 -16.52 -43.22
CA ASP F 211 9.87 -17.38 -43.30
C ASP F 211 10.74 -17.11 -42.07
N LYS F 212 10.90 -18.12 -41.19
CA LYS F 212 11.49 -17.93 -39.88
C LYS F 212 13.02 -18.12 -39.90
N ALA F 213 13.52 -18.91 -40.86
CA ALA F 213 14.92 -19.32 -40.90
C ALA F 213 15.67 -18.59 -42.01
N PRO F 214 16.34 -17.43 -41.72
CA PRO F 214 16.99 -16.63 -42.75
C PRO F 214 18.49 -16.90 -42.93
N ARG F 215 18.95 -17.00 -44.19
CA ARG F 215 20.37 -17.08 -44.51
C ARG F 215 21.02 -15.73 -44.19
N MET F 216 22.17 -15.76 -43.52
CA MET F 216 22.81 -14.54 -43.05
C MET F 216 23.95 -14.16 -44.00
N GLN F 217 24.29 -12.87 -44.06
CA GLN F 217 25.42 -12.36 -44.82
C GLN F 217 25.96 -11.12 -44.11
N VAL F 218 27.28 -10.90 -44.19
CA VAL F 218 27.94 -9.79 -43.52
C VAL F 218 28.82 -8.98 -44.48
N GLN F 219 29.17 -7.76 -44.08
CA GLN F 219 30.14 -6.91 -44.75
C GLN F 219 30.76 -6.00 -43.68
N ARG F 220 32.03 -6.28 -43.35
CA ARG F 220 32.79 -5.44 -42.42
C ARG F 220 32.84 -4.02 -42.97
N THR F 221 33.03 -3.04 -42.07
CA THR F 221 33.46 -1.69 -42.43
C THR F 221 34.30 -1.09 -41.32
N GLY F 222 34.48 0.24 -41.38
CA GLY F 222 35.41 0.93 -40.51
C GLY F 222 34.75 1.48 -39.24
N TYR F 223 33.41 1.49 -39.25
CA TYR F 223 32.62 2.02 -38.14
C TYR F 223 31.87 0.88 -37.46
N GLY F 224 31.86 -0.29 -38.11
CA GLY F 224 31.09 -1.45 -37.66
C GLY F 224 30.92 -2.46 -38.80
N PHE F 225 29.71 -3.03 -38.91
CA PHE F 225 29.38 -3.89 -40.04
C PHE F 225 27.92 -3.69 -40.45
N ARG F 226 27.68 -3.75 -41.76
CA ARG F 226 26.35 -3.92 -42.31
C ARG F 226 26.16 -5.43 -42.48
N TYR F 227 24.90 -5.91 -42.43
CA TYR F 227 24.61 -7.31 -42.67
C TYR F 227 23.21 -7.49 -43.25
N ALA F 228 22.97 -8.62 -43.92
CA ALA F 228 21.64 -8.89 -44.44
C ALA F 228 21.09 -10.17 -43.81
N ALA F 229 19.76 -10.20 -43.68
CA ALA F 229 18.97 -11.41 -43.56
C ALA F 229 18.21 -11.59 -44.87
N LEU F 230 18.23 -12.81 -45.42
CA LEU F 230 17.64 -13.08 -46.72
C LEU F 230 16.54 -14.12 -46.58
N ARG F 231 15.29 -13.66 -46.76
CA ARG F 231 14.09 -14.44 -46.53
C ARG F 231 13.38 -14.67 -47.87
N ARG F 232 12.76 -15.84 -48.01
CA ARG F 232 11.96 -16.15 -49.20
C ARG F 232 10.59 -15.49 -49.06
N PRO F 233 10.27 -14.46 -49.88
CA PRO F 233 8.99 -13.74 -49.75
C PRO F 233 7.81 -14.68 -49.99
N LEU F 234 6.59 -14.20 -49.68
CA LEU F 234 5.41 -15.04 -49.78
C LEU F 234 5.09 -15.31 -51.26
N SER F 235 5.16 -14.28 -52.11
CA SER F 235 4.94 -14.45 -53.53
C SER F 235 6.24 -14.31 -54.32
N ASN F 236 6.46 -15.26 -55.25
CA ASN F 236 7.62 -15.35 -56.13
C ASN F 236 8.87 -15.76 -55.34
N ALA F 237 8.78 -16.91 -54.66
CA ALA F 237 9.86 -17.47 -53.86
C ALA F 237 11.05 -17.80 -54.76
N ALA F 238 10.75 -18.01 -56.05
CA ALA F 238 11.70 -18.42 -57.08
C ALA F 238 12.97 -17.56 -57.06
N GLU F 239 12.94 -16.42 -57.77
CA GLU F 239 14.16 -15.69 -58.09
C GLU F 239 14.26 -14.39 -57.28
N ASN F 240 13.66 -14.38 -56.08
CA ASN F 240 13.65 -13.17 -55.27
C ASN F 240 13.96 -13.46 -53.80
N ASP F 241 14.71 -12.54 -53.19
CA ASP F 241 15.03 -12.51 -51.77
C ASP F 241 14.40 -11.27 -51.13
N TYR F 242 13.88 -11.42 -49.91
CA TYR F 242 13.47 -10.28 -49.09
C TYR F 242 14.62 -9.94 -48.14
N VAL F 243 15.30 -8.82 -48.44
CA VAL F 243 16.51 -8.42 -47.75
C VAL F 243 16.14 -7.53 -46.55
N ARG F 244 16.51 -7.98 -45.34
CA ARG F 244 16.35 -7.19 -44.13
C ARG F 244 17.73 -6.85 -43.57
N SER F 245 18.13 -5.59 -43.69
CA SER F 245 19.52 -5.24 -43.43
C SER F 245 19.66 -4.36 -42.19
N THR F 246 20.46 -4.82 -41.23
CA THR F 246 20.75 -4.11 -39.99
C THR F 246 22.19 -3.59 -40.03
N VAL F 247 22.42 -2.38 -39.54
CA VAL F 247 23.79 -1.89 -39.51
C VAL F 247 24.21 -1.78 -38.05
N PHE F 248 25.31 -2.47 -37.69
CA PHE F 248 26.00 -2.23 -36.44
C PHE F 248 27.00 -1.09 -36.61
N VAL F 249 26.71 0.06 -36.00
CA VAL F 249 27.71 1.07 -35.77
C VAL F 249 28.39 0.75 -34.46
N ALA F 250 29.70 0.60 -34.46
CA ALA F 250 30.37 0.38 -33.19
C ALA F 250 30.43 1.71 -32.46
N PRO F 251 30.39 1.70 -31.10
CA PRO F 251 30.38 0.46 -30.32
C PRO F 251 29.04 -0.21 -29.98
N ALA F 252 27.99 0.59 -29.76
CA ALA F 252 26.73 0.01 -29.28
C ALA F 252 25.51 0.66 -29.92
N THR F 253 25.54 0.85 -31.25
CA THR F 253 24.41 1.37 -31.99
C THR F 253 23.89 0.30 -32.95
N ALA F 254 22.56 0.20 -33.04
CA ALA F 254 21.98 -0.68 -34.03
C ALA F 254 20.89 0.08 -34.78
N LEU F 255 21.13 0.20 -36.09
CA LEU F 255 20.15 0.69 -37.04
C LEU F 255 19.34 -0.49 -37.53
N ILE F 256 18.03 -0.44 -37.24
CA ILE F 256 17.11 -1.55 -37.47
C ILE F 256 16.35 -1.33 -38.76
N PRO F 257 16.09 -2.39 -39.54
CA PRO F 257 15.31 -2.30 -40.76
C PRO F 257 14.05 -1.46 -40.58
N PRO F 258 13.96 -0.25 -41.20
CA PRO F 258 12.76 0.57 -41.13
C PRO F 258 11.48 -0.12 -41.63
N ASN F 259 10.32 0.47 -41.28
CA ASN F 259 9.00 0.15 -41.83
C ASN F 259 8.65 1.16 -42.92
N ASN F 260 7.36 1.27 -43.28
CA ASN F 260 6.95 2.07 -44.42
C ASN F 260 7.14 3.56 -44.15
N LEU F 261 7.10 3.97 -42.89
CA LEU F 261 6.85 5.37 -42.61
C LEU F 261 8.04 6.02 -41.90
N TYR F 262 8.73 5.24 -41.05
CA TYR F 262 9.85 5.73 -40.27
C TYR F 262 10.97 4.69 -40.14
N ASN F 263 12.17 5.16 -39.77
CA ASN F 263 13.26 4.25 -39.42
C ASN F 263 13.35 4.10 -37.90
N VAL F 264 14.06 3.06 -37.49
CA VAL F 264 14.14 2.61 -36.11
C VAL F 264 15.62 2.45 -35.75
N ALA F 265 16.05 3.12 -34.70
CA ALA F 265 17.42 3.04 -34.28
C ALA F 265 17.48 2.57 -32.82
N ASN F 266 18.66 2.08 -32.42
CA ASN F 266 18.90 1.71 -31.04
C ASN F 266 20.30 2.21 -30.67
N ILE F 267 20.44 2.92 -29.54
CA ILE F 267 21.77 3.16 -28.99
C ILE F 267 21.82 2.72 -27.52
N ASN F 268 22.95 2.11 -27.10
CA ASN F 268 23.11 1.56 -25.77
C ASN F 268 24.34 2.16 -25.08
N VAL F 269 24.12 2.62 -23.83
CA VAL F 269 25.14 3.32 -23.05
C VAL F 269 25.32 2.55 -21.74
N PRO F 270 26.48 1.90 -21.49
CA PRO F 270 26.67 1.17 -20.24
C PRO F 270 26.77 2.17 -19.10
N MET F 271 25.82 2.11 -18.17
CA MET F 271 25.92 2.89 -16.97
C MET F 271 27.10 2.35 -16.15
N ASP F 272 27.38 1.05 -16.34
CA ASP F 272 28.47 0.34 -15.69
C ASP F 272 28.47 -1.12 -16.14
N ASP F 273 29.08 -1.99 -15.33
CA ASP F 273 29.37 -3.35 -15.73
C ASP F 273 28.13 -4.24 -15.81
N THR F 274 27.00 -3.77 -15.26
CA THR F 274 25.81 -4.60 -15.14
C THR F 274 24.54 -3.77 -15.32
N ASN F 275 24.69 -2.51 -15.76
CA ASN F 275 23.56 -1.63 -15.97
C ASN F 275 23.81 -0.76 -17.20
N THR F 276 22.72 -0.55 -17.93
CA THR F 276 22.77 0.00 -19.28
C THR F 276 21.57 0.93 -19.46
N ALA F 277 21.83 2.14 -19.95
CA ALA F 277 20.79 2.98 -20.53
C ALA F 277 20.53 2.51 -21.95
N PHE F 278 19.24 2.37 -22.26
CA PHE F 278 18.74 1.74 -23.47
C PHE F 278 17.82 2.71 -24.18
N TYR F 279 18.32 3.31 -25.26
CA TYR F 279 17.54 4.22 -26.07
C TYR F 279 17.06 3.51 -27.34
N PHE F 280 15.74 3.53 -27.54
CA PHE F 280 15.10 2.90 -28.69
C PHE F 280 14.31 3.99 -29.40
N ILE F 281 14.66 4.24 -30.67
CA ILE F 281 14.36 5.52 -31.29
C ILE F 281 13.57 5.32 -32.58
N ALA F 282 12.50 6.11 -32.73
CA ALA F 282 11.80 6.26 -34.00
C ALA F 282 12.13 7.63 -34.59
N TRP F 283 12.46 7.63 -35.89
CA TRP F 283 12.94 8.82 -36.56
C TRP F 283 12.56 8.80 -38.04
N GLY F 284 12.08 9.95 -38.53
CA GLY F 284 11.68 10.13 -39.92
C GLY F 284 11.08 11.51 -40.19
N HIS F 285 10.25 11.60 -41.25
CA HIS F 285 9.55 12.84 -41.51
C HIS F 285 8.59 13.13 -40.35
N PRO F 286 8.66 14.35 -39.78
CA PRO F 286 7.74 14.81 -38.73
C PRO F 286 6.29 14.37 -38.91
N SER F 287 5.92 13.98 -40.12
CA SER F 287 4.52 13.70 -40.41
C SER F 287 4.31 12.21 -40.58
N GLN F 288 5.40 11.44 -40.59
CA GLN F 288 5.25 9.99 -40.68
C GLN F 288 5.77 9.31 -39.41
N THR F 289 6.60 10.02 -38.66
CA THR F 289 7.15 9.49 -37.42
C THR F 289 6.19 9.75 -36.27
N PRO F 290 5.90 8.72 -35.44
CA PRO F 290 5.10 8.89 -34.23
C PRO F 290 5.78 9.80 -33.19
N GLU F 291 4.93 10.48 -32.40
CA GLU F 291 5.35 11.42 -31.38
C GLU F 291 5.85 10.67 -30.16
N THR F 292 6.77 11.30 -29.40
CA THR F 292 7.40 10.64 -28.26
C THR F 292 6.39 9.77 -27.53
N GLU F 293 5.32 10.39 -27.03
CA GLU F 293 4.39 9.72 -26.14
C GLU F 293 3.71 8.53 -26.82
N THR F 294 3.38 8.70 -28.10
CA THR F 294 2.69 7.69 -28.89
C THR F 294 3.60 6.49 -29.10
N TRP F 295 4.90 6.76 -29.28
CA TRP F 295 5.91 5.73 -29.44
C TRP F 295 5.96 4.88 -28.16
N ARG F 296 6.03 5.55 -26.99
CA ARG F 296 6.26 4.85 -25.74
C ARG F 296 5.03 3.99 -25.42
N LYS F 297 3.85 4.53 -25.77
CA LYS F 297 2.62 3.81 -25.57
C LYS F 297 2.62 2.57 -26.47
N PHE F 298 3.05 2.74 -27.73
CA PHE F 298 3.18 1.61 -28.65
C PHE F 298 4.10 0.55 -28.05
N LEU F 299 5.22 1.00 -27.47
CA LEU F 299 6.25 0.08 -27.00
C LEU F 299 5.94 -0.44 -25.60
N ARG F 300 4.91 0.11 -24.95
CA ARG F 300 4.68 0.00 -23.51
C ARG F 300 5.96 0.29 -22.75
N GLN F 301 6.39 1.56 -22.79
CA GLN F 301 7.46 2.04 -21.96
C GLN F 301 7.18 3.48 -21.58
N THR F 302 5.91 3.75 -21.18
CA THR F 302 5.49 5.08 -20.76
C THR F 302 5.77 5.29 -19.27
N VAL F 303 6.58 6.30 -18.97
CA VAL F 303 6.89 6.67 -17.59
C VAL F 303 5.57 6.85 -16.84
N GLY F 304 5.40 6.13 -15.73
CA GLY F 304 4.24 6.30 -14.88
C GLY F 304 3.27 5.12 -14.92
N VAL F 305 3.37 4.34 -16.01
CA VAL F 305 2.56 3.16 -16.12
C VAL F 305 3.42 1.94 -16.39
N ASP F 306 4.43 2.05 -17.28
CA ASP F 306 5.31 0.93 -17.53
C ASP F 306 6.62 1.11 -16.79
N LEU F 307 7.01 2.37 -16.52
CA LEU F 307 8.27 2.67 -15.86
C LEU F 307 8.05 3.58 -14.66
N ASP F 308 9.07 3.66 -13.80
CA ASP F 308 9.06 4.59 -12.68
C ASP F 308 9.55 5.94 -13.17
N GLN F 309 9.55 6.92 -12.25
CA GLN F 309 10.04 8.27 -12.48
C GLN F 309 11.45 8.27 -13.06
N ASN F 310 12.19 7.15 -13.00
CA ASN F 310 13.61 7.13 -13.35
C ASN F 310 13.88 6.25 -14.56
N TYR F 311 12.82 5.94 -15.32
CA TYR F 311 12.90 5.10 -16.50
C TYR F 311 13.34 3.68 -16.13
N ARG F 312 13.26 3.33 -14.85
CA ARG F 312 13.44 1.94 -14.45
C ARG F 312 12.13 1.17 -14.71
N PRO F 313 12.19 -0.07 -15.25
CA PRO F 313 10.97 -0.78 -15.64
C PRO F 313 10.20 -1.42 -14.47
N LEU F 314 8.87 -1.55 -14.57
CA LEU F 314 8.18 -2.13 -13.44
C LEU F 314 7.93 -3.61 -13.68
N ARG F 315 7.95 -4.03 -14.95
CA ARG F 315 8.13 -5.45 -15.25
C ARG F 315 9.48 -5.85 -14.66
N ASN F 316 9.58 -7.10 -14.20
CA ASN F 316 10.83 -7.58 -13.65
C ASN F 316 10.74 -9.08 -13.36
N GLU F 317 11.84 -9.60 -12.80
CA GLU F 317 12.02 -11.01 -12.54
C GLU F 317 11.00 -11.43 -11.49
N ALA F 318 10.97 -10.70 -10.37
CA ALA F 318 9.99 -10.96 -9.33
C ALA F 318 8.61 -11.22 -9.93
N ASN F 319 8.12 -10.31 -10.79
CA ASN F 319 6.74 -10.37 -11.25
C ASN F 319 6.64 -11.02 -12.61
N LYS F 320 7.65 -11.84 -12.96
CA LYS F 320 7.69 -12.55 -14.23
C LYS F 320 7.31 -11.64 -15.41
N PHE F 321 7.75 -10.38 -15.35
CA PHE F 321 7.54 -9.34 -16.36
C PHE F 321 6.07 -9.22 -16.75
N TRP F 322 5.18 -9.58 -15.81
CA TRP F 322 3.75 -9.57 -16.05
C TRP F 322 3.40 -10.50 -17.20
N GLN F 323 4.06 -11.66 -17.29
CA GLN F 323 3.65 -12.68 -18.26
C GLN F 323 2.24 -13.18 -17.95
N ASP F 324 1.39 -13.16 -18.96
CA ASP F 324 0.03 -13.60 -18.72
C ASP F 324 -0.14 -14.99 -19.33
N ARG F 325 -0.12 -15.99 -18.45
CA ARG F 325 -0.15 -17.38 -18.85
C ARG F 325 -1.45 -17.71 -19.59
N ASN F 326 -2.51 -16.96 -19.28
CA ASN F 326 -3.82 -17.19 -19.87
C ASN F 326 -3.82 -16.69 -21.30
N ALA F 327 -3.32 -15.46 -21.50
CA ALA F 327 -3.16 -14.87 -22.82
C ALA F 327 -2.33 -15.78 -23.71
N MET F 328 -1.39 -16.49 -23.08
CA MET F 328 -0.44 -17.34 -23.77
C MET F 328 -1.14 -18.61 -24.21
N LYS F 329 -2.02 -19.12 -23.35
CA LYS F 329 -2.88 -20.22 -23.73
C LYS F 329 -3.85 -19.74 -24.82
N ALA F 330 -4.11 -18.42 -24.86
CA ALA F 330 -5.09 -17.86 -25.80
C ALA F 330 -4.49 -17.78 -27.20
N GLY F 331 -3.15 -17.84 -27.28
CA GLY F 331 -2.49 -17.82 -28.56
C GLY F 331 -1.44 -16.71 -28.63
N ASN F 332 -1.52 -15.70 -27.75
CA ASN F 332 -0.44 -14.73 -27.67
C ASN F 332 0.84 -15.54 -27.41
N PHE F 333 1.90 -15.26 -28.18
CA PHE F 333 3.11 -16.08 -28.11
C PHE F 333 3.80 -15.91 -26.77
N THR F 334 4.21 -14.67 -26.45
CA THR F 334 5.11 -14.40 -25.34
C THR F 334 4.35 -14.20 -24.04
N GLY F 335 3.14 -13.67 -24.18
CA GLY F 335 2.33 -13.40 -23.00
C GLY F 335 2.90 -12.22 -22.23
N ILE F 336 3.75 -11.44 -22.88
CA ILE F 336 4.24 -10.19 -22.34
C ILE F 336 3.81 -9.07 -23.27
N THR F 337 3.63 -7.85 -22.75
CA THR F 337 3.02 -6.83 -23.57
C THR F 337 4.04 -5.76 -23.93
N GLY F 338 4.23 -5.56 -25.24
CA GLY F 338 5.02 -4.47 -25.78
C GLY F 338 6.43 -4.93 -26.14
N PHE F 339 6.77 -4.86 -27.43
CA PHE F 339 7.74 -5.79 -27.97
C PHE F 339 9.12 -5.69 -27.29
N PRO F 340 9.66 -4.49 -26.95
CA PRO F 340 10.94 -4.43 -26.24
C PRO F 340 10.90 -5.17 -24.90
N ASN F 341 9.70 -5.35 -24.33
CA ASN F 341 9.56 -6.00 -23.03
C ASN F 341 9.86 -7.48 -23.16
N GLN F 342 9.42 -8.07 -24.29
CA GLN F 342 9.72 -9.44 -24.62
C GLN F 342 11.24 -9.62 -24.70
N ASP F 343 11.91 -8.67 -25.36
CA ASP F 343 13.36 -8.66 -25.42
C ASP F 343 13.91 -8.62 -24.00
N VAL F 344 13.61 -7.54 -23.27
CA VAL F 344 14.07 -7.34 -21.89
C VAL F 344 13.95 -8.66 -21.13
N ALA F 345 12.78 -9.30 -21.25
CA ALA F 345 12.48 -10.53 -20.52
C ALA F 345 13.56 -11.58 -20.74
N MET F 346 14.06 -11.66 -21.98
CA MET F 346 15.10 -12.62 -22.29
C MET F 346 16.46 -12.11 -21.86
N TRP F 347 16.72 -10.81 -22.03
CA TRP F 347 18.09 -10.34 -21.81
C TRP F 347 18.41 -10.39 -20.33
N LEU F 348 17.40 -10.17 -19.48
CA LEU F 348 17.69 -10.01 -18.06
C LEU F 348 17.87 -11.38 -17.43
N THR F 349 17.12 -12.37 -17.93
CA THR F 349 17.18 -13.71 -17.37
C THR F 349 18.49 -14.39 -17.76
N MET F 350 19.29 -13.74 -18.61
CA MET F 350 20.59 -14.31 -18.94
C MET F 350 21.58 -13.96 -17.85
N GLY F 351 21.11 -13.16 -16.88
CA GLY F 351 21.95 -12.73 -15.78
C GLY F 351 22.75 -11.48 -16.11
N PRO F 352 23.31 -10.80 -15.09
CA PRO F 352 23.84 -9.44 -15.25
C PRO F 352 24.94 -9.29 -16.30
N ILE F 353 25.81 -10.28 -16.38
CA ILE F 353 26.71 -10.33 -17.52
C ILE F 353 26.59 -11.73 -18.08
N ALA F 354 25.89 -11.86 -19.23
CA ALA F 354 25.66 -13.17 -19.82
C ALA F 354 26.99 -13.87 -20.06
N ASP F 355 27.04 -15.16 -19.73
CA ASP F 355 28.27 -15.94 -19.81
C ASP F 355 28.28 -16.61 -21.18
N ARG F 356 28.91 -15.89 -22.12
CA ARG F 356 29.00 -16.31 -23.51
C ARG F 356 29.85 -17.57 -23.62
N THR F 357 30.51 -17.96 -22.51
CA THR F 357 31.33 -19.16 -22.40
C THR F 357 30.48 -20.42 -22.53
N HIS F 358 29.20 -20.31 -22.16
CA HIS F 358 28.31 -21.46 -22.20
C HIS F 358 27.43 -21.38 -23.44
N ASP F 359 27.65 -20.38 -24.29
CA ASP F 359 26.83 -20.18 -25.47
C ASP F 359 26.97 -21.35 -26.44
N ARG F 360 25.91 -21.56 -27.25
CA ARG F 360 25.78 -22.71 -28.10
C ARG F 360 25.11 -22.30 -29.41
N LEU F 361 25.84 -21.52 -30.24
CA LEU F 361 25.28 -20.72 -31.32
C LEU F 361 25.19 -21.53 -32.61
N GLY F 362 24.74 -20.88 -33.70
CA GLY F 362 24.53 -21.53 -34.98
C GLY F 362 24.61 -20.55 -36.16
N ALA F 363 24.04 -20.96 -37.31
CA ALA F 363 24.11 -20.19 -38.55
C ALA F 363 23.31 -18.89 -38.42
N SER F 364 22.29 -18.88 -37.54
CA SER F 364 21.40 -17.75 -37.33
C SER F 364 22.00 -16.77 -36.33
N ASP F 365 23.25 -17.03 -35.93
CA ASP F 365 23.92 -16.22 -34.92
C ASP F 365 25.06 -15.42 -35.54
N LEU F 366 25.23 -15.53 -36.86
CA LEU F 366 26.37 -14.95 -37.57
C LEU F 366 26.54 -13.47 -37.25
N ALA F 367 25.41 -12.78 -37.06
CA ALA F 367 25.40 -11.38 -36.67
C ALA F 367 26.24 -11.22 -35.41
N ILE F 368 25.84 -11.98 -34.39
CA ILE F 368 26.42 -11.90 -33.06
C ILE F 368 27.89 -12.32 -33.12
N VAL F 369 28.16 -13.37 -33.92
CA VAL F 369 29.52 -13.85 -34.09
C VAL F 369 30.38 -12.71 -34.63
N GLU F 370 29.87 -12.02 -35.66
CA GLU F 370 30.63 -10.91 -36.20
C GLU F 370 30.78 -9.82 -35.14
N PHE F 371 29.66 -9.44 -34.50
CA PHE F 371 29.77 -8.46 -33.43
C PHE F 371 30.89 -8.84 -32.45
N ARG F 372 30.97 -10.13 -32.11
CA ARG F 372 31.92 -10.59 -31.11
C ARG F 372 33.35 -10.46 -31.62
N LYS F 373 33.59 -11.02 -32.82
CA LYS F 373 34.91 -11.04 -33.45
C LYS F 373 35.47 -9.61 -33.50
N GLN F 374 34.60 -8.68 -33.90
CA GLN F 374 34.95 -7.33 -34.32
C GLN F 374 35.38 -6.51 -33.12
N MET F 375 34.54 -6.57 -32.07
CA MET F 375 34.71 -5.71 -30.91
C MET F 375 35.92 -6.20 -30.11
N LEU F 376 36.11 -7.52 -30.13
CA LEU F 376 37.26 -8.14 -29.51
C LEU F 376 38.53 -7.75 -30.27
N ASP F 377 38.42 -7.61 -31.58
CA ASP F 377 39.56 -7.19 -32.37
C ASP F 377 39.85 -5.72 -32.07
N ALA F 378 38.83 -4.88 -32.25
CA ALA F 378 38.95 -3.44 -32.10
C ALA F 378 39.42 -3.07 -30.69
N VAL F 379 39.07 -3.87 -29.67
CA VAL F 379 39.51 -3.51 -28.33
C VAL F 379 41.01 -3.81 -28.16
N LYS F 380 41.41 -5.06 -28.43
CA LYS F 380 42.79 -5.54 -28.38
C LYS F 380 43.73 -4.57 -29.12
N ALA F 381 43.29 -4.12 -30.30
CA ALA F 381 43.99 -3.14 -31.12
C ALA F 381 44.13 -1.81 -30.39
N PHE F 382 42.98 -1.26 -29.91
CA PHE F 382 42.92 0.05 -29.28
C PHE F 382 43.77 0.06 -28.02
N GLU F 383 43.66 -1.05 -27.28
CA GLU F 383 44.41 -1.33 -26.08
C GLU F 383 45.90 -1.46 -26.44
N GLN F 384 46.30 -0.88 -27.60
CA GLN F 384 47.67 -0.98 -28.09
C GLN F 384 48.11 0.25 -28.88
N GLY F 385 47.33 1.34 -28.83
CA GLY F 385 47.71 2.60 -29.46
C GLY F 385 47.10 2.81 -30.84
N ALA F 386 46.15 1.94 -31.21
CA ALA F 386 45.45 1.97 -32.49
C ALA F 386 44.13 2.74 -32.35
N PRO F 387 43.71 3.57 -33.35
CA PRO F 387 42.47 4.33 -33.26
C PRO F 387 41.27 3.42 -32.97
N ALA F 388 40.44 3.84 -32.01
CA ALA F 388 39.26 3.09 -31.59
C ALA F 388 38.27 3.05 -32.74
N ILE F 389 37.89 1.82 -33.14
CA ILE F 389 36.96 1.57 -34.24
C ILE F 389 35.93 2.69 -34.39
N GLY F 390 35.92 3.35 -35.56
CA GLY F 390 34.83 4.22 -35.96
C GLY F 390 35.15 5.72 -35.88
N THR F 391 36.36 6.07 -35.45
CA THR F 391 36.73 7.47 -35.22
C THR F 391 37.60 7.98 -36.37
N GLY F 392 37.71 9.32 -36.45
CA GLY F 392 38.55 10.01 -37.41
C GLY F 392 37.93 10.00 -38.80
N VAL F 393 38.70 9.49 -39.77
CA VAL F 393 38.37 9.47 -41.19
C VAL F 393 37.27 8.42 -41.45
N GLU F 394 36.94 7.61 -40.42
CA GLU F 394 36.23 6.36 -40.56
C GLU F 394 34.77 6.45 -40.12
N ALA F 395 34.37 7.62 -39.61
CA ALA F 395 33.07 7.87 -38.98
C ALA F 395 31.92 7.29 -39.78
N ALA F 396 30.93 6.71 -39.08
CA ALA F 396 29.61 6.45 -39.65
C ALA F 396 28.97 7.79 -39.96
N THR F 397 27.92 7.79 -40.80
CA THR F 397 27.24 9.02 -41.18
C THR F 397 25.83 8.73 -41.71
N PRO F 398 24.99 9.77 -41.94
CA PRO F 398 23.65 9.58 -42.52
C PRO F 398 23.51 8.85 -43.86
N THR F 399 24.58 8.68 -44.64
CA THR F 399 24.47 7.92 -45.89
C THR F 399 24.63 6.42 -45.62
N VAL F 400 24.83 6.07 -44.35
CA VAL F 400 24.90 4.70 -43.87
C VAL F 400 23.58 4.42 -43.15
N CYS F 401 22.82 3.42 -43.62
CA CYS F 401 21.47 3.18 -43.10
C CYS F 401 21.00 1.75 -43.38
N SER F 402 19.98 1.33 -42.60
CA SER F 402 19.29 0.06 -42.80
C SER F 402 18.21 0.22 -43.86
N PHE F 403 17.64 -0.89 -44.31
CA PHE F 403 16.60 -0.91 -45.34
C PHE F 403 15.91 -2.26 -45.35
N GLN F 404 14.74 -2.32 -46.01
CA GLN F 404 14.04 -3.56 -46.28
C GLN F 404 13.36 -3.47 -47.64
N ALA F 405 13.68 -4.43 -48.52
CA ALA F 405 13.14 -4.47 -49.87
C ALA F 405 13.12 -5.90 -50.40
N ILE F 406 12.09 -6.21 -51.20
CA ILE F 406 12.14 -7.31 -52.14
C ILE F 406 13.23 -6.96 -53.14
N VAL F 407 14.31 -7.76 -53.14
CA VAL F 407 15.51 -7.51 -53.94
C VAL F 407 15.72 -8.70 -54.88
N PRO F 408 16.00 -8.45 -56.19
CA PRO F 408 16.26 -9.53 -57.15
C PRO F 408 17.41 -10.42 -56.68
N LYS F 409 17.34 -11.72 -57.00
CA LYS F 409 18.33 -12.70 -56.56
C LYS F 409 19.68 -12.54 -57.26
N THR F 410 19.71 -11.72 -58.32
CA THR F 410 20.93 -11.52 -59.10
C THR F 410 21.40 -10.06 -59.01
N THR F 411 20.87 -9.32 -58.03
CA THR F 411 21.48 -8.10 -57.51
C THR F 411 22.04 -8.40 -56.12
N ASP F 412 23.37 -8.24 -55.98
CA ASP F 412 24.03 -8.37 -54.69
C ASP F 412 23.55 -7.21 -53.81
N TRP F 413 23.18 -7.52 -52.56
CA TRP F 413 22.50 -6.57 -51.70
C TRP F 413 23.46 -5.50 -51.16
N ARG F 414 24.77 -5.75 -51.21
CA ARG F 414 25.78 -4.77 -50.84
C ARG F 414 25.77 -3.65 -51.87
N THR F 415 25.28 -3.96 -53.08
CA THR F 415 25.21 -3.06 -54.21
C THR F 415 24.02 -2.11 -54.06
N TYR F 416 22.92 -2.65 -53.50
CA TYR F 416 21.62 -1.99 -53.38
C TYR F 416 21.79 -0.55 -52.90
N ASP F 417 21.22 0.39 -53.68
CA ASP F 417 21.24 1.79 -53.34
C ASP F 417 20.03 2.12 -52.47
N ALA F 418 20.27 2.23 -51.15
CA ALA F 418 19.20 2.40 -50.16
C ALA F 418 19.50 3.57 -49.23
N HIS F 419 18.47 4.42 -49.05
CA HIS F 419 18.50 5.63 -48.23
C HIS F 419 17.37 5.54 -47.21
N TYR F 420 17.31 6.52 -46.30
CA TYR F 420 16.48 6.35 -45.12
C TYR F 420 15.03 6.76 -45.40
N VAL F 421 14.10 5.87 -45.01
CA VAL F 421 12.67 6.07 -45.20
C VAL F 421 12.30 7.50 -44.77
N TRP F 422 11.63 8.22 -45.67
CA TRP F 422 11.32 9.64 -45.49
C TRP F 422 9.94 9.97 -46.04
N LEU F 423 9.84 10.19 -47.36
CA LEU F 423 8.61 10.58 -48.05
C LEU F 423 8.52 9.86 -49.40
#